data_1WQ6
# 
_entry.id   1WQ6 
# 
_audit_conform.dict_name       mmcif_pdbx.dic 
_audit_conform.dict_version    5.397 
_audit_conform.dict_location   http://mmcif.pdb.org/dictionaries/ascii/mmcif_pdbx.dic 
# 
loop_
_database_2.database_id 
_database_2.database_code 
_database_2.pdbx_database_accession 
_database_2.pdbx_DOI 
PDB   1WQ6         pdb_00001wq6 10.2210/pdb1wq6/pdb 
RCSB  RCSB023873   ?            ?                   
WWPDB D_1000023873 ?            ?                   
# 
loop_
_pdbx_audit_revision_history.ordinal 
_pdbx_audit_revision_history.data_content_type 
_pdbx_audit_revision_history.major_revision 
_pdbx_audit_revision_history.minor_revision 
_pdbx_audit_revision_history.revision_date 
1 'Structure model' 1 0 2005-10-04 
2 'Structure model' 1 1 2008-04-30 
3 'Structure model' 1 2 2011-07-13 
4 'Structure model' 1 3 2022-04-13 
5 'Structure model' 1 4 2024-10-23 
# 
_pdbx_audit_revision_details.ordinal             1 
_pdbx_audit_revision_details.revision_ordinal    1 
_pdbx_audit_revision_details.data_content_type   'Structure model' 
_pdbx_audit_revision_details.provider            repository 
_pdbx_audit_revision_details.type                'Initial release' 
_pdbx_audit_revision_details.description         ? 
_pdbx_audit_revision_details.details             ? 
# 
loop_
_pdbx_audit_revision_group.ordinal 
_pdbx_audit_revision_group.revision_ordinal 
_pdbx_audit_revision_group.data_content_type 
_pdbx_audit_revision_group.group 
1 2 'Structure model' 'Version format compliance' 
2 3 'Structure model' 'Derived calculations'      
3 3 'Structure model' 'Version format compliance' 
4 4 'Structure model' 'Database references'       
5 4 'Structure model' 'Derived calculations'      
6 4 'Structure model' 'Structure summary'         
7 5 'Structure model' 'Data collection'           
8 5 'Structure model' 'Structure summary'         
# 
loop_
_pdbx_audit_revision_category.ordinal 
_pdbx_audit_revision_category.revision_ordinal 
_pdbx_audit_revision_category.data_content_type 
_pdbx_audit_revision_category.category 
1 4 'Structure model' audit_author              
2 4 'Structure model' citation_author           
3 4 'Structure model' database_2                
4 4 'Structure model' struct_conn               
5 4 'Structure model' struct_ref_seq_dif        
6 5 'Structure model' chem_comp_atom            
7 5 'Structure model' chem_comp_bond            
8 5 'Structure model' pdbx_entry_details        
9 5 'Structure model' pdbx_modification_feature 
# 
loop_
_pdbx_audit_revision_item.ordinal 
_pdbx_audit_revision_item.revision_ordinal 
_pdbx_audit_revision_item.data_content_type 
_pdbx_audit_revision_item.item 
1 4 'Structure model' '_audit_author.identifier_ORCID'      
2 4 'Structure model' '_citation_author.identifier_ORCID'   
3 4 'Structure model' '_database_2.pdbx_DOI'                
4 4 'Structure model' '_database_2.pdbx_database_accession' 
5 4 'Structure model' '_struct_conn.pdbx_leaving_atom_flag' 
6 4 'Structure model' '_struct_ref_seq_dif.details'         
# 
_pdbx_database_status.status_code                     REL 
_pdbx_database_status.entry_id                        1WQ6 
_pdbx_database_status.recvd_initial_deposition_date   2004-09-23 
_pdbx_database_status.deposit_site                    PDBJ 
_pdbx_database_status.process_site                    PDBJ 
_pdbx_database_status.status_code_sf                  REL 
_pdbx_database_status.status_code_mr                  ? 
_pdbx_database_status.SG_entry                        ? 
_pdbx_database_status.pdb_format_compatible           Y 
_pdbx_database_status.status_code_cs                  ? 
_pdbx_database_status.status_code_nmr_data            ? 
_pdbx_database_status.methods_development_category    ? 
# 
loop_
_audit_author.name 
_audit_author.pdbx_ordinal 
_audit_author.identifier_ORCID 
'Liu, Y.'          1  ?                   
'Cheney, M.D.'     2  ?                   
'Chruszcz, M.'     3  ?                   
'Lukasik, S.M.'    4  ?                   
'Hartman, K.L.'    5  ?                   
'Laue, T.M.'       6  ?                   
'Dauter, Z.'       7  ?                   
'Minor, W.'        8  0000-0001-7075-7090 
'Speck, N.A.'      9  ?                   
'Bushweller, J.H.' 10 ?                   
# 
_citation.id                        primary 
_citation.title                     
;The tetramer structure of the Nervy homology two domain, NHR2, is critical for AML1/ETO's activity
;
_citation.journal_abbrev            'Cancer Cell' 
_citation.journal_volume            9 
_citation.page_first                249 
_citation.page_last                 260 
_citation.year                      2006 
_citation.journal_id_ASTM           ? 
_citation.country                   US 
_citation.journal_id_ISSN           1535-6108 
_citation.journal_id_CSD            ? 
_citation.book_publisher            ? 
_citation.pdbx_database_id_PubMed   16616331 
_citation.pdbx_database_id_DOI      10.1016/j.ccr.2006.03.012 
# 
loop_
_citation_author.citation_id 
_citation_author.name 
_citation_author.ordinal 
_citation_author.identifier_ORCID 
primary 'Liu, Y.'          1  ?                   
primary 'Cheney, M.D.'     2  ?                   
primary 'Gaudet, J.J.'     3  ?                   
primary 'Chruszcz, M.'     4  ?                   
primary 'Lukasik, S.M.'    5  ?                   
primary 'Sugiyama, D.'     6  ?                   
primary 'Lary, J.'         7  ?                   
primary 'Cole, J.'         8  ?                   
primary 'Dauter, Z.'       9  ?                   
primary 'Minor, W.'        10 0000-0001-7075-7090 
primary 'Speck, N.A.'      11 ?                   
primary 'Bushweller, J.H.' 12 ?                   
# 
loop_
_entity.id 
_entity.type 
_entity.src_method 
_entity.pdbx_description 
_entity.formula_weight 
_entity.pdbx_number_of_molecules 
_entity.pdbx_ec 
_entity.pdbx_mutation 
_entity.pdbx_fragment 
_entity.details 
1 polymer man AML1-ETO 9153.730 2  ? ? 'NHR2 domain' ? 
2 water   nat water    18.015   59 ? ? ?             ? 
# 
_entity_name_com.entity_id   1 
_entity_name_com.name        
;Protein CBFA2T1, MTG8 protein, ETO protein, Eigth twenty one protein, Cyclin D related protein, Zinc finger MYND domain containing protein 2
;
# 
_entity_poly.entity_id                      1 
_entity_poly.type                           'polypeptide(L)' 
_entity_poly.nstd_linkage                   no 
_entity_poly.nstd_monomer                   yes 
_entity_poly.pdbx_seq_one_letter_code       
;A(MSE)ATRQEE(MSE)IDHRLTDREWAEEWKHLDHLLNCI(MSE)D(MSE)VEKTRRSLTVLRRCQEADREELNYWIRR
YSDAEDLK
;
_entity_poly.pdbx_seq_one_letter_code_can   AMATRQEEMIDHRLTDREWAEEWKHLDHLLNCIMDMVEKTRRSLTVLRRCQEADREELNYWIRRYSDAEDLK 
_entity_poly.pdbx_strand_id                 A,B 
_entity_poly.pdbx_target_identifier         ? 
# 
_pdbx_entity_nonpoly.entity_id   2 
_pdbx_entity_nonpoly.name        water 
_pdbx_entity_nonpoly.comp_id     HOH 
# 
loop_
_entity_poly_seq.entity_id 
_entity_poly_seq.num 
_entity_poly_seq.mon_id 
_entity_poly_seq.hetero 
1 1  ALA n 
1 2  MSE n 
1 3  ALA n 
1 4  THR n 
1 5  ARG n 
1 6  GLN n 
1 7  GLU n 
1 8  GLU n 
1 9  MSE n 
1 10 ILE n 
1 11 ASP n 
1 12 HIS n 
1 13 ARG n 
1 14 LEU n 
1 15 THR n 
1 16 ASP n 
1 17 ARG n 
1 18 GLU n 
1 19 TRP n 
1 20 ALA n 
1 21 GLU n 
1 22 GLU n 
1 23 TRP n 
1 24 LYS n 
1 25 HIS n 
1 26 LEU n 
1 27 ASP n 
1 28 HIS n 
1 29 LEU n 
1 30 LEU n 
1 31 ASN n 
1 32 CYS n 
1 33 ILE n 
1 34 MSE n 
1 35 ASP n 
1 36 MSE n 
1 37 VAL n 
1 38 GLU n 
1 39 LYS n 
1 40 THR n 
1 41 ARG n 
1 42 ARG n 
1 43 SER n 
1 44 LEU n 
1 45 THR n 
1 46 VAL n 
1 47 LEU n 
1 48 ARG n 
1 49 ARG n 
1 50 CYS n 
1 51 GLN n 
1 52 GLU n 
1 53 ALA n 
1 54 ASP n 
1 55 ARG n 
1 56 GLU n 
1 57 GLU n 
1 58 LEU n 
1 59 ASN n 
1 60 TYR n 
1 61 TRP n 
1 62 ILE n 
1 63 ARG n 
1 64 ARG n 
1 65 TYR n 
1 66 SER n 
1 67 ASP n 
1 68 ALA n 
1 69 GLU n 
1 70 ASP n 
1 71 LEU n 
1 72 LYS n 
# 
_entity_src_gen.entity_id                          1 
_entity_src_gen.pdbx_src_id                        1 
_entity_src_gen.pdbx_alt_source_flag               sample 
_entity_src_gen.pdbx_seq_type                      ? 
_entity_src_gen.pdbx_beg_seq_num                   ? 
_entity_src_gen.pdbx_end_seq_num                   ? 
_entity_src_gen.gene_src_common_name               human 
_entity_src_gen.gene_src_genus                     Homo 
_entity_src_gen.pdbx_gene_src_gene                 AML1/ETO 
_entity_src_gen.gene_src_species                   ? 
_entity_src_gen.gene_src_strain                    ? 
_entity_src_gen.gene_src_tissue                    ? 
_entity_src_gen.gene_src_tissue_fraction           ? 
_entity_src_gen.gene_src_details                   ? 
_entity_src_gen.pdbx_gene_src_fragment             ? 
_entity_src_gen.pdbx_gene_src_scientific_name      'Homo sapiens' 
_entity_src_gen.pdbx_gene_src_ncbi_taxonomy_id     9606 
_entity_src_gen.pdbx_gene_src_variant              ? 
_entity_src_gen.pdbx_gene_src_cell_line            ? 
_entity_src_gen.pdbx_gene_src_atcc                 ? 
_entity_src_gen.pdbx_gene_src_organ                ? 
_entity_src_gen.pdbx_gene_src_organelle            ? 
_entity_src_gen.pdbx_gene_src_cell                 ? 
_entity_src_gen.pdbx_gene_src_cellular_location    ? 
_entity_src_gen.host_org_common_name               ? 
_entity_src_gen.pdbx_host_org_scientific_name      'Escherichia coli BL21(DE3)' 
_entity_src_gen.pdbx_host_org_ncbi_taxonomy_id     469008 
_entity_src_gen.host_org_genus                     Escherichia 
_entity_src_gen.pdbx_host_org_gene                 ? 
_entity_src_gen.pdbx_host_org_organ                ? 
_entity_src_gen.host_org_species                   'Escherichia coli' 
_entity_src_gen.pdbx_host_org_tissue               ? 
_entity_src_gen.pdbx_host_org_tissue_fraction      ? 
_entity_src_gen.pdbx_host_org_strain               'BL21(DE3)' 
_entity_src_gen.pdbx_host_org_variant              ? 
_entity_src_gen.pdbx_host_org_cell_line            ? 
_entity_src_gen.pdbx_host_org_atcc                 ? 
_entity_src_gen.pdbx_host_org_culture_collection   ? 
_entity_src_gen.pdbx_host_org_cell                 ? 
_entity_src_gen.pdbx_host_org_organelle            ? 
_entity_src_gen.pdbx_host_org_cellular_location    ? 
_entity_src_gen.pdbx_host_org_vector_type          plasmid 
_entity_src_gen.pdbx_host_org_vector               ? 
_entity_src_gen.host_org_details                   ? 
_entity_src_gen.expression_system_id               ? 
_entity_src_gen.plasmid_name                       'PET30a(+)' 
_entity_src_gen.plasmid_details                    ? 
_entity_src_gen.pdbx_description                   ? 
# 
loop_
_chem_comp.id 
_chem_comp.type 
_chem_comp.mon_nstd_flag 
_chem_comp.name 
_chem_comp.pdbx_synonyms 
_chem_comp.formula 
_chem_comp.formula_weight 
ALA 'L-peptide linking' y ALANINE          ? 'C3 H7 N O2'     89.093  
ARG 'L-peptide linking' y ARGININE         ? 'C6 H15 N4 O2 1' 175.209 
ASN 'L-peptide linking' y ASPARAGINE       ? 'C4 H8 N2 O3'    132.118 
ASP 'L-peptide linking' y 'ASPARTIC ACID'  ? 'C4 H7 N O4'     133.103 
CYS 'L-peptide linking' y CYSTEINE         ? 'C3 H7 N O2 S'   121.158 
GLN 'L-peptide linking' y GLUTAMINE        ? 'C5 H10 N2 O3'   146.144 
GLU 'L-peptide linking' y 'GLUTAMIC ACID'  ? 'C5 H9 N O4'     147.129 
HIS 'L-peptide linking' y HISTIDINE        ? 'C6 H10 N3 O2 1' 156.162 
HOH non-polymer         . WATER            ? 'H2 O'           18.015  
ILE 'L-peptide linking' y ISOLEUCINE       ? 'C6 H13 N O2'    131.173 
LEU 'L-peptide linking' y LEUCINE          ? 'C6 H13 N O2'    131.173 
LYS 'L-peptide linking' y LYSINE           ? 'C6 H15 N2 O2 1' 147.195 
MET 'L-peptide linking' y METHIONINE       ? 'C5 H11 N O2 S'  149.211 
MSE 'L-peptide linking' n SELENOMETHIONINE ? 'C5 H11 N O2 Se' 196.106 
SER 'L-peptide linking' y SERINE           ? 'C3 H7 N O3'     105.093 
THR 'L-peptide linking' y THREONINE        ? 'C4 H9 N O3'     119.119 
TRP 'L-peptide linking' y TRYPTOPHAN       ? 'C11 H12 N2 O2'  204.225 
TYR 'L-peptide linking' y TYROSINE         ? 'C9 H11 N O3'    181.189 
VAL 'L-peptide linking' y VALINE           ? 'C5 H11 N O2'    117.146 
# 
loop_
_pdbx_poly_seq_scheme.asym_id 
_pdbx_poly_seq_scheme.entity_id 
_pdbx_poly_seq_scheme.seq_id 
_pdbx_poly_seq_scheme.mon_id 
_pdbx_poly_seq_scheme.ndb_seq_num 
_pdbx_poly_seq_scheme.pdb_seq_num 
_pdbx_poly_seq_scheme.auth_seq_num 
_pdbx_poly_seq_scheme.pdb_mon_id 
_pdbx_poly_seq_scheme.auth_mon_id 
_pdbx_poly_seq_scheme.pdb_strand_id 
_pdbx_poly_seq_scheme.pdb_ins_code 
_pdbx_poly_seq_scheme.hetero 
A 1 1  ALA 1  1  ?  ?   ?   A . n 
A 1 2  MSE 2  2  ?  ?   ?   A . n 
A 1 3  ALA 3  3  ?  ?   ?   A . n 
A 1 4  THR 4  4  ?  ?   ?   A . n 
A 1 5  ARG 5  5  ?  ?   ?   A . n 
A 1 6  GLN 6  6  ?  ?   ?   A . n 
A 1 7  GLU 7  7  ?  ?   ?   A . n 
A 1 8  GLU 8  8  ?  ?   ?   A . n 
A 1 9  MSE 9  9  ?  ?   ?   A . n 
A 1 10 ILE 10 10 ?  ?   ?   A . n 
A 1 11 ASP 11 11 11 ASP ASP A . n 
A 1 12 HIS 12 12 12 HIS HIS A . n 
A 1 13 ARG 13 13 13 ARG ARG A . n 
A 1 14 LEU 14 14 14 LEU LEU A . n 
A 1 15 THR 15 15 15 THR THR A . n 
A 1 16 ASP 16 16 16 ASP ASP A . n 
A 1 17 ARG 17 17 17 ARG ARG A . n 
A 1 18 GLU 18 18 18 GLU GLU A . n 
A 1 19 TRP 19 19 19 TRP TRP A . n 
A 1 20 ALA 20 20 20 ALA ALA A . n 
A 1 21 GLU 21 21 21 GLU GLU A . n 
A 1 22 GLU 22 22 22 GLU GLU A . n 
A 1 23 TRP 23 23 23 TRP TRP A . n 
A 1 24 LYS 24 24 24 LYS LYS A . n 
A 1 25 HIS 25 25 25 HIS HIS A . n 
A 1 26 LEU 26 26 26 LEU LEU A . n 
A 1 27 ASP 27 27 27 ASP ASP A . n 
A 1 28 HIS 28 28 28 HIS HIS A . n 
A 1 29 LEU 29 29 29 LEU LEU A . n 
A 1 30 LEU 30 30 30 LEU LEU A . n 
A 1 31 ASN 31 31 31 ASN ASN A . n 
A 1 32 CYS 32 32 32 CYS CYS A . n 
A 1 33 ILE 33 33 33 ILE ILE A . n 
A 1 34 MSE 34 34 34 MSE MSE A . n 
A 1 35 ASP 35 35 35 ASP ASP A . n 
A 1 36 MSE 36 36 36 MSE MSE A . n 
A 1 37 VAL 37 37 37 VAL VAL A . n 
A 1 38 GLU 38 38 38 GLU GLU A . n 
A 1 39 LYS 39 39 39 LYS LYS A . n 
A 1 40 THR 40 40 40 THR THR A . n 
A 1 41 ARG 41 41 41 ARG ARG A . n 
A 1 42 ARG 42 42 42 ARG ARG A . n 
A 1 43 SER 43 43 43 SER SER A . n 
A 1 44 LEU 44 44 44 LEU LEU A . n 
A 1 45 THR 45 45 45 THR THR A . n 
A 1 46 VAL 46 46 46 VAL VAL A . n 
A 1 47 LEU 47 47 47 LEU LEU A . n 
A 1 48 ARG 48 48 48 ARG ARG A . n 
A 1 49 ARG 49 49 49 ARG ARG A . n 
A 1 50 CYS 50 50 50 CYS CYS A . n 
A 1 51 GLN 51 51 51 GLN GLN A . n 
A 1 52 GLU 52 52 52 GLU GLU A . n 
A 1 53 ALA 53 53 53 ALA ALA A . n 
A 1 54 ASP 54 54 54 ASP ASP A . n 
A 1 55 ARG 55 55 55 ARG ARG A . n 
A 1 56 GLU 56 56 56 GLU GLU A . n 
A 1 57 GLU 57 57 57 GLU GLU A . n 
A 1 58 LEU 58 58 58 LEU LEU A . n 
A 1 59 ASN 59 59 59 ASN ASN A . n 
A 1 60 TYR 60 60 60 TYR TYR A . n 
A 1 61 TRP 61 61 61 TRP TRP A . n 
A 1 62 ILE 62 62 62 ILE ILE A . n 
A 1 63 ARG 63 63 63 ARG ARG A . n 
A 1 64 ARG 64 64 64 ARG ARG A . n 
A 1 65 TYR 65 65 65 TYR TYR A . n 
A 1 66 SER 66 66 66 SER SER A . n 
A 1 67 ASP 67 67 67 ASP ASP A . n 
A 1 68 ALA 68 68 68 ALA ALA A . n 
A 1 69 GLU 69 69 69 GLU GLU A . n 
A 1 70 ASP 70 70 ?  ?   ?   A . n 
A 1 71 LEU 71 71 ?  ?   ?   A . n 
A 1 72 LYS 72 72 ?  ?   ?   A . n 
B 1 1  ALA 1  1  ?  ?   ?   B . n 
B 1 2  MSE 2  2  ?  ?   ?   B . n 
B 1 3  ALA 3  3  ?  ?   ?   B . n 
B 1 4  THR 4  4  ?  ?   ?   B . n 
B 1 5  ARG 5  5  ?  ?   ?   B . n 
B 1 6  GLN 6  6  ?  ?   ?   B . n 
B 1 7  GLU 7  7  ?  ?   ?   B . n 
B 1 8  GLU 8  8  ?  ?   ?   B . n 
B 1 9  MSE 9  9  ?  ?   ?   B . n 
B 1 10 ILE 10 10 ?  ?   ?   B . n 
B 1 11 ASP 11 11 11 ASP ASP B . n 
B 1 12 HIS 12 12 12 HIS HIS B . n 
B 1 13 ARG 13 13 13 ARG ARG B . n 
B 1 14 LEU 14 14 14 LEU LEU B . n 
B 1 15 THR 15 15 15 THR THR B . n 
B 1 16 ASP 16 16 16 ASP ASP B . n 
B 1 17 ARG 17 17 17 ARG ARG B . n 
B 1 18 GLU 18 18 18 GLU GLU B . n 
B 1 19 TRP 19 19 19 TRP TRP B . n 
B 1 20 ALA 20 20 20 ALA ALA B . n 
B 1 21 GLU 21 21 21 GLU GLU B . n 
B 1 22 GLU 22 22 22 GLU GLU B . n 
B 1 23 TRP 23 23 23 TRP TRP B . n 
B 1 24 LYS 24 24 24 LYS LYS B . n 
B 1 25 HIS 25 25 25 HIS HIS B . n 
B 1 26 LEU 26 26 26 LEU LEU B . n 
B 1 27 ASP 27 27 27 ASP ASP B . n 
B 1 28 HIS 28 28 28 HIS HIS B . n 
B 1 29 LEU 29 29 29 LEU LEU B . n 
B 1 30 LEU 30 30 30 LEU LEU B . n 
B 1 31 ASN 31 31 31 ASN ASN B . n 
B 1 32 CYS 32 32 32 CYS CYS B . n 
B 1 33 ILE 33 33 33 ILE ILE B . n 
B 1 34 MSE 34 34 34 MSE MSE B . n 
B 1 35 ASP 35 35 35 ASP ASP B . n 
B 1 36 MSE 36 36 36 MSE MSE B . n 
B 1 37 VAL 37 37 37 VAL VAL B . n 
B 1 38 GLU 38 38 38 GLU GLU B . n 
B 1 39 LYS 39 39 39 LYS LYS B . n 
B 1 40 THR 40 40 40 THR THR B . n 
B 1 41 ARG 41 41 41 ARG ARG B . n 
B 1 42 ARG 42 42 42 ARG ARG B . n 
B 1 43 SER 43 43 43 SER SER B . n 
B 1 44 LEU 44 44 44 LEU LEU B . n 
B 1 45 THR 45 45 45 THR THR B . n 
B 1 46 VAL 46 46 46 VAL VAL B . n 
B 1 47 LEU 47 47 47 LEU LEU B . n 
B 1 48 ARG 48 48 48 ARG ARG B . n 
B 1 49 ARG 49 49 49 ARG ARG B . n 
B 1 50 CYS 50 50 50 CYS CYS B . n 
B 1 51 GLN 51 51 51 GLN GLN B . n 
B 1 52 GLU 52 52 52 GLU GLU B . n 
B 1 53 ALA 53 53 53 ALA ALA B . n 
B 1 54 ASP 54 54 54 ASP ASP B . n 
B 1 55 ARG 55 55 55 ARG ARG B . n 
B 1 56 GLU 56 56 56 GLU GLU B . n 
B 1 57 GLU 57 57 57 GLU GLU B . n 
B 1 58 LEU 58 58 58 LEU LEU B . n 
B 1 59 ASN 59 59 59 ASN ASN B . n 
B 1 60 TYR 60 60 60 TYR TYR B . n 
B 1 61 TRP 61 61 61 TRP TRP B . n 
B 1 62 ILE 62 62 62 ILE ILE B . n 
B 1 63 ARG 63 63 63 ARG ARG B . n 
B 1 64 ARG 64 64 64 ARG ARG B . n 
B 1 65 TYR 65 65 65 TYR TYR B . n 
B 1 66 SER 66 66 66 SER SER B . n 
B 1 67 ASP 67 67 67 ASP ASP B . n 
B 1 68 ALA 68 68 68 ALA ALA B . n 
B 1 69 GLU 69 69 69 GLU GLU B . n 
B 1 70 ASP 70 70 ?  ?   ?   B . n 
B 1 71 LEU 71 71 ?  ?   ?   B . n 
B 1 72 LYS 72 72 ?  ?   ?   B . n 
# 
loop_
_pdbx_nonpoly_scheme.asym_id 
_pdbx_nonpoly_scheme.entity_id 
_pdbx_nonpoly_scheme.mon_id 
_pdbx_nonpoly_scheme.ndb_seq_num 
_pdbx_nonpoly_scheme.pdb_seq_num 
_pdbx_nonpoly_scheme.auth_seq_num 
_pdbx_nonpoly_scheme.pdb_mon_id 
_pdbx_nonpoly_scheme.auth_mon_id 
_pdbx_nonpoly_scheme.pdb_strand_id 
_pdbx_nonpoly_scheme.pdb_ins_code 
C 2 HOH 1  73  3  HOH HOH A . 
C 2 HOH 2  74  6  HOH HOH A . 
C 2 HOH 3  75  10 HOH HOH A . 
C 2 HOH 4  76  14 HOH HOH A . 
C 2 HOH 5  77  15 HOH HOH A . 
C 2 HOH 6  78  16 HOH HOH A . 
C 2 HOH 7  79  18 HOH HOH A . 
C 2 HOH 8  80  19 HOH HOH A . 
C 2 HOH 9  81  21 HOH HOH A . 
C 2 HOH 10 82  25 HOH HOH A . 
C 2 HOH 11 83  26 HOH HOH A . 
C 2 HOH 12 84  27 HOH HOH A . 
C 2 HOH 13 85  29 HOH HOH A . 
C 2 HOH 14 86  31 HOH HOH A . 
C 2 HOH 15 87  32 HOH HOH A . 
C 2 HOH 16 88  33 HOH HOH A . 
C 2 HOH 17 89  37 HOH HOH A . 
C 2 HOH 18 90  38 HOH HOH A . 
C 2 HOH 19 91  39 HOH HOH A . 
C 2 HOH 20 92  42 HOH HOH A . 
C 2 HOH 21 93  44 HOH HOH A . 
C 2 HOH 22 94  46 HOH HOH A . 
C 2 HOH 23 95  49 HOH HOH A . 
C 2 HOH 24 96  52 HOH HOH A . 
C 2 HOH 25 97  53 HOH HOH A . 
C 2 HOH 26 98  57 HOH HOH A . 
C 2 HOH 27 99  59 HOH HOH A . 
D 2 HOH 1  73  1  HOH HOH B . 
D 2 HOH 2  74  2  HOH HOH B . 
D 2 HOH 3  75  4  HOH HOH B . 
D 2 HOH 4  76  5  HOH HOH B . 
D 2 HOH 5  77  7  HOH HOH B . 
D 2 HOH 6  78  8  HOH HOH B . 
D 2 HOH 7  79  9  HOH HOH B . 
D 2 HOH 8  80  11 HOH HOH B . 
D 2 HOH 9  81  12 HOH HOH B . 
D 2 HOH 10 82  13 HOH HOH B . 
D 2 HOH 11 83  17 HOH HOH B . 
D 2 HOH 12 84  20 HOH HOH B . 
D 2 HOH 13 85  22 HOH HOH B . 
D 2 HOH 14 86  23 HOH HOH B . 
D 2 HOH 15 87  24 HOH HOH B . 
D 2 HOH 16 88  28 HOH HOH B . 
D 2 HOH 17 89  30 HOH HOH B . 
D 2 HOH 18 90  34 HOH HOH B . 
D 2 HOH 19 91  35 HOH HOH B . 
D 2 HOH 20 92  36 HOH HOH B . 
D 2 HOH 21 93  40 HOH HOH B . 
D 2 HOH 22 94  41 HOH HOH B . 
D 2 HOH 23 95  43 HOH HOH B . 
D 2 HOH 24 96  45 HOH HOH B . 
D 2 HOH 25 97  47 HOH HOH B . 
D 2 HOH 26 98  48 HOH HOH B . 
D 2 HOH 27 99  50 HOH HOH B . 
D 2 HOH 28 100 51 HOH HOH B . 
D 2 HOH 29 101 54 HOH HOH B . 
D 2 HOH 30 102 55 HOH HOH B . 
D 2 HOH 31 103 56 HOH HOH B . 
D 2 HOH 32 104 58 HOH HOH B . 
# 
loop_
_software.name 
_software.classification 
_software.version 
_software.citation_id 
_software.pdbx_ordinal 
HKL-2000 'data collection' .      ? 1 
HKL-2000 'data reduction'  .      ? 2 
SHELXD   phasing           .      ? 3 
SOLVE    phasing           .      ? 4 
RESOLVE  'model building'  .      ? 5 
REFMAC   refinement        5.1.24 ? 6 
HKL-2000 'data scaling'    .      ? 7 
SHARP    phasing           .      ? 8 
RESOLVE  phasing           .      ? 9 
# 
_cell.entry_id           1WQ6 
_cell.length_a           60.720 
_cell.length_b           75.442 
_cell.length_c           30.781 
_cell.angle_alpha        90.00 
_cell.angle_beta         90.00 
_cell.angle_gamma        90.00 
_cell.Z_PDB              8 
_cell.pdbx_unique_axis   ? 
_cell.length_a_esd       ? 
_cell.length_b_esd       ? 
_cell.length_c_esd       ? 
_cell.angle_alpha_esd    ? 
_cell.angle_beta_esd     ? 
_cell.angle_gamma_esd    ? 
# 
_symmetry.entry_id                         1WQ6 
_symmetry.space_group_name_H-M             'P 21 21 2' 
_symmetry.pdbx_full_space_group_name_H-M   ? 
_symmetry.cell_setting                     ? 
_symmetry.Int_Tables_number                18 
_symmetry.space_group_name_Hall            ? 
# 
_exptl.entry_id          1WQ6 
_exptl.method            'X-RAY DIFFRACTION' 
_exptl.crystals_number   1 
# 
_exptl_crystal.id                    1 
_exptl_crystal.density_meas          ? 
_exptl_crystal.density_Matthews      2.0 
_exptl_crystal.density_percent_sol   37.9 
_exptl_crystal.description           ? 
_exptl_crystal.F_000                 ? 
_exptl_crystal.preparation           ? 
# 
_exptl_crystal_grow.crystal_id      1 
_exptl_crystal_grow.method          'VAPOR DIFFUSION, SITTING DROP' 
_exptl_crystal_grow.temp            293 
_exptl_crystal_grow.temp_details    ? 
_exptl_crystal_grow.pH              5.6 
_exptl_crystal_grow.pdbx_details    
'100mM Na citrate (pH 5.6), 100mM MgCl2, 30% MPD, VAPOR DIFFUSION, SITTING DROP, temperature 293K' 
_exptl_crystal_grow.pdbx_pH_range   . 
# 
_diffrn.id                     1 
_diffrn.ambient_temp           100.0 
_diffrn.ambient_temp_details   ? 
_diffrn.crystal_id             1 
# 
_diffrn_detector.diffrn_id              1 
_diffrn_detector.detector               CCD 
_diffrn_detector.type                   'ADSC QUANTUM 4' 
_diffrn_detector.pdbx_collection_date   2003-05-29 
_diffrn_detector.details                'DOUBLE CRYSTAL FOCUSING MIRRORS' 
# 
_diffrn_radiation.diffrn_id                        1 
_diffrn_radiation.wavelength_id                    1 
_diffrn_radiation.pdbx_monochromatic_or_laue_m_l   M 
_diffrn_radiation.monochromator                    'SAGITALLY FOCUSED SI(III)' 
_diffrn_radiation.pdbx_diffrn_protocol             MAD 
_diffrn_radiation.pdbx_scattering_type             x-ray 
# 
loop_
_diffrn_radiation_wavelength.id 
_diffrn_radiation_wavelength.wavelength 
_diffrn_radiation_wavelength.wt 
1 0.97946 1.0 
2 0.97915 1.0 
3 0.96422 1.0 
# 
_diffrn_source.diffrn_id                   1 
_diffrn_source.source                      SYNCHROTRON 
_diffrn_source.type                        'NSLS BEAMLINE X9B' 
_diffrn_source.pdbx_synchrotron_site       NSLS 
_diffrn_source.pdbx_synchrotron_beamline   X9B 
_diffrn_source.pdbx_wavelength             ? 
_diffrn_source.pdbx_wavelength_list        '0.97946, 0.97915, 0.96422' 
# 
_reflns.entry_id                     1WQ6 
_reflns.observed_criterion_sigma_I   -3.000 
_reflns.observed_criterion_sigma_F   1 
_reflns.d_resolution_low             50.000 
_reflns.d_resolution_high            2.000 
_reflns.number_obs                   10096 
_reflns.number_all                   10096 
_reflns.percent_possible_obs         99.7 
_reflns.pdbx_Rmerge_I_obs            0.044 
_reflns.pdbx_Rsym_value              ? 
_reflns.pdbx_netI_over_sigmaI        24.9 
_reflns.B_iso_Wilson_estimate        ? 
_reflns.pdbx_redundancy              6.7 
_reflns.R_free_details               ? 
_reflns.limit_h_max                  ? 
_reflns.limit_h_min                  ? 
_reflns.limit_k_max                  ? 
_reflns.limit_k_min                  ? 
_reflns.limit_l_max                  ? 
_reflns.limit_l_min                  ? 
_reflns.observed_criterion_F_max     ? 
_reflns.observed_criterion_F_min     ? 
_reflns.pdbx_chi_squared             ? 
_reflns.pdbx_scaling_rejects         ? 
_reflns.pdbx_ordinal                 1 
_reflns.pdbx_diffrn_id               1 
# 
_reflns_shell.d_res_high             2.00 
_reflns_shell.d_res_low              2.07 
_reflns_shell.percent_possible_all   100.0 
_reflns_shell.Rmerge_I_obs           0.196 
_reflns_shell.pdbx_Rsym_value        ? 
_reflns_shell.meanI_over_sigI_obs    5.5 
_reflns_shell.pdbx_redundancy        5.9 
_reflns_shell.percent_possible_obs   ? 
_reflns_shell.number_unique_all      683 
_reflns_shell.number_measured_all    ? 
_reflns_shell.number_measured_obs    ? 
_reflns_shell.number_unique_obs      ? 
_reflns_shell.pdbx_chi_squared       ? 
_reflns_shell.pdbx_ordinal           1 
_reflns_shell.pdbx_diffrn_id         1 
# 
_refine.entry_id                                 1WQ6 
_refine.ls_number_reflns_obs                     9346 
_refine.ls_number_reflns_all                     9346 
_refine.pdbx_ls_sigma_I                          ? 
_refine.pdbx_ls_sigma_F                          0 
_refine.pdbx_data_cutoff_high_absF               ? 
_refine.pdbx_data_cutoff_low_absF                ? 
_refine.pdbx_data_cutoff_high_rms_absF           ? 
_refine.ls_d_res_low                             40.00 
_refine.ls_d_res_high                            2.00 
_refine.ls_percent_reflns_obs                    97.70 
_refine.ls_R_factor_obs                          0.21575 
_refine.ls_R_factor_all                          0.233 
_refine.ls_R_factor_R_work                       0.21274 
_refine.ls_R_factor_R_free                       0.27012 
_refine.ls_R_factor_R_free_error                 ? 
_refine.ls_R_factor_R_free_error_details         ? 
_refine.ls_percent_reflns_R_free                 5.0 
_refine.ls_number_reflns_R_free                  493 
_refine.ls_number_parameters                     ? 
_refine.ls_number_restraints                     ? 
_refine.occupancy_min                            ? 
_refine.occupancy_max                            ? 
_refine.correlation_coeff_Fo_to_Fc               0.937 
_refine.correlation_coeff_Fo_to_Fc_free          0.897 
_refine.B_iso_mean                               31.998 
_refine.aniso_B[1][1]                            0.69 
_refine.aniso_B[2][2]                            -2.47 
_refine.aniso_B[3][3]                            1.78 
_refine.aniso_B[1][2]                            0.00 
_refine.aniso_B[1][3]                            0.00 
_refine.aniso_B[2][3]                            0.00 
_refine.solvent_model_details                    'BABINET MODEL WITH MASK' 
_refine.solvent_model_param_ksol                 ? 
_refine.solvent_model_param_bsol                 ? 
_refine.pdbx_solvent_vdw_probe_radii             1.40 
_refine.pdbx_solvent_ion_probe_radii             0.80 
_refine.pdbx_solvent_shrinkage_radii             0.80 
_refine.pdbx_ls_cross_valid_method               THROUGHOUT 
_refine.details                                  
'HYDROGENS HAVE BEEN ADDED IN THE RIDING POSITIONS. The structure was refined also with CNS.' 
_refine.pdbx_starting_model                      ? 
_refine.pdbx_method_to_determine_struct          MAD 
_refine.pdbx_isotropic_thermal_model             ? 
_refine.pdbx_stereochemistry_target_values       'MAXIMUM LIKELIHOOD' 
_refine.pdbx_stereochem_target_val_spec_case     ? 
_refine.pdbx_R_Free_selection_details            RANDOM 
_refine.pdbx_overall_ESU_R                       0.206 
_refine.pdbx_overall_ESU_R_Free                  0.190 
_refine.overall_SU_ML                            0.122 
_refine.overall_SU_B                             4.283 
_refine.ls_redundancy_reflns_obs                 ? 
_refine.B_iso_min                                ? 
_refine.B_iso_max                                ? 
_refine.overall_SU_R_Cruickshank_DPI             ? 
_refine.overall_SU_R_free                        ? 
_refine.ls_wR_factor_R_free                      ? 
_refine.ls_wR_factor_R_work                      ? 
_refine.overall_FOM_free_R_set                   ? 
_refine.overall_FOM_work_R_set                   ? 
_refine.pdbx_refine_id                           'X-RAY DIFFRACTION' 
_refine.pdbx_diffrn_id                           1 
_refine.pdbx_TLS_residual_ADP_flag               ? 
_refine.pdbx_overall_phase_error                 ? 
_refine.pdbx_overall_SU_R_free_Cruickshank_DPI   ? 
_refine.pdbx_overall_SU_R_Blow_DPI               ? 
_refine.pdbx_overall_SU_R_free_Blow_DPI          ? 
# 
_refine_hist.pdbx_refine_id                   'X-RAY DIFFRACTION' 
_refine_hist.cycle_id                         LAST 
_refine_hist.pdbx_number_atoms_protein        1040 
_refine_hist.pdbx_number_atoms_nucleic_acid   0 
_refine_hist.pdbx_number_atoms_ligand         0 
_refine_hist.number_atoms_solvent             59 
_refine_hist.number_atoms_total               1099 
_refine_hist.d_res_high                       2.00 
_refine_hist.d_res_low                        40.00 
# 
loop_
_refine_ls_restr.type 
_refine_ls_restr.dev_ideal 
_refine_ls_restr.dev_ideal_target 
_refine_ls_restr.weight 
_refine_ls_restr.number 
_refine_ls_restr.pdbx_refine_id 
_refine_ls_restr.pdbx_restraint_function 
r_bond_refined_d         0.021 0.021 ? 1062 'X-RAY DIFFRACTION' ? 
r_bond_other_d           0.001 0.020 ? 940  'X-RAY DIFFRACTION' ? 
r_angle_refined_deg      2.794 1.919 ? 1428 'X-RAY DIFFRACTION' ? 
r_angle_other_deg        1.273 3.000 ? 2162 'X-RAY DIFFRACTION' ? 
r_dihedral_angle_1_deg   6.186 5.000 ? 116  'X-RAY DIFFRACTION' ? 
r_dihedral_angle_2_deg   ?     ?     ? ?    'X-RAY DIFFRACTION' ? 
r_dihedral_angle_3_deg   ?     ?     ? ?    'X-RAY DIFFRACTION' ? 
r_dihedral_angle_4_deg   ?     ?     ? ?    'X-RAY DIFFRACTION' ? 
r_chiral_restr           0.175 0.200 ? 146  'X-RAY DIFFRACTION' ? 
r_gen_planes_refined     0.012 0.020 ? 1174 'X-RAY DIFFRACTION' ? 
r_gen_planes_other       0.007 0.020 ? 246  'X-RAY DIFFRACTION' ? 
r_nbd_refined            0.245 0.200 ? 266  'X-RAY DIFFRACTION' ? 
r_nbd_other              0.272 0.200 ? 1085 'X-RAY DIFFRACTION' ? 
r_nbtor_refined          ?     ?     ? ?    'X-RAY DIFFRACTION' ? 
r_nbtor_other            0.104 0.200 ? 682  'X-RAY DIFFRACTION' ? 
r_xyhbond_nbd_refined    0.272 0.200 ? 45   'X-RAY DIFFRACTION' ? 
r_xyhbond_nbd_other      ?     ?     ? ?    'X-RAY DIFFRACTION' ? 
r_metal_ion_refined      ?     ?     ? ?    'X-RAY DIFFRACTION' ? 
r_metal_ion_other        ?     ?     ? ?    'X-RAY DIFFRACTION' ? 
r_symmetry_vdw_refined   0.263 0.200 ? 19   'X-RAY DIFFRACTION' ? 
r_symmetry_vdw_other     0.350 0.200 ? 94   'X-RAY DIFFRACTION' ? 
r_symmetry_hbond_refined 0.188 0.200 ? 14   'X-RAY DIFFRACTION' ? 
r_symmetry_hbond_other   ?     ?     ? ?    'X-RAY DIFFRACTION' ? 
r_mcbond_it              2.041 1.500 ? 590  'X-RAY DIFFRACTION' ? 
r_mcbond_other           ?     ?     ? ?    'X-RAY DIFFRACTION' ? 
r_mcangle_it             3.649 2.000 ? 948  'X-RAY DIFFRACTION' ? 
r_scbond_it              5.886 3.000 ? 472  'X-RAY DIFFRACTION' ? 
r_scangle_it             8.809 4.500 ? 480  'X-RAY DIFFRACTION' ? 
r_rigid_bond_restr       ?     ?     ? ?    'X-RAY DIFFRACTION' ? 
r_sphericity_free        ?     ?     ? ?    'X-RAY DIFFRACTION' ? 
r_sphericity_bonded      ?     ?     ? ?    'X-RAY DIFFRACTION' ? 
# 
_refine_ls_shell.pdbx_total_number_of_bins_used   20 
_refine_ls_shell.d_res_high                       2.000 
_refine_ls_shell.d_res_low                        2.052 
_refine_ls_shell.number_reflns_R_work             645 
_refine_ls_shell.R_factor_R_work                  0.226 
_refine_ls_shell.percent_reflns_obs               ? 
_refine_ls_shell.R_factor_R_free                  0.337 
_refine_ls_shell.R_factor_R_free_error            ? 
_refine_ls_shell.percent_reflns_R_free            ? 
_refine_ls_shell.number_reflns_R_free             38 
_refine_ls_shell.number_reflns_obs                ? 
_refine_ls_shell.redundancy_reflns_obs            ? 
_refine_ls_shell.number_reflns_all                ? 
_refine_ls_shell.R_factor_all                     ? 
_refine_ls_shell.pdbx_refine_id                   'X-RAY DIFFRACTION' 
# 
_struct.entry_id                  1WQ6 
_struct.title                     
;The tetramer structure of the nervy homolgy two (NHR2) domain of AML1-ETO is critical for AML1-ETO'S activity
;
_struct.pdbx_model_details        ? 
_struct.pdbx_CASP_flag            ? 
_struct.pdbx_model_type_details   ? 
# 
_struct_keywords.entry_id        1WQ6 
_struct_keywords.pdbx_keywords   ONCOPROTEIN 
_struct_keywords.text            'NHR2, ETO, AML1-ETO, ONCOPROTEIN' 
# 
loop_
_struct_asym.id 
_struct_asym.pdbx_blank_PDB_chainid_flag 
_struct_asym.pdbx_modified 
_struct_asym.entity_id 
_struct_asym.details 
A N N 1 ? 
B N N 1 ? 
C N N 2 ? 
D N N 2 ? 
# 
_struct_ref.id                         1 
_struct_ref.db_name                    UNP 
_struct_ref.db_code                    MTG8_HUMAN 
_struct_ref.pdbx_db_accession          Q06455 
_struct_ref.entity_id                  1 
_struct_ref.pdbx_seq_one_letter_code   TRQEEMIDHRLTDREWAEEWKHLDHLLNCIMDMVEKTRRSLTVLRRCQEADREELNYWIRRYSDAEDLK 
_struct_ref.pdbx_align_begin           335 
_struct_ref.pdbx_db_isoform            ? 
# 
loop_
_struct_ref_seq.align_id 
_struct_ref_seq.ref_id 
_struct_ref_seq.pdbx_PDB_id_code 
_struct_ref_seq.pdbx_strand_id 
_struct_ref_seq.seq_align_beg 
_struct_ref_seq.pdbx_seq_align_beg_ins_code 
_struct_ref_seq.seq_align_end 
_struct_ref_seq.pdbx_seq_align_end_ins_code 
_struct_ref_seq.pdbx_db_accession 
_struct_ref_seq.db_align_beg 
_struct_ref_seq.pdbx_db_align_beg_ins_code 
_struct_ref_seq.db_align_end 
_struct_ref_seq.pdbx_db_align_end_ins_code 
_struct_ref_seq.pdbx_auth_seq_align_beg 
_struct_ref_seq.pdbx_auth_seq_align_end 
1 1 1WQ6 A 4 ? 72 ? Q06455 335 ? 403 ? 4 72 
2 1 1WQ6 B 4 ? 72 ? Q06455 335 ? 403 ? 4 72 
# 
loop_
_struct_ref_seq_dif.align_id 
_struct_ref_seq_dif.pdbx_pdb_id_code 
_struct_ref_seq_dif.mon_id 
_struct_ref_seq_dif.pdbx_pdb_strand_id 
_struct_ref_seq_dif.seq_num 
_struct_ref_seq_dif.pdbx_pdb_ins_code 
_struct_ref_seq_dif.pdbx_seq_db_name 
_struct_ref_seq_dif.pdbx_seq_db_accession_code 
_struct_ref_seq_dif.db_mon_id 
_struct_ref_seq_dif.pdbx_seq_db_seq_num 
_struct_ref_seq_dif.details 
_struct_ref_seq_dif.pdbx_auth_seq_num 
_struct_ref_seq_dif.pdbx_ordinal 
1 1WQ6 ALA A 1  ? UNP Q06455 ?   ?   'cloning artifact' 1  1  
1 1WQ6 MSE A 2  ? UNP Q06455 ?   ?   'cloning artifact' 2  2  
1 1WQ6 ALA A 3  ? UNP Q06455 ?   ?   'cloning artifact' 3  3  
1 1WQ6 MSE A 9  ? UNP Q06455 MET 340 'modified residue' 9  4  
1 1WQ6 MSE A 34 ? UNP Q06455 MET 365 'modified residue' 34 5  
1 1WQ6 MSE A 36 ? UNP Q06455 MET 367 'modified residue' 36 6  
2 1WQ6 ALA B 1  ? UNP Q06455 ?   ?   'cloning artifact' 1  7  
2 1WQ6 MSE B 2  ? UNP Q06455 ?   ?   'cloning artifact' 2  8  
2 1WQ6 ALA B 3  ? UNP Q06455 ?   ?   'cloning artifact' 3  9  
2 1WQ6 MSE B 9  ? UNP Q06455 MET 340 'modified residue' 9  10 
2 1WQ6 MSE B 34 ? UNP Q06455 MET 365 'modified residue' 34 11 
2 1WQ6 MSE B 36 ? UNP Q06455 MET 367 'modified residue' 36 12 
# 
_pdbx_struct_assembly.id                   1 
_pdbx_struct_assembly.details              author_and_software_defined_assembly 
_pdbx_struct_assembly.method_details       PISA,PQS 
_pdbx_struct_assembly.oligomeric_details   tetrameric 
_pdbx_struct_assembly.oligomeric_count     4 
# 
loop_
_pdbx_struct_assembly_prop.biol_id 
_pdbx_struct_assembly_prop.type 
_pdbx_struct_assembly_prop.value 
_pdbx_struct_assembly_prop.details 
1 'ABSA (A^2)' 10930 ? 
1 MORE         -85   ? 
1 'SSA (A^2)'  14080 ? 
# 
_pdbx_struct_assembly_gen.assembly_id       1 
_pdbx_struct_assembly_gen.oper_expression   1,2 
_pdbx_struct_assembly_gen.asym_id_list      A,B,C,D 
# 
loop_
_pdbx_struct_oper_list.id 
_pdbx_struct_oper_list.type 
_pdbx_struct_oper_list.name 
_pdbx_struct_oper_list.symmetry_operation 
_pdbx_struct_oper_list.matrix[1][1] 
_pdbx_struct_oper_list.matrix[1][2] 
_pdbx_struct_oper_list.matrix[1][3] 
_pdbx_struct_oper_list.vector[1] 
_pdbx_struct_oper_list.matrix[2][1] 
_pdbx_struct_oper_list.matrix[2][2] 
_pdbx_struct_oper_list.matrix[2][3] 
_pdbx_struct_oper_list.vector[2] 
_pdbx_struct_oper_list.matrix[3][1] 
_pdbx_struct_oper_list.matrix[3][2] 
_pdbx_struct_oper_list.matrix[3][3] 
_pdbx_struct_oper_list.vector[3] 
1 'identity operation'         1_555 x,y,z       1.0000000000 0.0000000000 0.0000000000 0.0000000000  0.0000000000 1.0000000000  0.0000000000 0.0000000000  0.0000000000 0.0000000000 1.0000000000  0.0000000000 
2 'crystal symmetry operation' 2_765 -x+2,-y+1,z 0.2963633751 0.8545453702 0.4265219341 -1.7218481216 0.8545453702 -0.4366951399 0.2811575450 -0.9594671241 0.4265219341 0.2811575450 -0.8596682352 7.1556672411 
# 
_struct_biol.id                    1 
_struct_biol.details               
;The biological assembly is a tetramer generated from the dimer  
in the asymmetric unit by the operations: x, y, z and -x+2, -y+1, z
;
_struct_biol.pdbx_parent_biol_id   ? 
# 
loop_
_struct_conf.conf_type_id 
_struct_conf.id 
_struct_conf.pdbx_PDB_helix_id 
_struct_conf.beg_label_comp_id 
_struct_conf.beg_label_asym_id 
_struct_conf.beg_label_seq_id 
_struct_conf.pdbx_beg_PDB_ins_code 
_struct_conf.end_label_comp_id 
_struct_conf.end_label_asym_id 
_struct_conf.end_label_seq_id 
_struct_conf.pdbx_end_PDB_ins_code 
_struct_conf.beg_auth_comp_id 
_struct_conf.beg_auth_asym_id 
_struct_conf.beg_auth_seq_id 
_struct_conf.end_auth_comp_id 
_struct_conf.end_auth_asym_id 
_struct_conf.end_auth_seq_id 
_struct_conf.pdbx_PDB_helix_class 
_struct_conf.details 
_struct_conf.pdbx_PDB_helix_length 
HELX_P HELX_P1 1 THR A 15 ? GLU A 69 ? THR A 15 GLU A 69 1 ? 55 
HELX_P HELX_P2 2 THR B 15 ? ALA B 68 ? THR B 15 ALA B 68 1 ? 54 
# 
_struct_conf_type.id          HELX_P 
_struct_conf_type.criteria    ? 
_struct_conf_type.reference   ? 
# 
loop_
_struct_conn.id 
_struct_conn.conn_type_id 
_struct_conn.pdbx_leaving_atom_flag 
_struct_conn.pdbx_PDB_id 
_struct_conn.ptnr1_label_asym_id 
_struct_conn.ptnr1_label_comp_id 
_struct_conn.ptnr1_label_seq_id 
_struct_conn.ptnr1_label_atom_id 
_struct_conn.pdbx_ptnr1_label_alt_id 
_struct_conn.pdbx_ptnr1_PDB_ins_code 
_struct_conn.pdbx_ptnr1_standard_comp_id 
_struct_conn.ptnr1_symmetry 
_struct_conn.ptnr2_label_asym_id 
_struct_conn.ptnr2_label_comp_id 
_struct_conn.ptnr2_label_seq_id 
_struct_conn.ptnr2_label_atom_id 
_struct_conn.pdbx_ptnr2_label_alt_id 
_struct_conn.pdbx_ptnr2_PDB_ins_code 
_struct_conn.ptnr1_auth_asym_id 
_struct_conn.ptnr1_auth_comp_id 
_struct_conn.ptnr1_auth_seq_id 
_struct_conn.ptnr2_auth_asym_id 
_struct_conn.ptnr2_auth_comp_id 
_struct_conn.ptnr2_auth_seq_id 
_struct_conn.ptnr2_symmetry 
_struct_conn.pdbx_ptnr3_label_atom_id 
_struct_conn.pdbx_ptnr3_label_seq_id 
_struct_conn.pdbx_ptnr3_label_comp_id 
_struct_conn.pdbx_ptnr3_label_asym_id 
_struct_conn.pdbx_ptnr3_label_alt_id 
_struct_conn.pdbx_ptnr3_PDB_ins_code 
_struct_conn.details 
_struct_conn.pdbx_dist_value 
_struct_conn.pdbx_value_order 
_struct_conn.pdbx_role 
covale1 covale both ? A ILE 33 C ? ? ? 1_555 A MSE 34 N ? ? A ILE 33 A MSE 34 1_555 ? ? ? ? ? ? ? 1.323 ? ? 
covale2 covale both ? A MSE 34 C ? ? ? 1_555 A ASP 35 N ? ? A MSE 34 A ASP 35 1_555 ? ? ? ? ? ? ? 1.324 ? ? 
covale3 covale both ? A ASP 35 C ? ? ? 1_555 A MSE 36 N ? ? A ASP 35 A MSE 36 1_555 ? ? ? ? ? ? ? 1.328 ? ? 
covale4 covale both ? A MSE 36 C ? ? ? 1_555 A VAL 37 N ? ? A MSE 36 A VAL 37 1_555 ? ? ? ? ? ? ? 1.324 ? ? 
covale5 covale both ? B ILE 33 C ? ? ? 1_555 B MSE 34 N ? ? B ILE 33 B MSE 34 1_555 ? ? ? ? ? ? ? 1.320 ? ? 
covale6 covale both ? B MSE 34 C ? ? ? 1_555 B ASP 35 N ? ? B MSE 34 B ASP 35 1_555 ? ? ? ? ? ? ? 1.333 ? ? 
covale7 covale both ? B ASP 35 C ? ? ? 1_555 B MSE 36 N ? ? B ASP 35 B MSE 36 1_555 ? ? ? ? ? ? ? 1.325 ? ? 
covale8 covale both ? B MSE 36 C ? ? ? 1_555 B VAL 37 N ? ? B MSE 36 B VAL 37 1_555 ? ? ? ? ? ? ? 1.337 ? ? 
# 
_struct_conn_type.id          covale 
_struct_conn_type.criteria    ? 
_struct_conn_type.reference   ? 
# 
loop_
_pdbx_modification_feature.ordinal 
_pdbx_modification_feature.label_comp_id 
_pdbx_modification_feature.label_asym_id 
_pdbx_modification_feature.label_seq_id 
_pdbx_modification_feature.label_alt_id 
_pdbx_modification_feature.modified_residue_label_comp_id 
_pdbx_modification_feature.modified_residue_label_asym_id 
_pdbx_modification_feature.modified_residue_label_seq_id 
_pdbx_modification_feature.modified_residue_label_alt_id 
_pdbx_modification_feature.auth_comp_id 
_pdbx_modification_feature.auth_asym_id 
_pdbx_modification_feature.auth_seq_id 
_pdbx_modification_feature.PDB_ins_code 
_pdbx_modification_feature.symmetry 
_pdbx_modification_feature.modified_residue_auth_comp_id 
_pdbx_modification_feature.modified_residue_auth_asym_id 
_pdbx_modification_feature.modified_residue_auth_seq_id 
_pdbx_modification_feature.modified_residue_PDB_ins_code 
_pdbx_modification_feature.modified_residue_symmetry 
_pdbx_modification_feature.comp_id_linking_atom 
_pdbx_modification_feature.modified_residue_id_linking_atom 
_pdbx_modification_feature.modified_residue_id 
_pdbx_modification_feature.ref_pcm_id 
_pdbx_modification_feature.ref_comp_id 
_pdbx_modification_feature.type 
_pdbx_modification_feature.category 
1 MSE A 34 ? . . . . MSE A 34 ? 1_555 . . . . . . . MET 1 MSE Selenomethionine 'Named protein modification' 
2 MSE A 36 ? . . . . MSE A 36 ? 1_555 . . . . . . . MET 1 MSE Selenomethionine 'Named protein modification' 
3 MSE B 34 ? . . . . MSE B 34 ? 1_555 . . . . . . . MET 1 MSE Selenomethionine 'Named protein modification' 
4 MSE B 36 ? . . . . MSE B 36 ? 1_555 . . . . . . . MET 1 MSE Selenomethionine 'Named protein modification' 
# 
_pdbx_entry_details.entry_id                   1WQ6 
_pdbx_entry_details.compound_details           ? 
_pdbx_entry_details.source_details             ? 
_pdbx_entry_details.nonpolymer_details         ? 
_pdbx_entry_details.sequence_details           ? 
_pdbx_entry_details.has_ligand_of_interest     ? 
_pdbx_entry_details.has_protein_modification   Y 
# 
_pdbx_validate_rmsd_bond.id                        1 
_pdbx_validate_rmsd_bond.PDB_model_num             1 
_pdbx_validate_rmsd_bond.auth_atom_id_1            CE1 
_pdbx_validate_rmsd_bond.auth_asym_id_1            B 
_pdbx_validate_rmsd_bond.auth_comp_id_1            TYR 
_pdbx_validate_rmsd_bond.auth_seq_id_1             65 
_pdbx_validate_rmsd_bond.PDB_ins_code_1            ? 
_pdbx_validate_rmsd_bond.label_alt_id_1            ? 
_pdbx_validate_rmsd_bond.auth_atom_id_2            CZ 
_pdbx_validate_rmsd_bond.auth_asym_id_2            B 
_pdbx_validate_rmsd_bond.auth_comp_id_2            TYR 
_pdbx_validate_rmsd_bond.auth_seq_id_2             65 
_pdbx_validate_rmsd_bond.PDB_ins_code_2            ? 
_pdbx_validate_rmsd_bond.label_alt_id_2            ? 
_pdbx_validate_rmsd_bond.bond_value                1.297 
_pdbx_validate_rmsd_bond.bond_target_value         1.381 
_pdbx_validate_rmsd_bond.bond_deviation            -0.084 
_pdbx_validate_rmsd_bond.bond_standard_deviation   0.013 
_pdbx_validate_rmsd_bond.linker_flag               N 
# 
loop_
_pdbx_validate_rmsd_angle.id 
_pdbx_validate_rmsd_angle.PDB_model_num 
_pdbx_validate_rmsd_angle.auth_atom_id_1 
_pdbx_validate_rmsd_angle.auth_asym_id_1 
_pdbx_validate_rmsd_angle.auth_comp_id_1 
_pdbx_validate_rmsd_angle.auth_seq_id_1 
_pdbx_validate_rmsd_angle.PDB_ins_code_1 
_pdbx_validate_rmsd_angle.label_alt_id_1 
_pdbx_validate_rmsd_angle.auth_atom_id_2 
_pdbx_validate_rmsd_angle.auth_asym_id_2 
_pdbx_validate_rmsd_angle.auth_comp_id_2 
_pdbx_validate_rmsd_angle.auth_seq_id_2 
_pdbx_validate_rmsd_angle.PDB_ins_code_2 
_pdbx_validate_rmsd_angle.label_alt_id_2 
_pdbx_validate_rmsd_angle.auth_atom_id_3 
_pdbx_validate_rmsd_angle.auth_asym_id_3 
_pdbx_validate_rmsd_angle.auth_comp_id_3 
_pdbx_validate_rmsd_angle.auth_seq_id_3 
_pdbx_validate_rmsd_angle.PDB_ins_code_3 
_pdbx_validate_rmsd_angle.label_alt_id_3 
_pdbx_validate_rmsd_angle.angle_value 
_pdbx_validate_rmsd_angle.angle_target_value 
_pdbx_validate_rmsd_angle.angle_deviation 
_pdbx_validate_rmsd_angle.angle_standard_deviation 
_pdbx_validate_rmsd_angle.linker_flag 
1  1 CB  A ASP 11 ? ? CG A ASP 11 ? ? OD2 A ASP 11 ? ? 124.40 118.30 6.10   0.90 N 
2  1 CB  A ASP 35 ? ? CG A ASP 35 ? ? OD1 A ASP 35 ? ? 123.97 118.30 5.67   0.90 N 
3  1 CA  A MSE 36 ? ? CB A MSE 36 ? ? CG  A MSE 36 ? ? 126.97 113.30 13.67  1.70 N 
4  1 NE  A ARG 41 ? ? CZ A ARG 41 ? ? NH1 A ARG 41 ? ? 124.21 120.30 3.91   0.50 N 
5  1 NE  A ARG 41 ? ? CZ A ARG 41 ? ? NH2 A ARG 41 ? ? 112.74 120.30 -7.56  0.50 N 
6  1 CB  A LEU 47 ? ? CG A LEU 47 ? ? CD2 A LEU 47 ? ? 98.64  111.00 -12.36 1.70 N 
7  1 CB  A ASP 67 ? ? CG A ASP 67 ? ? OD2 A ASP 67 ? ? 132.04 118.30 13.74  0.90 N 
8  1 OD1 B ASP 35 ? ? CG B ASP 35 ? ? OD2 B ASP 35 ? ? 111.68 123.30 -11.62 1.90 N 
9  1 CB  B ASP 35 ? ? CG B ASP 35 ? ? OD2 B ASP 35 ? ? 125.65 118.30 7.35   0.90 N 
10 1 NE  B ARG 49 ? ? CZ B ARG 49 ? ? NH1 B ARG 49 ? ? 123.64 120.30 3.34   0.50 N 
11 1 NE  B ARG 55 ? ? CZ B ARG 55 ? ? NH1 B ARG 55 ? ? 116.23 120.30 -4.07  0.50 N 
# 
loop_
_pdbx_struct_mod_residue.id 
_pdbx_struct_mod_residue.label_asym_id 
_pdbx_struct_mod_residue.label_comp_id 
_pdbx_struct_mod_residue.label_seq_id 
_pdbx_struct_mod_residue.auth_asym_id 
_pdbx_struct_mod_residue.auth_comp_id 
_pdbx_struct_mod_residue.auth_seq_id 
_pdbx_struct_mod_residue.PDB_ins_code 
_pdbx_struct_mod_residue.parent_comp_id 
_pdbx_struct_mod_residue.details 
1 A MSE 34 A MSE 34 ? MET SELENOMETHIONINE 
2 A MSE 36 A MSE 36 ? MET SELENOMETHIONINE 
3 B MSE 34 B MSE 34 ? MET SELENOMETHIONINE 
4 B MSE 36 B MSE 36 ? MET SELENOMETHIONINE 
# 
loop_
_pdbx_unobs_or_zero_occ_residues.id 
_pdbx_unobs_or_zero_occ_residues.PDB_model_num 
_pdbx_unobs_or_zero_occ_residues.polymer_flag 
_pdbx_unobs_or_zero_occ_residues.occupancy_flag 
_pdbx_unobs_or_zero_occ_residues.auth_asym_id 
_pdbx_unobs_or_zero_occ_residues.auth_comp_id 
_pdbx_unobs_or_zero_occ_residues.auth_seq_id 
_pdbx_unobs_or_zero_occ_residues.PDB_ins_code 
_pdbx_unobs_or_zero_occ_residues.label_asym_id 
_pdbx_unobs_or_zero_occ_residues.label_comp_id 
_pdbx_unobs_or_zero_occ_residues.label_seq_id 
1  1 Y 1 A ALA 1  ? A ALA 1  
2  1 Y 1 A MSE 2  ? A MSE 2  
3  1 Y 1 A ALA 3  ? A ALA 3  
4  1 Y 1 A THR 4  ? A THR 4  
5  1 Y 1 A ARG 5  ? A ARG 5  
6  1 Y 1 A GLN 6  ? A GLN 6  
7  1 Y 1 A GLU 7  ? A GLU 7  
8  1 Y 1 A GLU 8  ? A GLU 8  
9  1 Y 1 A MSE 9  ? A MSE 9  
10 1 Y 1 A ILE 10 ? A ILE 10 
11 1 Y 1 A ASP 70 ? A ASP 70 
12 1 Y 1 A LEU 71 ? A LEU 71 
13 1 Y 1 A LYS 72 ? A LYS 72 
14 1 Y 1 B ALA 1  ? B ALA 1  
15 1 Y 1 B MSE 2  ? B MSE 2  
16 1 Y 1 B ALA 3  ? B ALA 3  
17 1 Y 1 B THR 4  ? B THR 4  
18 1 Y 1 B ARG 5  ? B ARG 5  
19 1 Y 1 B GLN 6  ? B GLN 6  
20 1 Y 1 B GLU 7  ? B GLU 7  
21 1 Y 1 B GLU 8  ? B GLU 8  
22 1 Y 1 B MSE 9  ? B MSE 9  
23 1 Y 1 B ILE 10 ? B ILE 10 
24 1 Y 1 B ASP 70 ? B ASP 70 
25 1 Y 1 B LEU 71 ? B LEU 71 
26 1 Y 1 B LYS 72 ? B LYS 72 
# 
loop_
_chem_comp_atom.comp_id 
_chem_comp_atom.atom_id 
_chem_comp_atom.type_symbol 
_chem_comp_atom.pdbx_aromatic_flag 
_chem_comp_atom.pdbx_stereo_config 
_chem_comp_atom.pdbx_ordinal 
ALA N    N  N N 1   
ALA CA   C  N S 2   
ALA C    C  N N 3   
ALA O    O  N N 4   
ALA CB   C  N N 5   
ALA OXT  O  N N 6   
ALA H    H  N N 7   
ALA H2   H  N N 8   
ALA HA   H  N N 9   
ALA HB1  H  N N 10  
ALA HB2  H  N N 11  
ALA HB3  H  N N 12  
ALA HXT  H  N N 13  
ARG N    N  N N 14  
ARG CA   C  N S 15  
ARG C    C  N N 16  
ARG O    O  N N 17  
ARG CB   C  N N 18  
ARG CG   C  N N 19  
ARG CD   C  N N 20  
ARG NE   N  N N 21  
ARG CZ   C  N N 22  
ARG NH1  N  N N 23  
ARG NH2  N  N N 24  
ARG OXT  O  N N 25  
ARG H    H  N N 26  
ARG H2   H  N N 27  
ARG HA   H  N N 28  
ARG HB2  H  N N 29  
ARG HB3  H  N N 30  
ARG HG2  H  N N 31  
ARG HG3  H  N N 32  
ARG HD2  H  N N 33  
ARG HD3  H  N N 34  
ARG HE   H  N N 35  
ARG HH11 H  N N 36  
ARG HH12 H  N N 37  
ARG HH21 H  N N 38  
ARG HH22 H  N N 39  
ARG HXT  H  N N 40  
ASN N    N  N N 41  
ASN CA   C  N S 42  
ASN C    C  N N 43  
ASN O    O  N N 44  
ASN CB   C  N N 45  
ASN CG   C  N N 46  
ASN OD1  O  N N 47  
ASN ND2  N  N N 48  
ASN OXT  O  N N 49  
ASN H    H  N N 50  
ASN H2   H  N N 51  
ASN HA   H  N N 52  
ASN HB2  H  N N 53  
ASN HB3  H  N N 54  
ASN HD21 H  N N 55  
ASN HD22 H  N N 56  
ASN HXT  H  N N 57  
ASP N    N  N N 58  
ASP CA   C  N S 59  
ASP C    C  N N 60  
ASP O    O  N N 61  
ASP CB   C  N N 62  
ASP CG   C  N N 63  
ASP OD1  O  N N 64  
ASP OD2  O  N N 65  
ASP OXT  O  N N 66  
ASP H    H  N N 67  
ASP H2   H  N N 68  
ASP HA   H  N N 69  
ASP HB2  H  N N 70  
ASP HB3  H  N N 71  
ASP HD2  H  N N 72  
ASP HXT  H  N N 73  
CYS N    N  N N 74  
CYS CA   C  N R 75  
CYS C    C  N N 76  
CYS O    O  N N 77  
CYS CB   C  N N 78  
CYS SG   S  N N 79  
CYS OXT  O  N N 80  
CYS H    H  N N 81  
CYS H2   H  N N 82  
CYS HA   H  N N 83  
CYS HB2  H  N N 84  
CYS HB3  H  N N 85  
CYS HG   H  N N 86  
CYS HXT  H  N N 87  
GLN N    N  N N 88  
GLN CA   C  N S 89  
GLN C    C  N N 90  
GLN O    O  N N 91  
GLN CB   C  N N 92  
GLN CG   C  N N 93  
GLN CD   C  N N 94  
GLN OE1  O  N N 95  
GLN NE2  N  N N 96  
GLN OXT  O  N N 97  
GLN H    H  N N 98  
GLN H2   H  N N 99  
GLN HA   H  N N 100 
GLN HB2  H  N N 101 
GLN HB3  H  N N 102 
GLN HG2  H  N N 103 
GLN HG3  H  N N 104 
GLN HE21 H  N N 105 
GLN HE22 H  N N 106 
GLN HXT  H  N N 107 
GLU N    N  N N 108 
GLU CA   C  N S 109 
GLU C    C  N N 110 
GLU O    O  N N 111 
GLU CB   C  N N 112 
GLU CG   C  N N 113 
GLU CD   C  N N 114 
GLU OE1  O  N N 115 
GLU OE2  O  N N 116 
GLU OXT  O  N N 117 
GLU H    H  N N 118 
GLU H2   H  N N 119 
GLU HA   H  N N 120 
GLU HB2  H  N N 121 
GLU HB3  H  N N 122 
GLU HG2  H  N N 123 
GLU HG3  H  N N 124 
GLU HE2  H  N N 125 
GLU HXT  H  N N 126 
HIS N    N  N N 127 
HIS CA   C  N S 128 
HIS C    C  N N 129 
HIS O    O  N N 130 
HIS CB   C  N N 131 
HIS CG   C  Y N 132 
HIS ND1  N  Y N 133 
HIS CD2  C  Y N 134 
HIS CE1  C  Y N 135 
HIS NE2  N  Y N 136 
HIS OXT  O  N N 137 
HIS H    H  N N 138 
HIS H2   H  N N 139 
HIS HA   H  N N 140 
HIS HB2  H  N N 141 
HIS HB3  H  N N 142 
HIS HD1  H  N N 143 
HIS HD2  H  N N 144 
HIS HE1  H  N N 145 
HIS HE2  H  N N 146 
HIS HXT  H  N N 147 
HOH O    O  N N 148 
HOH H1   H  N N 149 
HOH H2   H  N N 150 
ILE N    N  N N 151 
ILE CA   C  N S 152 
ILE C    C  N N 153 
ILE O    O  N N 154 
ILE CB   C  N S 155 
ILE CG1  C  N N 156 
ILE CG2  C  N N 157 
ILE CD1  C  N N 158 
ILE OXT  O  N N 159 
ILE H    H  N N 160 
ILE H2   H  N N 161 
ILE HA   H  N N 162 
ILE HB   H  N N 163 
ILE HG12 H  N N 164 
ILE HG13 H  N N 165 
ILE HG21 H  N N 166 
ILE HG22 H  N N 167 
ILE HG23 H  N N 168 
ILE HD11 H  N N 169 
ILE HD12 H  N N 170 
ILE HD13 H  N N 171 
ILE HXT  H  N N 172 
LEU N    N  N N 173 
LEU CA   C  N S 174 
LEU C    C  N N 175 
LEU O    O  N N 176 
LEU CB   C  N N 177 
LEU CG   C  N N 178 
LEU CD1  C  N N 179 
LEU CD2  C  N N 180 
LEU OXT  O  N N 181 
LEU H    H  N N 182 
LEU H2   H  N N 183 
LEU HA   H  N N 184 
LEU HB2  H  N N 185 
LEU HB3  H  N N 186 
LEU HG   H  N N 187 
LEU HD11 H  N N 188 
LEU HD12 H  N N 189 
LEU HD13 H  N N 190 
LEU HD21 H  N N 191 
LEU HD22 H  N N 192 
LEU HD23 H  N N 193 
LEU HXT  H  N N 194 
LYS N    N  N N 195 
LYS CA   C  N S 196 
LYS C    C  N N 197 
LYS O    O  N N 198 
LYS CB   C  N N 199 
LYS CG   C  N N 200 
LYS CD   C  N N 201 
LYS CE   C  N N 202 
LYS NZ   N  N N 203 
LYS OXT  O  N N 204 
LYS H    H  N N 205 
LYS H2   H  N N 206 
LYS HA   H  N N 207 
LYS HB2  H  N N 208 
LYS HB3  H  N N 209 
LYS HG2  H  N N 210 
LYS HG3  H  N N 211 
LYS HD2  H  N N 212 
LYS HD3  H  N N 213 
LYS HE2  H  N N 214 
LYS HE3  H  N N 215 
LYS HZ1  H  N N 216 
LYS HZ2  H  N N 217 
LYS HZ3  H  N N 218 
LYS HXT  H  N N 219 
MET N    N  N N 220 
MET CA   C  N S 221 
MET C    C  N N 222 
MET O    O  N N 223 
MET CB   C  N N 224 
MET CG   C  N N 225 
MET SD   S  N N 226 
MET CE   C  N N 227 
MET OXT  O  N N 228 
MET H    H  N N 229 
MET H2   H  N N 230 
MET HA   H  N N 231 
MET HB2  H  N N 232 
MET HB3  H  N N 233 
MET HG2  H  N N 234 
MET HG3  H  N N 235 
MET HE1  H  N N 236 
MET HE2  H  N N 237 
MET HE3  H  N N 238 
MET HXT  H  N N 239 
MSE N    N  N N 240 
MSE CA   C  N S 241 
MSE C    C  N N 242 
MSE O    O  N N 243 
MSE OXT  O  N N 244 
MSE CB   C  N N 245 
MSE CG   C  N N 246 
MSE SE   SE N N 247 
MSE CE   C  N N 248 
MSE H    H  N N 249 
MSE H2   H  N N 250 
MSE HA   H  N N 251 
MSE HXT  H  N N 252 
MSE HB2  H  N N 253 
MSE HB3  H  N N 254 
MSE HG2  H  N N 255 
MSE HG3  H  N N 256 
MSE HE1  H  N N 257 
MSE HE2  H  N N 258 
MSE HE3  H  N N 259 
SER N    N  N N 260 
SER CA   C  N S 261 
SER C    C  N N 262 
SER O    O  N N 263 
SER CB   C  N N 264 
SER OG   O  N N 265 
SER OXT  O  N N 266 
SER H    H  N N 267 
SER H2   H  N N 268 
SER HA   H  N N 269 
SER HB2  H  N N 270 
SER HB3  H  N N 271 
SER HG   H  N N 272 
SER HXT  H  N N 273 
THR N    N  N N 274 
THR CA   C  N S 275 
THR C    C  N N 276 
THR O    O  N N 277 
THR CB   C  N R 278 
THR OG1  O  N N 279 
THR CG2  C  N N 280 
THR OXT  O  N N 281 
THR H    H  N N 282 
THR H2   H  N N 283 
THR HA   H  N N 284 
THR HB   H  N N 285 
THR HG1  H  N N 286 
THR HG21 H  N N 287 
THR HG22 H  N N 288 
THR HG23 H  N N 289 
THR HXT  H  N N 290 
TRP N    N  N N 291 
TRP CA   C  N S 292 
TRP C    C  N N 293 
TRP O    O  N N 294 
TRP CB   C  N N 295 
TRP CG   C  Y N 296 
TRP CD1  C  Y N 297 
TRP CD2  C  Y N 298 
TRP NE1  N  Y N 299 
TRP CE2  C  Y N 300 
TRP CE3  C  Y N 301 
TRP CZ2  C  Y N 302 
TRP CZ3  C  Y N 303 
TRP CH2  C  Y N 304 
TRP OXT  O  N N 305 
TRP H    H  N N 306 
TRP H2   H  N N 307 
TRP HA   H  N N 308 
TRP HB2  H  N N 309 
TRP HB3  H  N N 310 
TRP HD1  H  N N 311 
TRP HE1  H  N N 312 
TRP HE3  H  N N 313 
TRP HZ2  H  N N 314 
TRP HZ3  H  N N 315 
TRP HH2  H  N N 316 
TRP HXT  H  N N 317 
TYR N    N  N N 318 
TYR CA   C  N S 319 
TYR C    C  N N 320 
TYR O    O  N N 321 
TYR CB   C  N N 322 
TYR CG   C  Y N 323 
TYR CD1  C  Y N 324 
TYR CD2  C  Y N 325 
TYR CE1  C  Y N 326 
TYR CE2  C  Y N 327 
TYR CZ   C  Y N 328 
TYR OH   O  N N 329 
TYR OXT  O  N N 330 
TYR H    H  N N 331 
TYR H2   H  N N 332 
TYR HA   H  N N 333 
TYR HB2  H  N N 334 
TYR HB3  H  N N 335 
TYR HD1  H  N N 336 
TYR HD2  H  N N 337 
TYR HE1  H  N N 338 
TYR HE2  H  N N 339 
TYR HH   H  N N 340 
TYR HXT  H  N N 341 
VAL N    N  N N 342 
VAL CA   C  N S 343 
VAL C    C  N N 344 
VAL O    O  N N 345 
VAL CB   C  N N 346 
VAL CG1  C  N N 347 
VAL CG2  C  N N 348 
VAL OXT  O  N N 349 
VAL H    H  N N 350 
VAL H2   H  N N 351 
VAL HA   H  N N 352 
VAL HB   H  N N 353 
VAL HG11 H  N N 354 
VAL HG12 H  N N 355 
VAL HG13 H  N N 356 
VAL HG21 H  N N 357 
VAL HG22 H  N N 358 
VAL HG23 H  N N 359 
VAL HXT  H  N N 360 
# 
loop_
_chem_comp_bond.comp_id 
_chem_comp_bond.atom_id_1 
_chem_comp_bond.atom_id_2 
_chem_comp_bond.value_order 
_chem_comp_bond.pdbx_aromatic_flag 
_chem_comp_bond.pdbx_stereo_config 
_chem_comp_bond.pdbx_ordinal 
ALA N   CA   sing N N 1   
ALA N   H    sing N N 2   
ALA N   H2   sing N N 3   
ALA CA  C    sing N N 4   
ALA CA  CB   sing N N 5   
ALA CA  HA   sing N N 6   
ALA C   O    doub N N 7   
ALA C   OXT  sing N N 8   
ALA CB  HB1  sing N N 9   
ALA CB  HB2  sing N N 10  
ALA CB  HB3  sing N N 11  
ALA OXT HXT  sing N N 12  
ARG N   CA   sing N N 13  
ARG N   H    sing N N 14  
ARG N   H2   sing N N 15  
ARG CA  C    sing N N 16  
ARG CA  CB   sing N N 17  
ARG CA  HA   sing N N 18  
ARG C   O    doub N N 19  
ARG C   OXT  sing N N 20  
ARG CB  CG   sing N N 21  
ARG CB  HB2  sing N N 22  
ARG CB  HB3  sing N N 23  
ARG CG  CD   sing N N 24  
ARG CG  HG2  sing N N 25  
ARG CG  HG3  sing N N 26  
ARG CD  NE   sing N N 27  
ARG CD  HD2  sing N N 28  
ARG CD  HD3  sing N N 29  
ARG NE  CZ   sing N N 30  
ARG NE  HE   sing N N 31  
ARG CZ  NH1  sing N N 32  
ARG CZ  NH2  doub N N 33  
ARG NH1 HH11 sing N N 34  
ARG NH1 HH12 sing N N 35  
ARG NH2 HH21 sing N N 36  
ARG NH2 HH22 sing N N 37  
ARG OXT HXT  sing N N 38  
ASN N   CA   sing N N 39  
ASN N   H    sing N N 40  
ASN N   H2   sing N N 41  
ASN CA  C    sing N N 42  
ASN CA  CB   sing N N 43  
ASN CA  HA   sing N N 44  
ASN C   O    doub N N 45  
ASN C   OXT  sing N N 46  
ASN CB  CG   sing N N 47  
ASN CB  HB2  sing N N 48  
ASN CB  HB3  sing N N 49  
ASN CG  OD1  doub N N 50  
ASN CG  ND2  sing N N 51  
ASN ND2 HD21 sing N N 52  
ASN ND2 HD22 sing N N 53  
ASN OXT HXT  sing N N 54  
ASP N   CA   sing N N 55  
ASP N   H    sing N N 56  
ASP N   H2   sing N N 57  
ASP CA  C    sing N N 58  
ASP CA  CB   sing N N 59  
ASP CA  HA   sing N N 60  
ASP C   O    doub N N 61  
ASP C   OXT  sing N N 62  
ASP CB  CG   sing N N 63  
ASP CB  HB2  sing N N 64  
ASP CB  HB3  sing N N 65  
ASP CG  OD1  doub N N 66  
ASP CG  OD2  sing N N 67  
ASP OD2 HD2  sing N N 68  
ASP OXT HXT  sing N N 69  
CYS N   CA   sing N N 70  
CYS N   H    sing N N 71  
CYS N   H2   sing N N 72  
CYS CA  C    sing N N 73  
CYS CA  CB   sing N N 74  
CYS CA  HA   sing N N 75  
CYS C   O    doub N N 76  
CYS C   OXT  sing N N 77  
CYS CB  SG   sing N N 78  
CYS CB  HB2  sing N N 79  
CYS CB  HB3  sing N N 80  
CYS SG  HG   sing N N 81  
CYS OXT HXT  sing N N 82  
GLN N   CA   sing N N 83  
GLN N   H    sing N N 84  
GLN N   H2   sing N N 85  
GLN CA  C    sing N N 86  
GLN CA  CB   sing N N 87  
GLN CA  HA   sing N N 88  
GLN C   O    doub N N 89  
GLN C   OXT  sing N N 90  
GLN CB  CG   sing N N 91  
GLN CB  HB2  sing N N 92  
GLN CB  HB3  sing N N 93  
GLN CG  CD   sing N N 94  
GLN CG  HG2  sing N N 95  
GLN CG  HG3  sing N N 96  
GLN CD  OE1  doub N N 97  
GLN CD  NE2  sing N N 98  
GLN NE2 HE21 sing N N 99  
GLN NE2 HE22 sing N N 100 
GLN OXT HXT  sing N N 101 
GLU N   CA   sing N N 102 
GLU N   H    sing N N 103 
GLU N   H2   sing N N 104 
GLU CA  C    sing N N 105 
GLU CA  CB   sing N N 106 
GLU CA  HA   sing N N 107 
GLU C   O    doub N N 108 
GLU C   OXT  sing N N 109 
GLU CB  CG   sing N N 110 
GLU CB  HB2  sing N N 111 
GLU CB  HB3  sing N N 112 
GLU CG  CD   sing N N 113 
GLU CG  HG2  sing N N 114 
GLU CG  HG3  sing N N 115 
GLU CD  OE1  doub N N 116 
GLU CD  OE2  sing N N 117 
GLU OE2 HE2  sing N N 118 
GLU OXT HXT  sing N N 119 
HIS N   CA   sing N N 120 
HIS N   H    sing N N 121 
HIS N   H2   sing N N 122 
HIS CA  C    sing N N 123 
HIS CA  CB   sing N N 124 
HIS CA  HA   sing N N 125 
HIS C   O    doub N N 126 
HIS C   OXT  sing N N 127 
HIS CB  CG   sing N N 128 
HIS CB  HB2  sing N N 129 
HIS CB  HB3  sing N N 130 
HIS CG  ND1  sing Y N 131 
HIS CG  CD2  doub Y N 132 
HIS ND1 CE1  doub Y N 133 
HIS ND1 HD1  sing N N 134 
HIS CD2 NE2  sing Y N 135 
HIS CD2 HD2  sing N N 136 
HIS CE1 NE2  sing Y N 137 
HIS CE1 HE1  sing N N 138 
HIS NE2 HE2  sing N N 139 
HIS OXT HXT  sing N N 140 
HOH O   H1   sing N N 141 
HOH O   H2   sing N N 142 
ILE N   CA   sing N N 143 
ILE N   H    sing N N 144 
ILE N   H2   sing N N 145 
ILE CA  C    sing N N 146 
ILE CA  CB   sing N N 147 
ILE CA  HA   sing N N 148 
ILE C   O    doub N N 149 
ILE C   OXT  sing N N 150 
ILE CB  CG1  sing N N 151 
ILE CB  CG2  sing N N 152 
ILE CB  HB   sing N N 153 
ILE CG1 CD1  sing N N 154 
ILE CG1 HG12 sing N N 155 
ILE CG1 HG13 sing N N 156 
ILE CG2 HG21 sing N N 157 
ILE CG2 HG22 sing N N 158 
ILE CG2 HG23 sing N N 159 
ILE CD1 HD11 sing N N 160 
ILE CD1 HD12 sing N N 161 
ILE CD1 HD13 sing N N 162 
ILE OXT HXT  sing N N 163 
LEU N   CA   sing N N 164 
LEU N   H    sing N N 165 
LEU N   H2   sing N N 166 
LEU CA  C    sing N N 167 
LEU CA  CB   sing N N 168 
LEU CA  HA   sing N N 169 
LEU C   O    doub N N 170 
LEU C   OXT  sing N N 171 
LEU CB  CG   sing N N 172 
LEU CB  HB2  sing N N 173 
LEU CB  HB3  sing N N 174 
LEU CG  CD1  sing N N 175 
LEU CG  CD2  sing N N 176 
LEU CG  HG   sing N N 177 
LEU CD1 HD11 sing N N 178 
LEU CD1 HD12 sing N N 179 
LEU CD1 HD13 sing N N 180 
LEU CD2 HD21 sing N N 181 
LEU CD2 HD22 sing N N 182 
LEU CD2 HD23 sing N N 183 
LEU OXT HXT  sing N N 184 
LYS N   CA   sing N N 185 
LYS N   H    sing N N 186 
LYS N   H2   sing N N 187 
LYS CA  C    sing N N 188 
LYS CA  CB   sing N N 189 
LYS CA  HA   sing N N 190 
LYS C   O    doub N N 191 
LYS C   OXT  sing N N 192 
LYS CB  CG   sing N N 193 
LYS CB  HB2  sing N N 194 
LYS CB  HB3  sing N N 195 
LYS CG  CD   sing N N 196 
LYS CG  HG2  sing N N 197 
LYS CG  HG3  sing N N 198 
LYS CD  CE   sing N N 199 
LYS CD  HD2  sing N N 200 
LYS CD  HD3  sing N N 201 
LYS CE  NZ   sing N N 202 
LYS CE  HE2  sing N N 203 
LYS CE  HE3  sing N N 204 
LYS NZ  HZ1  sing N N 205 
LYS NZ  HZ2  sing N N 206 
LYS NZ  HZ3  sing N N 207 
LYS OXT HXT  sing N N 208 
MET N   CA   sing N N 209 
MET N   H    sing N N 210 
MET N   H2   sing N N 211 
MET CA  C    sing N N 212 
MET CA  CB   sing N N 213 
MET CA  HA   sing N N 214 
MET C   O    doub N N 215 
MET C   OXT  sing N N 216 
MET CB  CG   sing N N 217 
MET CB  HB2  sing N N 218 
MET CB  HB3  sing N N 219 
MET CG  SD   sing N N 220 
MET CG  HG2  sing N N 221 
MET CG  HG3  sing N N 222 
MET SD  CE   sing N N 223 
MET CE  HE1  sing N N 224 
MET CE  HE2  sing N N 225 
MET CE  HE3  sing N N 226 
MET OXT HXT  sing N N 227 
MSE N   CA   sing N N 228 
MSE N   H    sing N N 229 
MSE N   H2   sing N N 230 
MSE CA  C    sing N N 231 
MSE CA  CB   sing N N 232 
MSE CA  HA   sing N N 233 
MSE C   O    doub N N 234 
MSE C   OXT  sing N N 235 
MSE OXT HXT  sing N N 236 
MSE CB  CG   sing N N 237 
MSE CB  HB2  sing N N 238 
MSE CB  HB3  sing N N 239 
MSE CG  SE   sing N N 240 
MSE CG  HG2  sing N N 241 
MSE CG  HG3  sing N N 242 
MSE SE  CE   sing N N 243 
MSE CE  HE1  sing N N 244 
MSE CE  HE2  sing N N 245 
MSE CE  HE3  sing N N 246 
SER N   CA   sing N N 247 
SER N   H    sing N N 248 
SER N   H2   sing N N 249 
SER CA  C    sing N N 250 
SER CA  CB   sing N N 251 
SER CA  HA   sing N N 252 
SER C   O    doub N N 253 
SER C   OXT  sing N N 254 
SER CB  OG   sing N N 255 
SER CB  HB2  sing N N 256 
SER CB  HB3  sing N N 257 
SER OG  HG   sing N N 258 
SER OXT HXT  sing N N 259 
THR N   CA   sing N N 260 
THR N   H    sing N N 261 
THR N   H2   sing N N 262 
THR CA  C    sing N N 263 
THR CA  CB   sing N N 264 
THR CA  HA   sing N N 265 
THR C   O    doub N N 266 
THR C   OXT  sing N N 267 
THR CB  OG1  sing N N 268 
THR CB  CG2  sing N N 269 
THR CB  HB   sing N N 270 
THR OG1 HG1  sing N N 271 
THR CG2 HG21 sing N N 272 
THR CG2 HG22 sing N N 273 
THR CG2 HG23 sing N N 274 
THR OXT HXT  sing N N 275 
TRP N   CA   sing N N 276 
TRP N   H    sing N N 277 
TRP N   H2   sing N N 278 
TRP CA  C    sing N N 279 
TRP CA  CB   sing N N 280 
TRP CA  HA   sing N N 281 
TRP C   O    doub N N 282 
TRP C   OXT  sing N N 283 
TRP CB  CG   sing N N 284 
TRP CB  HB2  sing N N 285 
TRP CB  HB3  sing N N 286 
TRP CG  CD1  doub Y N 287 
TRP CG  CD2  sing Y N 288 
TRP CD1 NE1  sing Y N 289 
TRP CD1 HD1  sing N N 290 
TRP CD2 CE2  doub Y N 291 
TRP CD2 CE3  sing Y N 292 
TRP NE1 CE2  sing Y N 293 
TRP NE1 HE1  sing N N 294 
TRP CE2 CZ2  sing Y N 295 
TRP CE3 CZ3  doub Y N 296 
TRP CE3 HE3  sing N N 297 
TRP CZ2 CH2  doub Y N 298 
TRP CZ2 HZ2  sing N N 299 
TRP CZ3 CH2  sing Y N 300 
TRP CZ3 HZ3  sing N N 301 
TRP CH2 HH2  sing N N 302 
TRP OXT HXT  sing N N 303 
TYR N   CA   sing N N 304 
TYR N   H    sing N N 305 
TYR N   H2   sing N N 306 
TYR CA  C    sing N N 307 
TYR CA  CB   sing N N 308 
TYR CA  HA   sing N N 309 
TYR C   O    doub N N 310 
TYR C   OXT  sing N N 311 
TYR CB  CG   sing N N 312 
TYR CB  HB2  sing N N 313 
TYR CB  HB3  sing N N 314 
TYR CG  CD1  doub Y N 315 
TYR CG  CD2  sing Y N 316 
TYR CD1 CE1  sing Y N 317 
TYR CD1 HD1  sing N N 318 
TYR CD2 CE2  doub Y N 319 
TYR CD2 HD2  sing N N 320 
TYR CE1 CZ   doub Y N 321 
TYR CE1 HE1  sing N N 322 
TYR CE2 CZ   sing Y N 323 
TYR CE2 HE2  sing N N 324 
TYR CZ  OH   sing N N 325 
TYR OH  HH   sing N N 326 
TYR OXT HXT  sing N N 327 
VAL N   CA   sing N N 328 
VAL N   H    sing N N 329 
VAL N   H2   sing N N 330 
VAL CA  C    sing N N 331 
VAL CA  CB   sing N N 332 
VAL CA  HA   sing N N 333 
VAL C   O    doub N N 334 
VAL C   OXT  sing N N 335 
VAL CB  CG1  sing N N 336 
VAL CB  CG2  sing N N 337 
VAL CB  HB   sing N N 338 
VAL CG1 HG11 sing N N 339 
VAL CG1 HG12 sing N N 340 
VAL CG1 HG13 sing N N 341 
VAL CG2 HG21 sing N N 342 
VAL CG2 HG22 sing N N 343 
VAL CG2 HG23 sing N N 344 
VAL OXT HXT  sing N N 345 
# 
_atom_sites.entry_id                    1WQ6 
_atom_sites.fract_transf_matrix[1][1]   0.00526906 
_atom_sites.fract_transf_matrix[1][2]   -0.00020599 
_atom_sites.fract_transf_matrix[1][3]   -0.01560200 
_atom_sites.fract_transf_matrix[2][1]   0.00662031 
_atom_sites.fract_transf_matrix[2][2]   -0.01123310 
_atom_sites.fract_transf_matrix[2][3]   0.00238410 
_atom_sites.fract_transf_matrix[3][1]   -0.02615600 
_atom_sites.fract_transf_matrix[3][2]   -0.01724169 
_atom_sites.fract_transf_matrix[3][3]   -0.00860570 
_atom_sites.fract_transf_vector[1]      1.060256 
_atom_sites.fract_transf_vector[2]      0.491773 
_atom_sites.fract_transf_vector[3]      0.509193 
# 
loop_
_atom_type.symbol 
C  
N  
O  
S  
SE 
# 
loop_
_atom_site.group_PDB 
_atom_site.id 
_atom_site.type_symbol 
_atom_site.label_atom_id 
_atom_site.label_alt_id 
_atom_site.label_comp_id 
_atom_site.label_asym_id 
_atom_site.label_entity_id 
_atom_site.label_seq_id 
_atom_site.pdbx_PDB_ins_code 
_atom_site.Cartn_x 
_atom_site.Cartn_y 
_atom_site.Cartn_z 
_atom_site.occupancy 
_atom_site.B_iso_or_equiv 
_atom_site.pdbx_formal_charge 
_atom_site.auth_seq_id 
_atom_site.auth_comp_id 
_atom_site.auth_asym_id 
_atom_site.auth_atom_id 
_atom_site.pdbx_PDB_model_num 
ATOM   1    N  N   . ASP A 1 11 ? 8.265   -34.425 4.599   1.00 77.09 ? 11  ASP A N   1 
ATOM   2    C  CA  . ASP A 1 11 ? 6.882   -34.904 4.288   1.00 77.45 ? 11  ASP A CA  1 
ATOM   3    C  C   . ASP A 1 11 ? 5.850   -33.902 4.825   1.00 76.38 ? 11  ASP A C   1 
ATOM   4    O  O   . ASP A 1 11 ? 4.725   -33.808 4.310   1.00 77.51 ? 11  ASP A O   1 
ATOM   5    C  CB  . ASP A 1 11 ? 6.660   -36.349 4.791   1.00 77.87 ? 11  ASP A CB  1 
ATOM   6    C  CG  . ASP A 1 11 ? 5.843   -36.432 6.079   1.00 80.93 ? 11  ASP A CG  1 
ATOM   7    O  OD1 . ASP A 1 11 ? 6.475   -36.399 7.158   1.00 82.91 ? 11  ASP A OD1 1 
ATOM   8    O  OD2 . ASP A 1 11 ? 4.588   -36.552 6.120   1.00 81.58 ? 11  ASP A OD2 1 
ATOM   9    N  N   . HIS A 1 12 ? 6.240   -33.144 5.851   1.00 74.03 ? 12  HIS A N   1 
ATOM   10   C  CA  . HIS A 1 12 ? 5.499   -31.929 6.200   1.00 71.82 ? 12  HIS A CA  1 
ATOM   11   C  C   . HIS A 1 12 ? 6.080   -30.694 5.502   1.00 67.13 ? 12  HIS A C   1 
ATOM   12   O  O   . HIS A 1 12 ? 5.504   -29.612 5.618   1.00 66.74 ? 12  HIS A O   1 
ATOM   13   C  CB  . HIS A 1 12 ? 5.259   -31.810 7.724   1.00 72.85 ? 12  HIS A CB  1 
ATOM   14   C  CG  . HIS A 1 12 ? 4.256   -32.820 8.204   1.00 78.23 ? 12  HIS A CG  1 
ATOM   15   N  ND1 . HIS A 1 12 ? 4.572   -34.159 8.363   1.00 82.20 ? 12  HIS A ND1 1 
ATOM   16   C  CD2 . HIS A 1 12 ? 2.926   -32.712 8.449   1.00 80.41 ? 12  HIS A CD2 1 
ATOM   17   C  CE1 . HIS A 1 12 ? 3.487   -34.823 8.724   1.00 83.64 ? 12  HIS A CE1 1 
ATOM   18   N  NE2 . HIS A 1 12 ? 2.477   -33.969 8.787   1.00 84.09 ? 12  HIS A NE2 1 
ATOM   19   N  N   . ARG A 1 13 ? 7.173   -30.861 4.749   1.00 61.47 ? 13  ARG A N   1 
ATOM   20   C  CA  . ARG A 1 13 ? 7.682   -29.785 3.900   1.00 56.93 ? 13  ARG A CA  1 
ATOM   21   C  C   . ARG A 1 13 ? 6.986   -29.738 2.547   1.00 51.61 ? 13  ARG A C   1 
ATOM   22   O  O   . ARG A 1 13 ? 6.667   -30.770 1.935   1.00 52.37 ? 13  ARG A O   1 
ATOM   23   C  CB  . ARG A 1 13 ? 9.175   -29.912 3.661   1.00 57.72 ? 13  ARG A CB  1 
ATOM   24   C  CG  . ARG A 1 13 ? 9.610   -31.110 2.858   1.00 58.86 ? 13  ARG A CG  1 
ATOM   25   C  CD  . ARG A 1 13 ? 11.139  -31.305 2.950   1.00 62.14 ? 13  ARG A CD  1 
ATOM   26   N  NE  . ARG A 1 13 ? 11.701  -31.311 1.599   1.00 63.32 ? 13  ARG A NE  1 
ATOM   27   C  CZ  . ARG A 1 13 ? 12.327  -32.317 0.994   1.00 64.31 ? 13  ARG A CZ  1 
ATOM   28   N  NH1 . ARG A 1 13 ? 12.508  -33.503 1.583   1.00 62.94 ? 13  ARG A NH1 1 
ATOM   29   N  NH2 . ARG A 1 13 ? 12.739  -32.119 -0.262  1.00 67.64 ? 13  ARG A NH2 1 
ATOM   30   N  N   . LEU A 1 14 ? 6.857   -28.526 2.026   1.00 44.64 ? 14  LEU A N   1 
ATOM   31   C  CA  . LEU A 1 14 ? 6.077   -28.296 0.811   1.00 39.58 ? 14  LEU A CA  1 
ATOM   32   C  C   . LEU A 1 14 ? 6.732   -28.740 -0.498  1.00 38.05 ? 14  LEU A C   1 
ATOM   33   O  O   . LEU A 1 14 ? 7.970   -28.732 -0.618  1.00 34.42 ? 14  LEU A O   1 
ATOM   34   C  CB  . LEU A 1 14 ? 5.758   -26.797 0.774   1.00 40.85 ? 14  LEU A CB  1 
ATOM   35   C  CG  . LEU A 1 14 ? 5.457   -26.148 2.112   1.00 41.51 ? 14  LEU A CG  1 
ATOM   36   C  CD1 . LEU A 1 14 ? 5.393   -24.614 1.925   1.00 46.02 ? 14  LEU A CD1 1 
ATOM   37   C  CD2 . LEU A 1 14 ? 4.107   -26.704 2.535   1.00 44.09 ? 14  LEU A CD2 1 
ATOM   38   N  N   . THR A 1 15 ? 5.933   -29.170 -1.475  1.00 33.45 ? 15  THR A N   1 
ATOM   39   C  CA  . THR A 1 15 ? 6.389   -29.380 -2.829  1.00 33.35 ? 15  THR A CA  1 
ATOM   40   C  C   . THR A 1 15 ? 6.795   -28.062 -3.475  1.00 30.28 ? 15  THR A C   1 
ATOM   41   O  O   . THR A 1 15 ? 6.516   -26.979 -2.982  1.00 29.70 ? 15  THR A O   1 
ATOM   42   C  CB  . THR A 1 15 ? 5.309   -30.064 -3.727  1.00 34.32 ? 15  THR A CB  1 
ATOM   43   O  OG1 . THR A 1 15 ? 4.174   -29.205 -3.868  1.00 30.40 ? 15  THR A OG1 1 
ATOM   44   C  CG2 . THR A 1 15 ? 4.830   -31.421 -3.138  1.00 35.88 ? 15  THR A CG2 1 
ATOM   45   N  N   . ASP A 1 16 ? 7.370   -28.155 -4.649  1.00 30.51 ? 16  ASP A N   1 
ATOM   46   C  CA  . ASP A 1 16 ? 7.695   -26.953 -5.401  1.00 31.14 ? 16  ASP A CA  1 
ATOM   47   C  C   . ASP A 1 16 ? 6.461   -26.124 -5.670  1.00 30.06 ? 16  ASP A C   1 
ATOM   48   O  O   . ASP A 1 16 ? 6.408   -24.877 -5.563  1.00 25.37 ? 16  ASP A O   1 
ATOM   49   C  CB  . ASP A 1 16 ? 8.376   -27.238 -6.733  1.00 32.59 ? 16  ASP A CB  1 
ATOM   50   C  CG  . ASP A 1 16 ? 9.849   -27.687 -6.564  1.00 41.31 ? 16  ASP A CG  1 
ATOM   51   O  OD1 . ASP A 1 16 ? 10.428  -27.495 -5.459  1.00 41.18 ? 16  ASP A OD1 1 
ATOM   52   O  OD2 . ASP A 1 16 ? 10.461  -28.219 -7.540  1.00 40.92 ? 16  ASP A OD2 1 
ATOM   53   N  N   . ARG A 1 17 ? 5.427   -26.803 -6.163  1.00 28.06 ? 17  ARG A N   1 
ATOM   54   C  CA  . ARG A 1 17 ? 4.148   -26.144 -6.381  1.00 27.40 ? 17  ARG A CA  1 
ATOM   55   C  C   . ARG A 1 17 ? 3.512   -25.541 -5.132  1.00 24.91 ? 17  ARG A C   1 
ATOM   56   O  O   . ARG A 1 17 ? 2.998   -24.408 -5.233  1.00 28.18 ? 17  ARG A O   1 
ATOM   57   C  CB  . ARG A 1 17 ? 3.153   -27.129 -7.108  1.00 28.39 ? 17  ARG A CB  1 
ATOM   58   C  CG  . ARG A 1 17 ? 1.947   -26.326 -7.531  1.00 30.80 ? 17  ARG A CG  1 
ATOM   59   C  CD  . ARG A 1 17 ? 1.039   -27.172 -8.473  1.00 35.08 ? 17  ARG A CD  1 
ATOM   60   N  NE  . ARG A 1 17 ? 0.463   -28.264 -7.673  1.00 31.60 ? 17  ARG A NE  1 
ATOM   61   C  CZ  . ARG A 1 17 ? -0.223  -29.258 -8.244  1.00 40.42 ? 17  ARG A CZ  1 
ATOM   62   N  NH1 . ARG A 1 17 ? -0.295  -29.323 -9.559  1.00 39.67 ? 17  ARG A NH1 1 
ATOM   63   N  NH2 . ARG A 1 17 ? -0.764  -30.239 -7.543  1.00 38.40 ? 17  ARG A NH2 1 
ATOM   64   N  N   . GLU A 1 18 ? 3.492   -26.232 -3.993  1.00 23.48 ? 18  GLU A N   1 
ATOM   65   C  CA  . GLU A 1 18 ? 3.013   -25.630 -2.779  1.00 24.74 ? 18  GLU A CA  1 
ATOM   66   C  C   . GLU A 1 18 ? 3.759   -24.332 -2.373  1.00 24.57 ? 18  GLU A C   1 
ATOM   67   O  O   . GLU A 1 18 ? 3.139   -23.367 -1.922  1.00 19.05 ? 18  GLU A O   1 
ATOM   68   C  CB  . GLU A 1 18 ? 3.136   -26.611 -1.656  1.00 25.57 ? 18  GLU A CB  1 
ATOM   69   C  CG  . GLU A 1 18 ? 2.104   -27.762 -1.888  1.00 31.29 ? 18  GLU A CG  1 
ATOM   70   C  CD  . GLU A 1 18 ? 2.242   -28.919 -0.884  1.00 36.12 ? 18  GLU A CD  1 
ATOM   71   O  OE1 . GLU A 1 18 ? 3.285   -29.030 -0.175  1.00 35.05 ? 18  GLU A OE1 1 
ATOM   72   O  OE2 . GLU A 1 18 ? 1.319   -29.760 -0.787  1.00 40.89 ? 18  GLU A OE2 1 
ATOM   73   N  N   . TRP A 1 19 ? 5.078   -24.306 -2.600  1.00 25.52 ? 19  TRP A N   1 
ATOM   74   C  CA  . TRP A 1 19 ? 5.877   -23.112 -2.250  1.00 25.51 ? 19  TRP A CA  1 
ATOM   75   C  C   . TRP A 1 19 ? 5.467   -21.984 -3.202  1.00 25.90 ? 19  TRP A C   1 
ATOM   76   O  O   . TRP A 1 19 ? 5.152   -20.860 -2.745  1.00 26.85 ? 19  TRP A O   1 
ATOM   77   C  CB  . TRP A 1 19 ? 7.357   -23.441 -2.425  1.00 26.10 ? 19  TRP A CB  1 
ATOM   78   C  CG  . TRP A 1 19 ? 8.042   -23.860 -1.225  1.00 26.25 ? 19  TRP A CG  1 
ATOM   79   C  CD1 . TRP A 1 19 ? 8.712   -25.004 -1.015  1.00 27.15 ? 19  TRP A CD1 1 
ATOM   80   C  CD2 . TRP A 1 19 ? 8.206   -23.082 -0.060  1.00 24.83 ? 19  TRP A CD2 1 
ATOM   81   N  NE1 . TRP A 1 19 ? 9.182   -25.047 0.277   1.00 27.33 ? 19  TRP A NE1 1 
ATOM   82   C  CE2 . TRP A 1 19 ? 8.955   -23.841 0.856   1.00 29.48 ? 19  TRP A CE2 1 
ATOM   83   C  CE3 . TRP A 1 19 ? 7.786   -21.816 0.324   1.00 26.67 ? 19  TRP A CE3 1 
ATOM   84   C  CZ2 . TRP A 1 19 ? 9.337   -23.352 2.104   1.00 26.19 ? 19  TRP A CZ2 1 
ATOM   85   C  CZ3 . TRP A 1 19 ? 8.175   -21.337 1.530   1.00 26.14 ? 19  TRP A CZ3 1 
ATOM   86   C  CH2 . TRP A 1 19 ? 8.903   -22.108 2.413   1.00 30.56 ? 19  TRP A CH2 1 
ATOM   87   N  N   . ALA A 1 20 ? 5.357   -22.299 -4.499  1.00 27.13 ? 20  ALA A N   1 
ATOM   88   C  CA  . ALA A 1 20 ? 4.926   -21.342 -5.491  1.00 26.47 ? 20  ALA A CA  1 
ATOM   89   C  C   . ALA A 1 20 ? 3.560   -20.745 -5.178  1.00 28.08 ? 20  ALA A C   1 
ATOM   90   O  O   . ALA A 1 20 ? 3.365   -19.540 -5.275  1.00 24.92 ? 20  ALA A O   1 
ATOM   91   C  CB  . ALA A 1 20 ? 5.068   -21.852 -6.908  1.00 31.30 ? 20  ALA A CB  1 
ATOM   92   N  N   . GLU A 1 21 ? 2.599   -21.558 -4.752  1.00 28.77 ? 21  GLU A N   1 
ATOM   93   C  CA  . GLU A 1 21 ? 1.343   -21.045 -4.251  1.00 28.95 ? 21  GLU A CA  1 
ATOM   94   C  C   . GLU A 1 21 ? 1.433   -20.092 -3.057  1.00 27.72 ? 21  GLU A C   1 
ATOM   95   O  O   . GLU A 1 21 ? 0.750   -19.076 -2.920  1.00 28.65 ? 21  GLU A O   1 
ATOM   96   C  CB  . GLU A 1 21 ? 0.449   -22.235 -3.856  1.00 28.22 ? 21  GLU A CB  1 
ATOM   97   C  CG  . GLU A 1 21 ? -0.020  -22.922 -5.113  1.00 30.69 ? 21  GLU A CG  1 
ATOM   98   C  CD  . GLU A 1 21 ? -0.523  -24.396 -5.139  1.00 44.41 ? 21  GLU A CD  1 
ATOM   99   O  OE1 . GLU A 1 21 ? -0.246  -25.371 -4.377  1.00 32.01 ? 21  GLU A OE1 1 
ATOM   100  O  OE2 . GLU A 1 21 ? -1.259  -24.608 -6.145  1.00 48.63 ? 21  GLU A OE2 1 
ATOM   101  N  N   . GLU A 1 22 ? 2.204   -20.484 -2.089  1.00 27.54 ? 22  GLU A N   1 
ATOM   102  C  CA  . GLU A 1 22 ? 2.424   -19.640 -0.963  1.00 27.95 ? 22  GLU A CA  1 
ATOM   103  C  C   . GLU A 1 22 ? 2.899   -18.247 -1.377  1.00 26.38 ? 22  GLU A C   1 
ATOM   104  O  O   . GLU A 1 22 ? 2.396   -17.230 -0.894  1.00 26.21 ? 22  GLU A O   1 
ATOM   105  C  CB  . GLU A 1 22 ? 3.522   -20.199 -0.077  1.00 29.91 ? 22  GLU A CB  1 
ATOM   106  C  CG  . GLU A 1 22 ? 3.178   -21.321 0.865   1.00 35.82 ? 22  GLU A CG  1 
ATOM   107  C  CD  . GLU A 1 22 ? 1.954   -21.033 1.687   1.00 48.85 ? 22  GLU A CD  1 
ATOM   108  O  OE1 . GLU A 1 22 ? 1.600   -19.837 1.872   1.00 51.74 ? 22  GLU A OE1 1 
ATOM   109  O  OE2 . GLU A 1 22 ? 1.398   -22.060 2.139   1.00 51.87 ? 22  GLU A OE2 1 
ATOM   110  N  N   . TRP A 1 23 ? 3.922   -18.167 -2.203  1.00 27.27 ? 23  TRP A N   1 
ATOM   111  C  CA  . TRP A 1 23 ? 4.464   -16.812 -2.462  1.00 28.73 ? 23  TRP A CA  1 
ATOM   112  C  C   . TRP A 1 23 ? 3.431   -16.064 -3.316  1.00 28.42 ? 23  TRP A C   1 
ATOM   113  O  O   . TRP A 1 23 ? 3.354   -14.874 -3.285  1.00 23.03 ? 23  TRP A O   1 
ATOM   114  C  CB  . TRP A 1 23 ? 5.733   -16.892 -3.289  1.00 27.66 ? 23  TRP A CB  1 
ATOM   115  C  CG  . TRP A 1 23 ? 6.854   -17.529 -2.565  1.00 24.60 ? 23  TRP A CG  1 
ATOM   116  C  CD1 . TRP A 1 23 ? 7.432   -18.747 -2.828  1.00 24.26 ? 23  TRP A CD1 1 
ATOM   117  C  CD2 . TRP A 1 23 ? 7.575   -16.967 -1.473  1.00 27.06 ? 23  TRP A CD2 1 
ATOM   118  N  NE1 . TRP A 1 23 ? 8.460   -18.988 -1.941  1.00 26.02 ? 23  TRP A NE1 1 
ATOM   119  C  CE2 . TRP A 1 23 ? 8.544   -17.920 -1.078  1.00 24.45 ? 23  TRP A CE2 1 
ATOM   120  C  CE3 . TRP A 1 23 ? 7.450   -15.771 -0.743  1.00 28.59 ? 23  TRP A CE3 1 
ATOM   121  C  CZ2 . TRP A 1 23 ? 9.419   -17.686 -0.041  1.00 28.60 ? 23  TRP A CZ2 1 
ATOM   122  C  CZ3 . TRP A 1 23 ? 8.329   -15.522 0.233   1.00 29.29 ? 23  TRP A CZ3 1 
ATOM   123  C  CH2 . TRP A 1 23 ? 9.302   -16.497 0.619   1.00 28.53 ? 23  TRP A CH2 1 
ATOM   124  N  N   . LYS A 1 24 ? 2.693   -16.763 -4.201  1.00 28.35 ? 24  LYS A N   1 
ATOM   125  C  CA  . LYS A 1 24 ? 1.695   -16.086 -5.020  1.00 28.95 ? 24  LYS A CA  1 
ATOM   126  C  C   . LYS A 1 24 ? 0.576   -15.538 -4.140  1.00 28.93 ? 24  LYS A C   1 
ATOM   127  O  O   . LYS A 1 24 ? 0.013   -14.462 -4.413  1.00 30.69 ? 24  LYS A O   1 
ATOM   128  C  CB  . LYS A 1 24 ? 1.174   -17.026 -6.124  1.00 31.92 ? 24  LYS A CB  1 
ATOM   129  C  CG  . LYS A 1 24 ? -0.288  -16.785 -6.565  1.00 37.94 ? 24  LYS A CG  1 
ATOM   130  C  CD  . LYS A 1 24 ? -0.730  -15.495 -7.218  1.00 48.66 ? 24  LYS A CD  1 
ATOM   131  C  CE  . LYS A 1 24 ? -2.245  -15.123 -6.873  1.00 55.16 ? 24  LYS A CE  1 
ATOM   132  N  NZ  . LYS A 1 24 ? -2.647  -13.690 -7.174  1.00 51.84 ? 24  LYS A NZ  1 
ATOM   133  N  N   . HIS A 1 25 ? 0.200   -16.295 -3.102  1.00 29.27 ? 25  HIS A N   1 
ATOM   134  C  CA  . HIS A 1 25 ? -0.796  -15.825 -2.154  1.00 28.99 ? 25  HIS A CA  1 
ATOM   135  C  C   . HIS A 1 25 ? -0.322  -14.545 -1.443  1.00 27.62 ? 25  HIS A C   1 
ATOM   136  O  O   . HIS A 1 25 ? -1.134  -13.641 -1.239  1.00 27.17 ? 25  HIS A O   1 
ATOM   137  C  CB  . HIS A 1 25 ? -1.048  -16.877 -1.108  1.00 30.05 ? 25  HIS A CB  1 
ATOM   138  C  CG  . HIS A 1 25 ? -1.863  -16.390 0.033   1.00 31.86 ? 25  HIS A CG  1 
ATOM   139  N  ND1 . HIS A 1 25 ? -1.728  -16.897 1.302   1.00 48.33 ? 25  HIS A ND1 1 
ATOM   140  C  CD2 . HIS A 1 25 ? -2.880  -15.501 0.090   1.00 41.97 ? 25  HIS A CD2 1 
ATOM   141  C  CE1 . HIS A 1 25 ? -2.601  -16.318 2.106   1.00 47.32 ? 25  HIS A CE1 1 
ATOM   142  N  NE2 . HIS A 1 25 ? -3.332  -15.486 1.386   1.00 41.45 ? 25  HIS A NE2 1 
ATOM   143  N  N   . LEU A 1 26 ? 0.963   -14.455 -1.086  1.00 25.53 ? 26  LEU A N   1 
ATOM   144  C  CA  . LEU A 1 26 ? 1.546   -13.261 -0.470  1.00 24.80 ? 26  LEU A CA  1 
ATOM   145  C  C   . LEU A 1 26 ? 1.485   -12.109 -1.410  1.00 22.93 ? 26  LEU A C   1 
ATOM   146  O  O   . LEU A 1 26 ? 1.088   -10.977 -1.111  1.00 23.44 ? 26  LEU A O   1 
ATOM   147  C  CB  . LEU A 1 26 ? 2.987   -13.547 0.025   1.00 25.99 ? 26  LEU A CB  1 
ATOM   148  C  CG  . LEU A 1 26 ? 2.936   -14.352 1.341   1.00 31.43 ? 26  LEU A CG  1 
ATOM   149  C  CD1 . LEU A 1 26 ? 4.383   -14.720 1.707   1.00 32.83 ? 26  LEU A CD1 1 
ATOM   150  C  CD2 . LEU A 1 26 ? 2.407   -13.495 2.476   1.00 32.79 ? 26  LEU A CD2 1 
ATOM   151  N  N   . ASP A 1 27 ? 1.890   -12.383 -2.637  1.00 21.58 ? 27  ASP A N   1 
ATOM   152  C  CA  . ASP A 1 27 ? 1.837   -11.373 -3.655  1.00 23.46 ? 27  ASP A CA  1 
ATOM   153  C  C   . ASP A 1 27 ? 0.450   -10.780 -3.883  1.00 27.19 ? 27  ASP A C   1 
ATOM   154  O  O   . ASP A 1 27 ? 0.360   -9.535  -4.033  1.00 25.31 ? 27  ASP A O   1 
ATOM   155  C  CB  . ASP A 1 27 ? 2.363   -11.952 -4.987  1.00 26.80 ? 27  ASP A CB  1 
ATOM   156  C  CG  . ASP A 1 27 ? 2.567   -10.887 -6.031  1.00 31.05 ? 27  ASP A CG  1 
ATOM   157  O  OD1 . ASP A 1 27 ? 3.592   -10.170 -5.898  1.00 28.67 ? 27  ASP A OD1 1 
ATOM   158  O  OD2 . ASP A 1 27 ? 1.761   -10.724 -6.969  1.00 36.69 ? 27  ASP A OD2 1 
ATOM   159  N  N   . HIS A 1 28 ? -0.579  -11.650 -3.945  1.00 26.09 ? 28  HIS A N   1 
ATOM   160  C  CA  . HIS A 1 28 ? -1.953  -11.237 -3.963  1.00 28.40 ? 28  HIS A CA  1 
ATOM   161  C  C   . HIS A 1 28 ? -2.408  -10.352 -2.787  1.00 28.10 ? 28  HIS A C   1 
ATOM   162  O  O   . HIS A 1 28 ? -3.161  -9.394  -2.919  1.00 29.62 ? 28  HIS A O   1 
ATOM   163  C  CB  . HIS A 1 28 ? -2.910  -12.458 -4.094  1.00 30.73 ? 28  HIS A CB  1 
ATOM   164  C  CG  . HIS A 1 28 ? -4.371  -12.086 -4.019  1.00 35.51 ? 28  HIS A CG  1 
ATOM   165  N  ND1 . HIS A 1 28 ? -5.082  -11.678 -5.125  1.00 42.28 ? 28  HIS A ND1 1 
ATOM   166  C  CD2 . HIS A 1 28 ? -5.243  -12.056 -2.980  1.00 43.72 ? 28  HIS A CD2 1 
ATOM   167  C  CE1 . HIS A 1 28 ? -6.334  -11.437 -4.781  1.00 38.97 ? 28  HIS A CE1 1 
ATOM   168  N  NE2 . HIS A 1 28 ? -6.457  -11.649 -3.484  1.00 41.15 ? 28  HIS A NE2 1 
ATOM   169  N  N   . LEU A 1 29 ? -2.037  -10.707 -1.593  1.00 27.66 ? 29  LEU A N   1 
ATOM   170  C  CA  . LEU A 1 29 ? -2.343  -9.869  -0.459  1.00 27.76 ? 29  LEU A CA  1 
ATOM   171  C  C   . LEU A 1 29 ? -1.705  -8.515  -0.654  1.00 27.07 ? 29  LEU A C   1 
ATOM   172  O  O   . LEU A 1 29 ? -2.341  -7.511  -0.404  1.00 27.63 ? 29  LEU A O   1 
ATOM   173  C  CB  . LEU A 1 29 ? -1.769  -10.525 0.769   1.00 28.07 ? 29  LEU A CB  1 
ATOM   174  C  CG  . LEU A 1 29 ? -2.491  -11.329 1.814   1.00 33.87 ? 29  LEU A CG  1 
ATOM   175  C  CD1 . LEU A 1 29 ? -3.959  -11.519 1.536   1.00 41.07 ? 29  LEU A CD1 1 
ATOM   176  C  CD2 . LEU A 1 29 ? -1.727  -12.533 2.190   1.00 31.01 ? 29  LEU A CD2 1 
ATOM   177  N  N   . LEU A 1 30 ? -0.448  -8.413  -1.102  1.00 26.22 ? 30  LEU A N   1 
ATOM   178  C  CA  . LEU A 1 30 ? 0.122   -7.088  -1.273  1.00 25.48 ? 30  LEU A CA  1 
ATOM   179  C  C   . LEU A 1 30 ? -0.598  -6.300  -2.363  1.00 28.81 ? 30  LEU A C   1 
ATOM   180  O  O   . LEU A 1 30 ? -0.861  -5.087  -2.303  1.00 23.06 ? 30  LEU A O   1 
ATOM   181  C  CB  . LEU A 1 30 ? 1.615   -7.187  -1.640  1.00 26.04 ? 30  LEU A CB  1 
ATOM   182  C  CG  . LEU A 1 30 ? 2.465   -7.801  -0.559  1.00 24.42 ? 30  LEU A CG  1 
ATOM   183  C  CD1 . LEU A 1 30 ? 3.942   -7.879  -0.947  1.00 20.37 ? 30  LEU A CD1 1 
ATOM   184  C  CD2 . LEU A 1 30 ? 2.341   -7.070  0.732   1.00 23.56 ? 30  LEU A CD2 1 
ATOM   185  N  N   . ASN A 1 31 ? -0.959  -7.031  -3.399  1.00 30.14 ? 31  ASN A N   1 
ATOM   186  C  CA  . ASN A 1 31 ? -1.769  -6.413  -4.409  1.00 33.80 ? 31  ASN A CA  1 
ATOM   187  C  C   . ASN A 1 31 ? -3.096  -5.883  -3.934  1.00 32.99 ? 31  ASN A C   1 
ATOM   188  O  O   . ASN A 1 31 ? -3.407  -4.786  -4.394  1.00 35.22 ? 31  ASN A O   1 
ATOM   189  C  CB  . ASN A 1 31 ? -2.009  -7.300  -5.630  1.00 34.75 ? 31  ASN A CB  1 
ATOM   190  C  CG  . ASN A 1 31 ? -0.698  -7.607  -6.382  1.00 36.72 ? 31  ASN A CG  1 
ATOM   191  O  OD1 . ASN A 1 31 ? 0.314   -6.900  -6.336  1.00 33.80 ? 31  ASN A OD1 1 
ATOM   192  N  ND2 . ASN A 1 31 ? -0.748  -8.712  -7.082  1.00 39.01 ? 31  ASN A ND2 1 
ATOM   193  N  N   . CYS A 1 32 ? -3.832  -6.623  -3.109  1.00 34.95 ? 32  CYS A N   1 
ATOM   194  C  CA  . CYS A 1 32 ? -5.026  -6.132  -2.464  1.00 35.65 ? 32  CYS A CA  1 
ATOM   195  C  C   . CYS A 1 32 ? -4.811  -4.871  -1.629  1.00 33.54 ? 32  CYS A C   1 
ATOM   196  O  O   . CYS A 1 32 ? -5.632  -3.970  -1.693  1.00 31.18 ? 32  CYS A O   1 
ATOM   197  C  CB  . CYS A 1 32 ? -5.628  -7.169  -1.554  1.00 38.92 ? 32  CYS A CB  1 
ATOM   198  S  SG  . CYS A 1 32 ? -6.923  -8.232  -2.308  1.00 53.25 ? 32  CYS A SG  1 
ATOM   199  N  N   . ILE A 1 33 ? -3.735  -4.797  -0.838  1.00 29.81 ? 33  ILE A N   1 
ATOM   200  C  CA  . ILE A 1 33 ? -3.339  -3.566  -0.140  1.00 27.20 ? 33  ILE A CA  1 
ATOM   201  C  C   . ILE A 1 33 ? -3.127  -2.387  -1.054  1.00 27.24 ? 33  ILE A C   1 
ATOM   202  O  O   . ILE A 1 33 ? -3.678  -1.312  -0.832  1.00 26.52 ? 33  ILE A O   1 
ATOM   203  C  CB  . ILE A 1 33 ? -2.075  -3.785  0.751   1.00 25.83 ? 33  ILE A CB  1 
ATOM   204  C  CG1 . ILE A 1 33 ? -2.455  -4.785  1.853   1.00 28.84 ? 33  ILE A CG1 1 
ATOM   205  C  CG2 . ILE A 1 33 ? -1.623  -2.450  1.425   1.00 24.08 ? 33  ILE A CG2 1 
ATOM   206  C  CD1 . ILE A 1 33 ? -1.273  -5.494  2.416   1.00 30.08 ? 33  ILE A CD1 1 
HETATM 207  N  N   . MSE A 1 34 ? -2.322  -2.533  -2.094  1.00 29.41 ? 34  MSE A N   1 
HETATM 208  C  CA  . MSE A 1 34 ? -2.158  -1.438  -3.058  1.00 30.76 ? 34  MSE A CA  1 
HETATM 209  C  C   . MSE A 1 34 ? -3.444  -0.903  -3.661  1.00 33.47 ? 34  MSE A C   1 
HETATM 210  O  O   . MSE A 1 34 ? -3.612  0.282   -3.869  1.00 33.38 ? 34  MSE A O   1 
HETATM 211  C  CB  . MSE A 1 34 ? -1.362  -1.931  -4.271  1.00 32.89 ? 34  MSE A CB  1 
HETATM 212  C  CG  . MSE A 1 34 ? 0.018   -2.370  -3.980  1.00 35.73 ? 34  MSE A CG  1 
HETATM 213  SE SE  . MSE A 1 34 ? 0.938   -0.708  -3.292  1.00 56.40 ? 34  MSE A SE  1 
HETATM 214  C  CE  . MSE A 1 34 ? 0.515   0.579   -4.772  1.00 41.22 ? 34  MSE A CE  1 
ATOM   215  N  N   . ASP A 1 35 ? -4.315  -1.813  -4.068  1.00 36.76 ? 35  ASP A N   1 
ATOM   216  C  CA  . ASP A 1 35 ? -5.622  -1.518  -4.628  1.00 36.80 ? 35  ASP A CA  1 
ATOM   217  C  C   . ASP A 1 35 ? -6.469  -0.726  -3.609  1.00 34.97 ? 35  ASP A C   1 
ATOM   218  O  O   . ASP A 1 35 ? -7.148  0.257   -3.958  1.00 34.25 ? 35  ASP A O   1 
ATOM   219  C  CB  . ASP A 1 35 ? -6.353  -2.821  -4.945  1.00 37.62 ? 35  ASP A CB  1 
ATOM   220  C  CG  . ASP A 1 35 ? -5.794  -3.640  -6.163  1.00 46.96 ? 35  ASP A CG  1 
ATOM   221  O  OD1 . ASP A 1 35 ? -4.903  -3.205  -6.966  1.00 45.56 ? 35  ASP A OD1 1 
ATOM   222  O  OD2 . ASP A 1 35 ? -6.308  -4.793  -6.399  1.00 50.52 ? 35  ASP A OD2 1 
HETATM 223  N  N   . MSE A 1 36 ? -6.495  -1.180  -2.361  1.00 31.53 ? 36  MSE A N   1 
HETATM 224  C  CA  . MSE A 1 36 ? -7.217  -0.541  -1.288  1.00 31.63 ? 36  MSE A CA  1 
HETATM 225  C  C   . MSE A 1 36 ? -6.625  0.853   -1.097  1.00 29.94 ? 36  MSE A C   1 
HETATM 226  O  O   . MSE A 1 36 ? -7.358  1.810   -0.832  1.00 33.38 ? 36  MSE A O   1 
HETATM 227  C  CB  . MSE A 1 36 ? -7.204  -1.274  0.089   1.00 31.53 ? 36  MSE A CB  1 
HETATM 228  C  CG  . MSE A 1 36 ? -7.733  -2.693  0.390   1.00 44.50 ? 36  MSE A CG  1 
HETATM 229  SE SE  . MSE A 1 36 ? -9.650  -2.453  -0.102  1.00 77.19 ? 36  MSE A SE  1 
HETATM 230  C  CE  . MSE A 1 36 ? -9.778  -3.664  -1.805  1.00 71.23 ? 36  MSE A CE  1 
ATOM   231  N  N   . VAL A 1 37 ? -5.318  1.048   -1.168  1.00 28.64 ? 37  VAL A N   1 
ATOM   232  C  CA  . VAL A 1 37 ? -4.741  2.374   -1.006  1.00 28.69 ? 37  VAL A CA  1 
ATOM   233  C  C   . VAL A 1 37 ? -5.093  3.250   -2.222  1.00 32.05 ? 37  VAL A C   1 
ATOM   234  O  O   . VAL A 1 37 ? -5.488  4.418   -2.092  1.00 26.96 ? 37  VAL A O   1 
ATOM   235  C  CB  . VAL A 1 37 ? -3.195  2.244   -0.838  1.00 28.39 ? 37  VAL A CB  1 
ATOM   236  C  CG1 . VAL A 1 37 ? -2.498  3.522   -0.970  1.00 33.45 ? 37  VAL A CG1 1 
ATOM   237  C  CG2 . VAL A 1 37 ? -2.812  1.670   0.448   1.00 27.07 ? 37  VAL A CG2 1 
ATOM   238  N  N   . GLU A 1 38 ? -5.054  2.715   -3.449  1.00 33.41 ? 38  GLU A N   1 
ATOM   239  C  CA  . GLU A 1 38 ? -5.217  3.670   -4.523  1.00 36.46 ? 38  GLU A CA  1 
ATOM   240  C  C   . GLU A 1 38 ? -6.735  3.950   -4.498  1.00 35.42 ? 38  GLU A C   1 
ATOM   241  O  O   . GLU A 1 38 ? -7.180  5.034   -4.758  1.00 36.14 ? 38  GLU A O   1 
ATOM   242  C  CB  . GLU A 1 38 ? -4.439  3.381   -5.860  1.00 39.82 ? 38  GLU A CB  1 
ATOM   243  C  CG  . GLU A 1 38 ? -4.244  4.594   -6.854  1.00 39.37 ? 38  GLU A CG  1 
ATOM   244  C  CD  . GLU A 1 38 ? -2.950  5.397   -6.716  1.00 49.90 ? 38  GLU A CD  1 
ATOM   245  O  OE1 . GLU A 1 38 ? -2.019  4.771   -6.192  1.00 54.74 ? 38  GLU A OE1 1 
ATOM   246  O  OE2 . GLU A 1 38 ? -2.784  6.616   -7.065  1.00 53.97 ? 38  GLU A OE2 1 
ATOM   247  N  N   . LYS A 1 39 ? -7.564  3.058   -3.998  1.00 36.65 ? 39  LYS A N   1 
ATOM   248  C  CA  . LYS A 1 39 ? -8.953  3.381   -3.819  1.00 36.60 ? 39  LYS A CA  1 
ATOM   249  C  C   . LYS A 1 39 ? -9.263  4.482   -2.755  1.00 35.69 ? 39  LYS A C   1 
ATOM   250  O  O   . LYS A 1 39 ? -10.177 5.278   -2.852  1.00 33.50 ? 39  LYS A O   1 
ATOM   251  C  CB  . LYS A 1 39 ? -9.590  2.093   -3.428  1.00 39.40 ? 39  LYS A CB  1 
ATOM   252  C  CG  . LYS A 1 39 ? -11.040 2.134   -3.247  1.00 42.75 ? 39  LYS A CG  1 
ATOM   253  C  CD  . LYS A 1 39 ? -11.463 0.657   -3.078  1.00 49.22 ? 39  LYS A CD  1 
ATOM   254  C  CE  . LYS A 1 39 ? -11.774 -0.159  -4.349  1.00 54.90 ? 39  LYS A CE  1 
ATOM   255  N  NZ  . LYS A 1 39 ? -12.837 0.357   -5.288  1.00 55.13 ? 39  LYS A NZ  1 
ATOM   256  N  N   . THR A 1 40 ? -8.483  4.485   -1.697  1.00 31.61 ? 40  THR A N   1 
ATOM   257  C  CA  . THR A 1 40 ? -8.491  5.561   -0.723  1.00 29.89 ? 40  THR A CA  1 
ATOM   258  C  C   . THR A 1 40 ? -8.103  6.897   -1.383  1.00 28.83 ? 40  THR A C   1 
ATOM   259  O  O   . THR A 1 40 ? -8.735  7.926   -1.169  1.00 28.06 ? 40  THR A O   1 
ATOM   260  C  CB  . THR A 1 40 ? -7.565  5.132   0.426   1.00 26.95 ? 40  THR A CB  1 
ATOM   261  O  OG1 . THR A 1 40 ? -8.035  3.906   1.040   1.00 21.52 ? 40  THR A OG1 1 
ATOM   262  C  CG2 . THR A 1 40 ? -7.511  6.176   1.530   1.00 23.91 ? 40  THR A CG2 1 
ATOM   263  N  N   . ARG A 1 41 ? -7.091  6.870   -2.213  1.00 29.30 ? 41  ARG A N   1 
ATOM   264  C  CA  . ARG A 1 41 ? -6.526  8.035   -2.853  1.00 32.32 ? 41  ARG A CA  1 
ATOM   265  C  C   . ARG A 1 41 ? -7.517  8.667   -3.756  1.00 34.47 ? 41  ARG A C   1 
ATOM   266  O  O   . ARG A 1 41 ? -7.647  9.897   -3.760  1.00 32.10 ? 41  ARG A O   1 
ATOM   267  C  CB  . ARG A 1 41 ? -5.366  7.681   -3.745  1.00 33.96 ? 41  ARG A CB  1 
ATOM   268  C  CG  . ARG A 1 41 ? -4.065  7.943   -3.196  1.00 36.75 ? 41  ARG A CG  1 
ATOM   269  C  CD  . ARG A 1 41 ? -3.011  7.119   -3.825  1.00 34.62 ? 41  ARG A CD  1 
ATOM   270  N  NE  . ARG A 1 41 ? -2.257  7.914   -4.778  1.00 44.03 ? 41  ARG A NE  1 
ATOM   271  C  CZ  . ARG A 1 41 ? -1.365  8.862   -4.525  1.00 53.88 ? 41  ARG A CZ  1 
ATOM   272  N  NH1 . ARG A 1 41 ? -1.151  9.407   -3.287  1.00 40.14 ? 41  ARG A NH1 1 
ATOM   273  N  NH2 . ARG A 1 41 ? -0.737  9.297   -5.637  1.00 55.37 ? 41  ARG A NH2 1 
ATOM   274  N  N   . ARG A 1 42 ? -8.274  7.818   -4.423  1.00 36.63 ? 42  ARG A N   1 
ATOM   275  C  CA  . ARG A 1 42 ? -9.341  8.323   -5.266  1.00 39.32 ? 42  ARG A CA  1 
ATOM   276  C  C   . ARG A 1 42 ? -10.573 8.769   -4.456  1.00 40.14 ? 42  ARG A C   1 
ATOM   277  O  O   . ARG A 1 42 ? -11.124 9.824   -4.791  1.00 41.45 ? 42  ARG A O   1 
ATOM   278  C  CB  . ARG A 1 42 ? -9.704  7.392   -6.440  1.00 41.97 ? 42  ARG A CB  1 
ATOM   279  C  CG  . ARG A 1 42 ? -8.617  6.504   -7.013  1.00 47.88 ? 42  ARG A CG  1 
ATOM   280  C  CD  . ARG A 1 42 ? -7.869  7.019   -8.242  1.00 58.90 ? 42  ARG A CD  1 
ATOM   281  N  NE  . ARG A 1 42 ? -6.914  6.024   -8.750  1.00 67.95 ? 42  ARG A NE  1 
ATOM   282  C  CZ  . ARG A 1 42 ? -7.181  5.082   -9.662  1.00 72.14 ? 42  ARG A CZ  1 
ATOM   283  N  NH1 . ARG A 1 42 ? -8.386  4.961   -10.218 1.00 74.28 ? 42  ARG A NH1 1 
ATOM   284  N  NH2 . ARG A 1 42 ? -6.209  4.259   -10.039 1.00 72.91 ? 42  ARG A NH2 1 
ATOM   285  N  N   . SER A 1 43 ? -11.041 8.075   -3.428  1.00 38.28 ? 43  SER A N   1 
ATOM   286  C  CA  . SER A 1 43 ? -12.119 8.596   -2.575  1.00 38.66 ? 43  SER A CA  1 
ATOM   287  C  C   . SER A 1 43 ? -11.741 9.990   -2.010  1.00 35.29 ? 43  SER A C   1 
ATOM   288  O  O   . SER A 1 43 ? -12.587 10.850  -1.910  1.00 35.60 ? 43  SER A O   1 
ATOM   289  C  CB  . SER A 1 43 ? -12.437 7.701   -1.357  1.00 38.35 ? 43  SER A CB  1 
ATOM   290  O  OG  . SER A 1 43 ? -13.186 6.534   -1.711  1.00 48.74 ? 43  SER A OG  1 
ATOM   291  N  N   . LEU A 1 44 ? -10.493 10.230  -1.682  1.00 32.15 ? 44  LEU A N   1 
ATOM   292  C  CA  . LEU A 1 44 ? -10.030 11.467  -1.096  1.00 32.97 ? 44  LEU A CA  1 
ATOM   293  C  C   . LEU A 1 44 ? -10.017 12.653  -2.065  1.00 34.65 ? 44  LEU A C   1 
ATOM   294  O  O   . LEU A 1 44 ? -10.222 13.810  -1.667  1.00 28.30 ? 44  LEU A O   1 
ATOM   295  C  CB  . LEU A 1 44 ? -8.669  11.308  -0.413  1.00 34.02 ? 44  LEU A CB  1 
ATOM   296  C  CG  . LEU A 1 44 ? -8.677  10.474  0.885   1.00 32.87 ? 44  LEU A CG  1 
ATOM   297  C  CD1 . LEU A 1 44 ? -7.250  10.186  1.257   1.00 35.97 ? 44  LEU A CD1 1 
ATOM   298  C  CD2 . LEU A 1 44 ? -9.401  11.148  2.113   1.00 31.83 ? 44  LEU A CD2 1 
ATOM   299  N  N   . THR A 1 45 ? -9.790  12.366  -3.345  1.00 35.18 ? 45  THR A N   1 
ATOM   300  C  CA  . THR A 1 45 ? -9.882  13.396  -4.353  1.00 37.39 ? 45  THR A CA  1 
ATOM   301  C  C   . THR A 1 45 ? -11.270 13.980  -4.417  1.00 35.07 ? 45  THR A C   1 
ATOM   302  O  O   . THR A 1 45 ? -11.398 15.168  -4.329  1.00 34.88 ? 45  THR A O   1 
ATOM   303  C  CB  . THR A 1 45 ? -9.241  12.864  -5.690  1.00 39.58 ? 45  THR A CB  1 
ATOM   304  O  OG1 . THR A 1 45 ? -7.819  13.006  -5.500  1.00 41.39 ? 45  THR A OG1 1 
ATOM   305  C  CG2 . THR A 1 45 ? -9.610  13.769  -6.892  1.00 41.66 ? 45  THR A CG2 1 
ATOM   306  N  N   . VAL A 1 46 ? -12.308 13.153  -4.433  1.00 35.84 ? 46  VAL A N   1 
ATOM   307  C  CA  . VAL A 1 46 ? -13.659 13.616  -4.313  1.00 35.21 ? 46  VAL A CA  1 
ATOM   308  C  C   . VAL A 1 46 ? -14.066 14.313  -3.000  1.00 35.57 ? 46  VAL A C   1 
ATOM   309  O  O   . VAL A 1 46 ? -14.913 15.219  -2.964  1.00 34.62 ? 46  VAL A O   1 
ATOM   310  C  CB  . VAL A 1 46 ? -14.629 12.388  -4.398  1.00 37.73 ? 46  VAL A CB  1 
ATOM   311  C  CG1 . VAL A 1 46 ? -16.003 12.819  -4.171  1.00 39.46 ? 46  VAL A CG1 1 
ATOM   312  C  CG2 . VAL A 1 46 ? -14.524 11.638  -5.744  1.00 39.53 ? 46  VAL A CG2 1 
ATOM   313  N  N   . LEU A 1 47 ? -13.556 13.843  -1.875  1.00 32.75 ? 47  LEU A N   1 
ATOM   314  C  CA  . LEU A 1 47 ? -13.943 14.430  -0.612  1.00 30.93 ? 47  LEU A CA  1 
ATOM   315  C  C   . LEU A 1 47 ? -13.254 15.813  -0.528  1.00 28.62 ? 47  LEU A C   1 
ATOM   316  O  O   . LEU A 1 47 ? -13.811 16.752  -0.002  1.00 27.62 ? 47  LEU A O   1 
ATOM   317  C  CB  . LEU A 1 47 ? -13.437 13.459  0.406   1.00 31.60 ? 47  LEU A CB  1 
ATOM   318  C  CG  . LEU A 1 47 ? -13.794 13.766  1.856   1.00 37.16 ? 47  LEU A CG  1 
ATOM   319  C  CD1 . LEU A 1 47 ? -14.182 12.562  2.653   1.00 31.15 ? 47  LEU A CD1 1 
ATOM   320  C  CD2 . LEU A 1 47 ? -12.425 14.317  2.321   1.00 42.39 ? 47  LEU A CD2 1 
ATOM   321  N  N   . ARG A 1 48 ? -12.033 15.954  -1.001  1.00 26.92 ? 48  ARG A N   1 
ATOM   322  C  CA  . ARG A 1 48 ? -11.419 17.293  -0.944  1.00 26.84 ? 48  ARG A CA  1 
ATOM   323  C  C   . ARG A 1 48 ? -12.236 18.316  -1.697  1.00 26.94 ? 48  ARG A C   1 
ATOM   324  O  O   . ARG A 1 48 ? -12.462 19.446  -1.304  1.00 26.02 ? 48  ARG A O   1 
ATOM   325  C  CB  . ARG A 1 48 ? -10.024 17.231  -1.533  1.00 27.65 ? 48  ARG A CB  1 
ATOM   326  C  CG  . ARG A 1 48 ? -9.460  18.614  -1.704  1.00 28.00 ? 48  ARG A CG  1 
ATOM   327  C  CD  . ARG A 1 48 ? -7.995  18.684  -1.910  1.00 36.33 ? 48  ARG A CD  1 
ATOM   328  N  NE  . ARG A 1 48 ? -7.691  20.105  -2.088  1.00 36.00 ? 48  ARG A NE  1 
ATOM   329  C  CZ  . ARG A 1 48 ? -6.462  20.589  -2.054  1.00 33.95 ? 48  ARG A CZ  1 
ATOM   330  N  NH1 . ARG A 1 48 ? -5.406  19.828  -1.968  1.00 31.95 ? 48  ARG A NH1 1 
ATOM   331  N  NH2 . ARG A 1 48 ? -6.282  21.862  -2.230  1.00 38.92 ? 48  ARG A NH2 1 
ATOM   332  N  N   . ARG A 1 49 ? -12.656 17.878  -2.882  1.00 30.04 ? 49  ARG A N   1 
ATOM   333  C  CA  . ARG A 1 49 ? -13.632 18.627  -3.671  1.00 31.47 ? 49  ARG A CA  1 
ATOM   334  C  C   . ARG A 1 49 ? -14.911 18.997  -2.906  1.00 28.40 ? 49  ARG A C   1 
ATOM   335  O  O   . ARG A 1 49 ? -15.324 20.147  -2.976  1.00 26.17 ? 49  ARG A O   1 
ATOM   336  C  CB  . ARG A 1 49 ? -13.926 17.919  -5.007  1.00 32.59 ? 49  ARG A CB  1 
ATOM   337  C  CG  . ARG A 1 49 ? -14.907 18.662  -5.900  1.00 39.49 ? 49  ARG A CG  1 
ATOM   338  C  CD  . ARG A 1 49 ? -15.291 17.757  -7.120  1.00 52.17 ? 49  ARG A CD  1 
ATOM   339  N  NE  . ARG A 1 49 ? -16.611 17.153  -6.909  1.00 62.84 ? 49  ARG A NE  1 
ATOM   340  C  CZ  . ARG A 1 49 ? -16.924 15.845  -6.906  1.00 70.17 ? 49  ARG A CZ  1 
ATOM   341  N  NH1 . ARG A 1 49 ? -16.015 14.893  -7.137  1.00 72.73 ? 49  ARG A NH1 1 
ATOM   342  N  NH2 . ARG A 1 49 ? -18.187 15.482  -6.685  1.00 72.74 ? 49  ARG A NH2 1 
ATOM   343  N  N   . CYS A 1 50 ? -15.571 18.056  -2.266  1.00 29.92 ? 50  CYS A N   1 
ATOM   344  C  CA  . CYS A 1 50 ? -16.756 18.363  -1.476  1.00 31.97 ? 50  CYS A CA  1 
ATOM   345  C  C   . CYS A 1 50 ? -16.416 19.333  -0.360  1.00 31.67 ? 50  CYS A C   1 
ATOM   346  O  O   . CYS A 1 50 ? -17.203 20.257  -0.082  1.00 28.62 ? 50  CYS A O   1 
ATOM   347  C  CB  . CYS A 1 50 ? -17.351 17.052  -0.978  1.00 35.04 ? 50  CYS A CB  1 
ATOM   348  S  SG  . CYS A 1 50 ? -18.050 16.223  -2.410  1.00 44.40 ? 50  CYS A SG  1 
ATOM   349  N  N   . GLN A 1 51 ? -15.244 19.141  0.264   1.00 30.30 ? 51  GLN A N   1 
ATOM   350  C  CA  . GLN A 1 51 ? -14.922 19.967  1.437   1.00 33.26 ? 51  GLN A CA  1 
ATOM   351  C  C   . GLN A 1 51 ? -14.713 21.384  0.985   1.00 33.38 ? 51  GLN A C   1 
ATOM   352  O  O   . GLN A 1 51 ? -15.168 22.349  1.643   1.00 34.10 ? 51  GLN A O   1 
ATOM   353  C  CB  . GLN A 1 51 ? -13.675 19.472  2.190   1.00 33.66 ? 51  GLN A CB  1 
ATOM   354  C  CG  . GLN A 1 51 ? -13.748 19.757  3.676   1.00 38.24 ? 51  GLN A CG  1 
ATOM   355  C  CD  . GLN A 1 51 ? -12.834 18.924  4.578   1.00 41.89 ? 51  GLN A CD  1 
ATOM   356  O  OE1 . GLN A 1 51 ? -12.582 17.734  4.297   1.00 44.05 ? 51  GLN A OE1 1 
ATOM   357  N  NE2 . GLN A 1 51 ? -12.414 19.521  5.713   1.00 31.26 ? 51  GLN A NE2 1 
ATOM   358  N  N   . GLU A 1 52 ? -14.020 21.493  -0.139  1.00 31.91 ? 52  GLU A N   1 
ATOM   359  C  CA  . GLU A 1 52 ? -13.773 22.802  -0.703  1.00 32.52 ? 52  GLU A CA  1 
ATOM   360  C  C   . GLU A 1 52 ? -15.056 23.541  -1.127  1.00 30.38 ? 52  GLU A C   1 
ATOM   361  O  O   . GLU A 1 52 ? -15.098 24.794  -1.125  1.00 30.12 ? 52  GLU A O   1 
ATOM   362  C  CB  . GLU A 1 52 ? -12.785 22.768  -1.848  1.00 33.55 ? 52  GLU A CB  1 
ATOM   363  C  CG  . GLU A 1 52 ? -12.595 24.088  -2.554  1.00 37.85 ? 52  GLU A CG  1 
ATOM   364  C  CD  . GLU A 1 52 ? -11.879 25.145  -1.739  1.00 41.42 ? 52  GLU A CD  1 
ATOM   365  O  OE1 . GLU A 1 52 ? -11.715 24.812  -0.514  1.00 38.67 ? 52  GLU A OE1 1 
ATOM   366  O  OE2 . GLU A 1 52 ? -11.519 26.226  -2.375  1.00 35.48 ? 52  GLU A OE2 1 
ATOM   367  N  N   . ALA A 1 53 ? -16.061 22.797  -1.560  1.00 25.25 ? 53  ALA A N   1 
ATOM   368  C  CA  . ALA A 1 53 ? -17.259 23.457  -1.972  1.00 23.84 ? 53  ALA A CA  1 
ATOM   369  C  C   . ALA A 1 53 ? -17.859 24.083  -0.717  1.00 22.36 ? 53  ALA A C   1 
ATOM   370  O  O   . ALA A 1 53 ? -18.396 25.189  -0.746  1.00 22.13 ? 53  ALA A O   1 
ATOM   371  C  CB  . ALA A 1 53 ? -18.234 22.396  -2.530  1.00 25.92 ? 53  ALA A CB  1 
ATOM   372  N  N   . ASP A 1 54 ? -17.851 23.370  0.405   1.00 21.84 ? 54  ASP A N   1 
ATOM   373  C  CA  . ASP A 1 54 ? -18.408 23.908  1.618   1.00 22.95 ? 54  ASP A CA  1 
ATOM   374  C  C   . ASP A 1 54 ? -17.609 25.122  2.110   1.00 22.59 ? 54  ASP A C   1 
ATOM   375  O  O   . ASP A 1 54 ? -18.144 26.206  2.452   1.00 22.44 ? 54  ASP A O   1 
ATOM   376  C  CB  . ASP A 1 54 ? -18.367 22.894  2.745   1.00 25.64 ? 54  ASP A CB  1 
ATOM   377  C  CG  . ASP A 1 54 ? -19.630 22.130  2.973   1.00 33.18 ? 54  ASP A CG  1 
ATOM   378  O  OD1 . ASP A 1 54 ? -20.513 22.030  2.090   1.00 39.89 ? 54  ASP A OD1 1 
ATOM   379  O  OD2 . ASP A 1 54 ? -19.797 21.574  4.096   1.00 45.74 ? 54  ASP A OD2 1 
ATOM   380  N  N   . ARG A 1 55 ? -16.300 24.990  2.102   1.00 25.25 ? 55  ARG A N   1 
ATOM   381  C  CA  . ARG A 1 55 ? -15.469 26.114  2.541   1.00 24.46 ? 55  ARG A CA  1 
ATOM   382  C  C   . ARG A 1 55 ? -15.724 27.366  1.799   1.00 24.38 ? 55  ARG A C   1 
ATOM   383  O  O   . ARG A 1 55 ? -15.904 28.428  2.381   1.00 27.35 ? 55  ARG A O   1 
ATOM   384  C  CB  . ARG A 1 55 ? -14.023 25.712  2.460   1.00 24.81 ? 55  ARG A CB  1 
ATOM   385  C  CG  . ARG A 1 55 ? -13.630 24.697  3.529   1.00 28.77 ? 55  ARG A CG  1 
ATOM   386  C  CD  . ARG A 1 55 ? -12.109 24.217  3.455   1.00 33.19 ? 55  ARG A CD  1 
ATOM   387  N  NE  . ARG A 1 55 ? -11.122 25.280  3.727   1.00 39.19 ? 55  ARG A NE  1 
ATOM   388  C  CZ  . ARG A 1 55 ? -10.697 25.633  4.938   1.00 41.85 ? 55  ARG A CZ  1 
ATOM   389  N  NH1 . ARG A 1 55 ? -11.144 25.030  6.057   1.00 33.36 ? 55  ARG A NH1 1 
ATOM   390  N  NH2 . ARG A 1 55 ? -9.835  26.643  5.042   1.00 45.27 ? 55  ARG A NH2 1 
ATOM   391  N  N   . GLU A 1 56 ? -15.811 27.281  0.463   1.00 24.73 ? 56  GLU A N   1 
ATOM   392  C  CA  . GLU A 1 56 ? -15.961 28.433  -0.323  1.00 22.20 ? 56  GLU A CA  1 
ATOM   393  C  C   . GLU A 1 56 ? -17.379 28.945  -0.276  1.00 24.01 ? 56  GLU A C   1 
ATOM   394  O  O   . GLU A 1 56 ? -17.588 30.123  -0.488  1.00 25.43 ? 56  GLU A O   1 
ATOM   395  C  CB  . GLU A 1 56 ? -15.593 28.257  -1.834  1.00 24.43 ? 56  GLU A CB  1 
ATOM   396  C  CG  . GLU A 1 56 ? -14.130 27.929  -1.999  1.00 24.87 ? 56  GLU A CG  1 
ATOM   397  C  CD  . GLU A 1 56 ? -13.163 28.850  -1.268  1.00 25.10 ? 56  GLU A CD  1 
ATOM   398  O  OE1 . GLU A 1 56 ? -13.515 29.989  -0.969  1.00 26.42 ? 56  GLU A OE1 1 
ATOM   399  O  OE2 . GLU A 1 56 ? -12.011 28.430  -1.059  1.00 27.72 ? 56  GLU A OE2 1 
ATOM   400  N  N   . GLU A 1 57 ? -18.338 28.063  -0.053  1.00 25.23 ? 57  GLU A N   1 
ATOM   401  C  CA  . GLU A 1 57 ? -19.715 28.506  0.082   1.00 23.98 ? 57  GLU A CA  1 
ATOM   402  C  C   . GLU A 1 57 ? -19.865 29.345  1.383   1.00 25.63 ? 57  GLU A C   1 
ATOM   403  O  O   . GLU A 1 57 ? -20.621 30.299  1.382   1.00 25.15 ? 57  GLU A O   1 
ATOM   404  C  CB  . GLU A 1 57 ? -20.724 27.348  0.103   1.00 22.84 ? 57  GLU A CB  1 
ATOM   405  C  CG  . GLU A 1 57 ? -22.092 27.978  0.005   1.00 25.25 ? 57  GLU A CG  1 
ATOM   406  C  CD  . GLU A 1 57 ? -23.256 27.009  -0.104  1.00 35.41 ? 57  GLU A CD  1 
ATOM   407  O  OE1 . GLU A 1 57 ? -23.098 25.895  -0.620  1.00 37.87 ? 57  GLU A OE1 1 
ATOM   408  O  OE2 . GLU A 1 57 ? -24.352 27.401  0.309   1.00 31.82 ? 57  GLU A OE2 1 
ATOM   409  N  N   . LEU A 1 58 ? -19.215 28.954  2.467   1.00 25.96 ? 58  LEU A N   1 
ATOM   410  C  CA  . LEU A 1 58 ? -19.104 29.760  3.696   1.00 27.60 ? 58  LEU A CA  1 
ATOM   411  C  C   . LEU A 1 58 ? -18.581 31.185  3.465   1.00 28.76 ? 58  LEU A C   1 
ATOM   412  O  O   . LEU A 1 58 ? -19.177 32.174  3.889   1.00 26.15 ? 58  LEU A O   1 
ATOM   413  C  CB  . LEU A 1 58 ? -18.351 28.952  4.780   1.00 26.58 ? 58  LEU A CB  1 
ATOM   414  C  CG  . LEU A 1 58 ? -17.832 29.748  5.991   1.00 28.96 ? 58  LEU A CG  1 
ATOM   415  C  CD1 . LEU A 1 58 ? -18.915 30.473  6.783   1.00 31.18 ? 58  LEU A CD1 1 
ATOM   416  C  CD2 . LEU A 1 58 ? -17.139 28.707  6.805   1.00 34.82 ? 58  LEU A CD2 1 
ATOM   417  N  N   . ASN A 1 59 ? -17.515 31.323  2.680   1.00 28.47 ? 59  ASN A N   1 
ATOM   418  C  CA  . ASN A 1 59 ? -16.870 32.596  2.392   1.00 29.61 ? 59  ASN A CA  1 
ATOM   419  C  C   . ASN A 1 59 ? -17.859 33.429  1.602   1.00 28.38 ? 59  ASN A C   1 
ATOM   420  O  O   . ASN A 1 59 ? -17.936 34.661  1.765   1.00 28.30 ? 59  ASN A O   1 
ATOM   421  C  CB  . ASN A 1 59 ? -15.533 32.387  1.639   1.00 31.15 ? 59  ASN A CB  1 
ATOM   422  C  CG  . ASN A 1 59 ? -14.410 31.724  2.487   1.00 40.34 ? 59  ASN A CG  1 
ATOM   423  O  OD1 . ASN A 1 59 ? -14.348 31.889  3.713   1.00 45.62 ? 59  ASN A OD1 1 
ATOM   424  N  ND2 . ASN A 1 59 ? -13.480 30.976  1.824   1.00 37.61 ? 59  ASN A ND2 1 
ATOM   425  N  N   . TYR A 1 60 ? -18.632 32.753  0.744   1.00 24.51 ? 60  TYR A N   1 
ATOM   426  C  CA  . TYR A 1 60 ? -19.657 33.370  -0.057  1.00 23.98 ? 60  TYR A CA  1 
ATOM   427  C  C   . TYR A 1 60 ? -20.766 34.087  0.758   1.00 23.17 ? 60  TYR A C   1 
ATOM   428  O  O   . TYR A 1 60 ? -21.229 35.166  0.393   1.00 23.70 ? 60  TYR A O   1 
ATOM   429  C  CB  . TYR A 1 60 ? -20.327 32.301  -0.927  1.00 22.47 ? 60  TYR A CB  1 
ATOM   430  C  CG  . TYR A 1 60 ? -21.584 32.646  -1.693  1.00 21.96 ? 60  TYR A CG  1 
ATOM   431  C  CD1 . TYR A 1 60 ? -21.574 33.267  -2.940  1.00 23.93 ? 60  TYR A CD1 1 
ATOM   432  C  CD2 . TYR A 1 60 ? -22.784 32.189  -1.257  1.00 23.92 ? 60  TYR A CD2 1 
ATOM   433  C  CE1 . TYR A 1 60 ? -22.734 33.536  -3.652  1.00 27.19 ? 60  TYR A CE1 1 
ATOM   434  C  CE2 . TYR A 1 60 ? -23.935 32.498  -1.898  1.00 27.01 ? 60  TYR A CE2 1 
ATOM   435  C  CZ  . TYR A 1 60 ? -23.948 33.126  -3.105  1.00 28.22 ? 60  TYR A CZ  1 
ATOM   436  O  OH  . TYR A 1 60 ? -25.192 33.252  -3.688  1.00 23.84 ? 60  TYR A OH  1 
ATOM   437  N  N   . TRP A 1 61 ? -21.273 33.383  1.749   1.00 26.20 ? 61  TRP A N   1 
ATOM   438  C  CA  . TRP A 1 61 ? -22.432 33.876  2.527   1.00 26.94 ? 61  TRP A CA  1 
ATOM   439  C  C   . TRP A 1 61 ? -21.927 34.990  3.403   1.00 26.80 ? 61  TRP A C   1 
ATOM   440  O  O   . TRP A 1 61 ? -22.606 35.985  3.602   1.00 30.67 ? 61  TRP A O   1 
ATOM   441  C  CB  . TRP A 1 61 ? -23.003 32.704  3.338   1.00 24.15 ? 61  TRP A CB  1 
ATOM   442  C  CG  . TRP A 1 61 ? -23.928 31.825  2.482   1.00 22.90 ? 61  TRP A CG  1 
ATOM   443  C  CD1 . TRP A 1 61 ? -23.750 30.520  2.223   1.00 25.06 ? 61  TRP A CD1 1 
ATOM   444  C  CD2 . TRP A 1 61 ? -25.122 32.215  1.749   1.00 20.85 ? 61  TRP A CD2 1 
ATOM   445  N  NE1 . TRP A 1 61 ? -24.702 30.060  1.354   1.00 27.40 ? 61  TRP A NE1 1 
ATOM   446  C  CE2 . TRP A 1 61 ? -25.594 31.074  1.092   1.00 29.05 ? 61  TRP A CE2 1 
ATOM   447  C  CE3 . TRP A 1 61 ? -25.861 33.409  1.621   1.00 23.23 ? 61  TRP A CE3 1 
ATOM   448  C  CZ2 . TRP A 1 61 ? -26.761 31.089  0.304   1.00 30.39 ? 61  TRP A CZ2 1 
ATOM   449  C  CZ3 . TRP A 1 61 ? -27.000 33.417  0.868   1.00 26.66 ? 61  TRP A CZ3 1 
ATOM   450  C  CH2 . TRP A 1 61 ? -27.447 32.278  0.230   1.00 28.25 ? 61  TRP A CH2 1 
ATOM   451  N  N   . ILE A 1 62 ? -20.762 34.792  3.973   1.00 27.32 ? 62  ILE A N   1 
ATOM   452  C  CA  . ILE A 1 62 ? -20.104 35.853  4.722   1.00 29.47 ? 62  ILE A CA  1 
ATOM   453  C  C   . ILE A 1 62 ? -19.982 37.141  3.921   1.00 30.13 ? 62  ILE A C   1 
ATOM   454  O  O   . ILE A 1 62 ? -20.346 38.227  4.391   1.00 30.47 ? 62  ILE A O   1 
ATOM   455  C  CB  . ILE A 1 62 ? -18.781 35.366  5.215   1.00 29.17 ? 62  ILE A CB  1 
ATOM   456  C  CG1 . ILE A 1 62 ? -18.878 34.412  6.422   1.00 29.74 ? 62  ILE A CG1 1 
ATOM   457  C  CG2 . ILE A 1 62 ? -17.858 36.536  5.529   1.00 39.99 ? 62  ILE A CG2 1 
ATOM   458  C  CD1 . ILE A 1 62 ? -17.478 33.758  6.780   1.00 30.23 ? 62  ILE A CD1 1 
ATOM   459  N  N   . ARG A 1 63 ? -19.528 37.077  2.666   1.00 30.20 ? 63  ARG A N   1 
ATOM   460  C  CA  . ARG A 1 63 ? -19.427 38.252  1.825   1.00 28.36 ? 63  ARG A CA  1 
ATOM   461  C  C   . ARG A 1 63 ? -20.767 38.809  1.406   1.00 29.66 ? 63  ARG A C   1 
ATOM   462  O  O   . ARG A 1 63 ? -20.978 40.036  1.416   1.00 29.52 ? 63  ARG A O   1 
ATOM   463  C  CB  . ARG A 1 63 ? -18.511 37.999  0.606   1.00 31.74 ? 63  ARG A CB  1 
ATOM   464  C  CG  . ARG A 1 63 ? -17.093 37.550  0.991   1.00 32.99 ? 63  ARG A CG  1 
ATOM   465  C  CD  . ARG A 1 63 ? -15.965 37.901  -0.045  1.00 42.82 ? 63  ARG A CD  1 
ATOM   466  N  NE  . ARG A 1 63 ? -16.324 38.936  -1.033  1.00 44.69 ? 63  ARG A NE  1 
ATOM   467  C  CZ  . ARG A 1 63 ? -15.854 40.186  -1.107  1.00 46.45 ? 63  ARG A CZ  1 
ATOM   468  N  NH1 . ARG A 1 63 ? -14.932 40.642  -0.272  1.00 47.42 ? 63  ARG A NH1 1 
ATOM   469  N  NH2 . ARG A 1 63 ? -16.325 41.018  -2.039  1.00 39.96 ? 63  ARG A NH2 1 
ATOM   470  N  N   . ARG A 1 64 ? -21.738 37.983  1.045   1.00 26.97 ? 64  ARG A N   1 
ATOM   471  C  CA  . ARG A 1 64 ? -23.004 38.562  0.682   1.00 26.46 ? 64  ARG A CA  1 
ATOM   472  C  C   . ARG A 1 64 ? -23.594 39.295  1.925   1.00 30.34 ? 64  ARG A C   1 
ATOM   473  O  O   . ARG A 1 64 ? -24.268 40.349  1.818   1.00 28.92 ? 64  ARG A O   1 
ATOM   474  C  CB  . ARG A 1 64 ? -23.935 37.397  0.241   1.00 28.17 ? 64  ARG A CB  1 
ATOM   475  C  CG  . ARG A 1 64 ? -23.825 37.013  -1.213  1.00 26.91 ? 64  ARG A CG  1 
ATOM   476  C  CD  . ARG A 1 64 ? -24.824 36.052  -1.715  1.00 37.03 ? 64  ARG A CD  1 
ATOM   477  N  NE  . ARG A 1 64 ? -26.123 36.699  -1.852  1.00 38.50 ? 64  ARG A NE  1 
ATOM   478  C  CZ  . ARG A 1 64 ? -27.263 36.055  -2.144  1.00 41.61 ? 64  ARG A CZ  1 
ATOM   479  N  NH1 . ARG A 1 64 ? -27.316 34.746  -2.318  1.00 39.63 ? 64  ARG A NH1 1 
ATOM   480  N  NH2 . ARG A 1 64 ? -28.389 36.739  -2.258  1.00 40.53 ? 64  ARG A NH2 1 
ATOM   481  N  N   . TYR A 1 65 ? -23.374 38.676  3.086   1.00 31.04 ? 65  TYR A N   1 
ATOM   482  C  CA  . TYR A 1 65 ? -23.869 39.289  4.339   1.00 35.18 ? 65  TYR A CA  1 
ATOM   483  C  C   . TYR A 1 65 ? -23.213 40.646  4.544   1.00 35.44 ? 65  TYR A C   1 
ATOM   484  O  O   . TYR A 1 65 ? -23.921 41.640  4.649   1.00 34.58 ? 65  TYR A O   1 
ATOM   485  C  CB  . TYR A 1 65 ? -23.722 38.362  5.567   1.00 35.72 ? 65  TYR A CB  1 
ATOM   486  C  CG  . TYR A 1 65 ? -24.413 38.896  6.846   1.00 39.25 ? 65  TYR A CG  1 
ATOM   487  C  CD1 . TYR A 1 65 ? -25.740 38.571  7.117   1.00 41.83 ? 65  TYR A CD1 1 
ATOM   488  C  CD2 . TYR A 1 65 ? -23.721 39.670  7.772   1.00 38.35 ? 65  TYR A CD2 1 
ATOM   489  C  CE1 . TYR A 1 65 ? -26.388 39.057  8.266   1.00 46.37 ? 65  TYR A CE1 1 
ATOM   490  C  CE2 . TYR A 1 65 ? -24.371 40.175  8.939   1.00 42.34 ? 65  TYR A CE2 1 
ATOM   491  C  CZ  . TYR A 1 65 ? -25.696 39.843  9.178   1.00 39.82 ? 65  TYR A CZ  1 
ATOM   492  O  OH  . TYR A 1 65 ? -26.395 40.250  10.299  1.00 43.40 ? 65  TYR A OH  1 
ATOM   493  N  N   . SER A 1 66 ? -21.892 40.704  4.460   1.00 37.80 ? 66  SER A N   1 
ATOM   494  C  CA  . SER A 1 66 ? -21.223 41.997  4.497   1.00 39.38 ? 66  SER A CA  1 
ATOM   495  C  C   . SER A 1 66 ? -21.700 42.994  3.446   1.00 42.06 ? 66  SER A C   1 
ATOM   496  O  O   . SER A 1 66 ? -21.909 44.144  3.835   1.00 43.27 ? 66  SER A O   1 
ATOM   497  C  CB  . SER A 1 66 ? -19.729 41.842  4.412   1.00 39.36 ? 66  SER A CB  1 
ATOM   498  O  OG  . SER A 1 66 ? -19.405 40.661  5.113   1.00 45.28 ? 66  SER A OG  1 
ATOM   499  N  N   . ASP A 1 67 ? -21.850 42.657  2.153   1.00 41.07 ? 67  ASP A N   1 
ATOM   500  C  CA  . ASP A 1 67 ? -22.373 43.657  1.206   1.00 41.08 ? 67  ASP A CA  1 
ATOM   501  C  C   . ASP A 1 67 ? -23.726 44.219  1.635   1.00 42.94 ? 67  ASP A C   1 
ATOM   502  O  O   . ASP A 1 67 ? -24.019 45.376  1.387   1.00 40.62 ? 67  ASP A O   1 
ATOM   503  C  CB  . ASP A 1 67 ? -22.694 43.108  -0.179  1.00 39.03 ? 67  ASP A CB  1 
ATOM   504  C  CG  . ASP A 1 67 ? -23.349 44.214  -1.065  1.00 43.87 ? 67  ASP A CG  1 
ATOM   505  O  OD1 . ASP A 1 67 ? -22.591 45.189  -1.273  1.00 39.76 ? 67  ASP A OD1 1 
ATOM   506  O  OD2 . ASP A 1 67 ? -24.508 44.325  -1.564  1.00 39.87 ? 67  ASP A OD2 1 
ATOM   507  N  N   . ALA A 1 68 ? -24.597 43.366  2.176   1.00 44.65 ? 68  ALA A N   1 
ATOM   508  C  CA  . ALA A 1 68 ? -25.928 43.787  2.617   1.00 48.04 ? 68  ALA A CA  1 
ATOM   509  C  C   . ALA A 1 68 ? -25.923 44.616  3.924   1.00 51.99 ? 68  ALA A C   1 
ATOM   510  O  O   . ALA A 1 68 ? -26.942 45.263  4.227   1.00 52.61 ? 68  ALA A O   1 
ATOM   511  C  CB  . ALA A 1 68 ? -26.857 42.576  2.780   1.00 47.20 ? 68  ALA A CB  1 
ATOM   512  N  N   . GLU A 1 69 ? -24.771 44.572  4.595   1.00 54.37 ? 69  GLU A N   1 
ATOM   513  C  CA  . GLU A 1 69 ? -24.379 45.060  5.926   1.00 58.96 ? 69  GLU A CA  1 
ATOM   514  C  C   . GLU A 1 69 ? -24.989 44.209  7.055   1.00 60.18 ? 69  GLU A C   1 
ATOM   515  O  O   . GLU A 1 69 ? -26.192 43.903  7.193   1.00 62.87 ? 69  GLU A O   1 
ATOM   516  C  CB  . GLU A 1 69 ? -24.424 46.593  6.069   1.00 59.02 ? 69  GLU A CB  1 
ATOM   517  C  CG  . GLU A 1 69 ? -23.709 47.297  4.915   1.00 64.02 ? 69  GLU A CG  1 
ATOM   518  C  CD  . GLU A 1 69 ? -24.610 48.231  4.093   1.00 68.70 ? 69  GLU A CD  1 
ATOM   519  O  OE1 . GLU A 1 69 ? -25.556 48.838  4.673   1.00 68.39 ? 69  GLU A OE1 1 
ATOM   520  O  OE2 . GLU A 1 69 ? -24.369 48.387  2.865   1.00 66.29 ? 69  GLU A OE2 1 
ATOM   521  N  N   . ASP B 1 11 ? -8.927  25.133  18.008  1.00 43.28 ? 11  ASP B N   1 
ATOM   522  C  CA  . ASP B 1 11 ? -9.953  25.621  16.982  1.00 42.45 ? 11  ASP B CA  1 
ATOM   523  C  C   . ASP B 1 11 ? -9.984  24.551  15.890  1.00 40.75 ? 11  ASP B C   1 
ATOM   524  O  O   . ASP B 1 11 ? -8.922  24.298  15.302  1.00 37.78 ? 11  ASP B O   1 
ATOM   525  C  CB  . ASP B 1 11 ? -9.538  26.937  16.345  1.00 43.40 ? 11  ASP B CB  1 
ATOM   526  C  CG  . ASP B 1 11 ? -10.585 27.511  15.397  1.00 50.44 ? 11  ASP B CG  1 
ATOM   527  O  OD1 . ASP B 1 11 ? -11.661 26.875  15.166  1.00 53.36 ? 11  ASP B OD1 1 
ATOM   528  O  OD2 . ASP B 1 11 ? -10.382 28.592  14.791  1.00 52.33 ? 11  ASP B OD2 1 
ATOM   529  N  N   . HIS B 1 12 ? -11.130 23.910  15.635  1.00 38.13 ? 12  HIS B N   1 
ATOM   530  C  CA  . HIS B 1 12 ? -11.208 22.787  14.668  1.00 36.82 ? 12  HIS B CA  1 
ATOM   531  C  C   . HIS B 1 12 ? -10.990 23.219  13.216  1.00 35.66 ? 12  HIS B C   1 
ATOM   532  O  O   . HIS B 1 12 ? -10.560 22.440  12.357  1.00 34.51 ? 12  HIS B O   1 
ATOM   533  C  CB  . HIS B 1 12 ? -12.513 21.957  14.843  1.00 39.47 ? 12  HIS B CB  1 
ATOM   534  C  CG  . HIS B 1 12 ? -12.527 21.082  16.074  1.00 42.07 ? 12  HIS B CG  1 
ATOM   535  N  ND1 . HIS B 1 12 ? -11.449 20.979  16.941  1.00 50.50 ? 12  HIS B ND1 1 
ATOM   536  C  CD2 . HIS B 1 12 ? -13.478 20.257  16.579  1.00 44.32 ? 12  HIS B CD2 1 
ATOM   537  C  CE1 . HIS B 1 12 ? -11.739 20.129  17.917  1.00 48.81 ? 12  HIS B CE1 1 
ATOM   538  N  NE2 . HIS B 1 12 ? -12.974 19.689  17.729  1.00 45.16 ? 12  HIS B NE2 1 
ATOM   539  N  N   . ARG B 1 13 ? -11.275 24.494  12.958  1.00 33.14 ? 13  ARG B N   1 
ATOM   540  C  CA  . ARG B 1 13 ? -11.216 25.029  11.613  1.00 34.50 ? 13  ARG B CA  1 
ATOM   541  C  C   . ARG B 1 13 ? -9.754  25.262  11.221  1.00 33.35 ? 13  ARG B C   1 
ATOM   542  O  O   . ARG B 1 13 ? -8.987  25.743  12.049  1.00 32.07 ? 13  ARG B O   1 
ATOM   543  C  CB  . ARG B 1 13 ? -11.978 26.337  11.536  1.00 36.00 ? 13  ARG B CB  1 
ATOM   544  C  CG  . ARG B 1 13 ? -13.524 26.123  11.691  1.00 45.71 ? 13  ARG B CG  1 
ATOM   545  C  CD  . ARG B 1 13 ? -14.337 26.625  10.460  1.00 55.78 ? 13  ARG B CD  1 
ATOM   546  N  NE  . ARG B 1 13 ? -14.085 28.051  10.170  1.00 63.39 ? 13  ARG B NE  1 
ATOM   547  C  CZ  . ARG B 1 13 ? -13.805 28.625  8.987   1.00 62.04 ? 13  ARG B CZ  1 
ATOM   548  N  NH1 . ARG B 1 13 ? -13.704 27.941  7.848   1.00 62.08 ? 13  ARG B NH1 1 
ATOM   549  N  NH2 . ARG B 1 13 ? -13.615 29.936  8.953   1.00 57.51 ? 13  ARG B NH2 1 
ATOM   550  N  N   . LEU B 1 14 ? -9.438  24.955  9.962   1.00 32.85 ? 14  LEU B N   1 
ATOM   551  C  CA  . LEU B 1 14 ? -8.089  25.095  9.376   1.00 30.37 ? 14  LEU B CA  1 
ATOM   552  C  C   . LEU B 1 14 ? -8.068  26.329  8.486   1.00 30.15 ? 14  LEU B C   1 
ATOM   553  O  O   . LEU B 1 14 ? -9.004  26.602  7.729   1.00 26.08 ? 14  LEU B O   1 
ATOM   554  C  CB  . LEU B 1 14 ? -7.735  23.833  8.573   1.00 30.89 ? 14  LEU B CB  1 
ATOM   555  C  CG  . LEU B 1 14 ? -7.698  22.456  9.260   1.00 33.55 ? 14  LEU B CG  1 
ATOM   556  C  CD1 . LEU B 1 14 ? -7.059  21.372  8.467   1.00 34.22 ? 14  LEU B CD1 1 
ATOM   557  C  CD2 . LEU B 1 14 ? -6.957  22.562  10.626  1.00 36.40 ? 14  LEU B CD2 1 
ATOM   558  N  N   . THR B 1 15 ? -6.991  27.115  8.539   1.00 27.54 ? 15  THR B N   1 
ATOM   559  C  CA  . THR B 1 15 ? -6.817  28.133  7.508   1.00 27.23 ? 15  THR B CA  1 
ATOM   560  C  C   . THR B 1 15 ? -6.676  27.424  6.180   1.00 29.37 ? 15  THR B C   1 
ATOM   561  O  O   . THR B 1 15 ? -6.490  26.183  6.077   1.00 24.66 ? 15  THR B O   1 
ATOM   562  C  CB  . THR B 1 15 ? -5.533  28.958  7.796   1.00 28.78 ? 15  THR B CB  1 
ATOM   563  O  OG1 . THR B 1 15 ? -4.391  28.109  7.726   1.00 28.26 ? 15  THR B OG1 1 
ATOM   564  C  CG2 . THR B 1 15 ? -5.503  29.456  9.295   1.00 32.11 ? 15  THR B CG2 1 
ATOM   565  N  N   . ASP B 1 16 ? -6.696  28.228  5.129   1.00 28.72 ? 16  ASP B N   1 
ATOM   566  C  CA  . ASP B 1 16 ? -6.379  27.652  3.849   1.00 30.95 ? 16  ASP B CA  1 
ATOM   567  C  C   . ASP B 1 16 ? -5.024  27.048  3.720   1.00 31.22 ? 16  ASP B C   1 
ATOM   568  O  O   . ASP B 1 16 ? -4.865  26.019  3.036   1.00 27.92 ? 16  ASP B O   1 
ATOM   569  C  CB  . ASP B 1 16 ? -6.542  28.756  2.796   1.00 33.16 ? 16  ASP B CB  1 
ATOM   570  C  CG  . ASP B 1 16 ? -8.017  29.031  2.493   1.00 37.63 ? 16  ASP B CG  1 
ATOM   571  O  OD1 . ASP B 1 16 ? -8.932  28.318  3.031   1.00 38.10 ? 16  ASP B OD1 1 
ATOM   572  O  OD2 . ASP B 1 16 ? -8.256  29.892  1.641   1.00 43.07 ? 16  ASP B OD2 1 
ATOM   573  N  N   . ARG B 1 17 ? -4.013  27.707  4.286   1.00 28.06 ? 17  ARG B N   1 
ATOM   574  C  CA  . ARG B 1 17 ? -2.696  27.087  4.297   1.00 30.79 ? 17  ARG B CA  1 
ATOM   575  C  C   . ARG B 1 17 ? -2.578  25.762  5.073   1.00 29.15 ? 17  ARG B C   1 
ATOM   576  O  O   . ARG B 1 17 ? -1.982  24.805  4.528   1.00 28.22 ? 17  ARG B O   1 
ATOM   577  C  CB  . ARG B 1 17 ? -1.638  28.087  4.784   1.00 36.18 ? 17  ARG B CB  1 
ATOM   578  C  CG  . ARG B 1 17 ? -1.040  28.935  3.628   1.00 46.14 ? 17  ARG B CG  1 
ATOM   579  C  CD  . ARG B 1 17 ? -0.166  28.208  2.568   1.00 58.87 ? 17  ARG B CD  1 
ATOM   580  N  NE  . ARG B 1 17 ? -0.909  27.459  1.531   1.00 69.22 ? 17  ARG B NE  1 
ATOM   581  C  CZ  . ARG B 1 17 ? -1.435  27.947  0.393   1.00 74.96 ? 17  ARG B CZ  1 
ATOM   582  N  NH1 . ARG B 1 17 ? -1.317  29.236  0.046   1.00 78.22 ? 17  ARG B NH1 1 
ATOM   583  N  NH2 . ARG B 1 17 ? -2.084  27.115  -0.423  1.00 73.91 ? 17  ARG B NH2 1 
ATOM   584  N  N   . GLU B 1 18 ? -3.159  25.688  6.273   1.00 26.19 ? 18  GLU B N   1 
ATOM   585  C  CA  . GLU B 1 18 ? -3.237  24.477  7.100   1.00 27.24 ? 18  GLU B CA  1 
ATOM   586  C  C   . GLU B 1 18 ? -4.022  23.365  6.360   1.00 27.98 ? 18  GLU B C   1 
ATOM   587  O  O   . GLU B 1 18 ? -3.689  22.202  6.475   1.00 25.05 ? 18  GLU B O   1 
ATOM   588  C  CB  . GLU B 1 18 ? -3.887  24.746  8.449   1.00 28.18 ? 18  GLU B CB  1 
ATOM   589  C  CG  . GLU B 1 18 ? -3.097  25.696  9.330   1.00 28.58 ? 18  GLU B CG  1 
ATOM   590  C  CD  . GLU B 1 18 ? -3.911  26.027  10.565  1.00 34.25 ? 18  GLU B CD  1 
ATOM   591  O  OE1 . GLU B 1 18 ? -5.170  26.168  10.479  1.00 28.09 ? 18  GLU B OE1 1 
ATOM   592  O  OE2 . GLU B 1 18 ? -3.277  26.090  11.636  1.00 26.69 ? 18  GLU B OE2 1 
ATOM   593  N  N   . TRP B 1 19 ? -4.990  23.775  5.549   1.00 27.59 ? 19  TRP B N   1 
ATOM   594  C  CA  . TRP B 1 19 ? -5.859  22.813  4.929   1.00 29.90 ? 19  TRP B CA  1 
ATOM   595  C  C   . TRP B 1 19 ? -5.121  22.207  3.737   1.00 30.26 ? 19  TRP B C   1 
ATOM   596  O  O   . TRP B 1 19 ? -5.041  20.988  3.620   1.00 29.13 ? 19  TRP B O   1 
ATOM   597  C  CB  . TRP B 1 19 ? -7.108  23.573  4.618   1.00 30.17 ? 19  TRP B CB  1 
ATOM   598  C  CG  . TRP B 1 19 ? -8.173  22.680  4.096   1.00 38.29 ? 19  TRP B CG  1 
ATOM   599  C  CD1 . TRP B 1 19 ? -8.944  21.786  4.764   1.00 42.82 ? 19  TRP B CD1 1 
ATOM   600  C  CD2 . TRP B 1 19 ? -8.549  22.634  2.751   1.00 40.07 ? 19  TRP B CD2 1 
ATOM   601  N  NE1 . TRP B 1 19 ? -9.844  21.213  3.904   1.00 43.55 ? 19  TRP B NE1 1 
ATOM   602  C  CE2 . TRP B 1 19 ? -9.601  21.707  2.648   1.00 43.79 ? 19  TRP B CE2 1 
ATOM   603  C  CE3 . TRP B 1 19 ? -8.093  23.303  1.607   1.00 43.37 ? 19  TRP B CE3 1 
ATOM   604  C  CZ2 . TRP B 1 19 ? -10.232 21.440  1.456   1.00 41.88 ? 19  TRP B CZ2 1 
ATOM   605  C  CZ3 . TRP B 1 19 ? -8.701  23.034  0.449   1.00 45.70 ? 19  TRP B CZ3 1 
ATOM   606  C  CH2 . TRP B 1 19 ? -9.783  22.129  0.382   1.00 46.52 ? 19  TRP B CH2 1 
ATOM   607  N  N   . ALA B 1 20 ? -4.489  23.035  2.917   1.00 29.64 ? 20  ALA B N   1 
ATOM   608  C  CA  . ALA B 1 20 ? -3.590  22.551  1.876   1.00 29.43 ? 20  ALA B CA  1 
ATOM   609  C  C   . ALA B 1 20 ? -2.419  21.745  2.419   1.00 30.40 ? 20  ALA B C   1 
ATOM   610  O  O   . ALA B 1 20 ? -2.021  20.723  1.803   1.00 28.20 ? 20  ALA B O   1 
ATOM   611  C  CB  . ALA B 1 20 ? -3.142  23.704  0.983   1.00 31.98 ? 20  ALA B CB  1 
ATOM   612  N  N   . GLU B 1 21 ? -1.840  22.126  3.563   1.00 26.76 ? 21  GLU B N   1 
ATOM   613  C  CA  . GLU B 1 21 ? -0.774  21.299  4.078   1.00 30.55 ? 21  GLU B CA  1 
ATOM   614  C  C   . GLU B 1 21 ? -1.275  19.941  4.559   1.00 28.83 ? 21  GLU B C   1 
ATOM   615  O  O   . GLU B 1 21 ? -0.568  18.965  4.502   1.00 28.58 ? 21  GLU B O   1 
ATOM   616  C  CB  . GLU B 1 21 ? -0.049  21.914  5.229   1.00 29.06 ? 21  GLU B CB  1 
ATOM   617  C  CG  . GLU B 1 21 ? 0.844   23.088  4.830   1.00 39.42 ? 21  GLU B CG  1 
ATOM   618  C  CD  . GLU B 1 21 ? 1.812   22.795  3.654   1.00 51.57 ? 21  GLU B CD  1 
ATOM   619  O  OE1 . GLU B 1 21 ? 2.581   21.775  3.640   1.00 55.71 ? 21  GLU B OE1 1 
ATOM   620  O  OE2 . GLU B 1 21 ? 1.780   23.624  2.704   1.00 56.49 ? 21  GLU B OE2 1 
ATOM   621  N  N   . GLU B 1 22 ? -2.475  19.903  5.083   1.00 26.91 ? 22  GLU B N   1 
ATOM   622  C  CA  . GLU B 1 22 ? -3.018  18.638  5.573   1.00 26.95 ? 22  GLU B CA  1 
ATOM   623  C  C   . GLU B 1 22 ? -3.251  17.653  4.421   1.00 24.19 ? 22  GLU B C   1 
ATOM   624  O  O   . GLU B 1 22 ? -2.937  16.458  4.546   1.00 24.39 ? 22  GLU B O   1 
ATOM   625  C  CB  . GLU B 1 22 ? -4.238  18.917  6.488   1.00 26.74 ? 22  GLU B CB  1 
ATOM   626  C  CG  . GLU B 1 22 ? -4.733  17.678  7.224   1.00 30.22 ? 22  GLU B CG  1 
ATOM   627  C  CD  . GLU B 1 22 ? -3.739  17.191  8.209   1.00 34.04 ? 22  GLU B CD  1 
ATOM   628  O  OE1 . GLU B 1 22 ? -3.209  18.039  8.913   1.00 36.51 ? 22  GLU B OE1 1 
ATOM   629  O  OE2 . GLU B 1 22 ? -3.468  15.993  8.211   1.00 39.66 ? 22  GLU B OE2 1 
ATOM   630  N  N   . TRP B 1 23 ? -3.771  18.139  3.311   1.00 26.57 ? 23  TRP B N   1 
ATOM   631  C  CA  . TRP B 1 23 ? -3.957  17.350  2.089   1.00 29.56 ? 23  TRP B CA  1 
ATOM   632  C  C   . TRP B 1 23 ? -2.693  16.826  1.461   1.00 29.77 ? 23  TRP B C   1 
ATOM   633  O  O   . TRP B 1 23 ? -2.573  15.674  1.074   1.00 26.16 ? 23  TRP B O   1 
ATOM   634  C  CB  . TRP B 1 23 ? -4.806  18.070  1.039   1.00 30.96 ? 23  TRP B CB  1 
ATOM   635  C  CG  . TRP B 1 23 ? -6.243  18.167  1.470   1.00 31.37 ? 23  TRP B CG  1 
ATOM   636  C  CD1 . TRP B 1 23 ? -6.914  19.258  1.974   1.00 34.62 ? 23  TRP B CD1 1 
ATOM   637  C  CD2 . TRP B 1 23 ? -7.191  17.093  1.470   1.00 31.83 ? 23  TRP B CD2 1 
ATOM   638  N  NE1 . TRP B 1 23 ? -8.191  18.896  2.332   1.00 29.62 ? 23  TRP B NE1 1 
ATOM   639  C  CE2 . TRP B 1 23 ? -8.394  17.581  1.986   1.00 29.17 ? 23  TRP B CE2 1 
ATOM   640  C  CE3 . TRP B 1 23 ? -7.119  15.767  1.084   1.00 32.08 ? 23  TRP B CE3 1 
ATOM   641  C  CZ2 . TRP B 1 23 ? -9.542  16.813  2.098   1.00 31.98 ? 23  TRP B CZ2 1 
ATOM   642  C  CZ3 . TRP B 1 23 ? -8.256  15.015  1.190   1.00 37.96 ? 23  TRP B CZ3 1 
ATOM   643  C  CH2 . TRP B 1 23 ? -9.438  15.528  1.707   1.00 35.61 ? 23  TRP B CH2 1 
ATOM   644  N  N   . LYS B 1 24 ? -1.677  17.653  1.557   1.00 29.95 ? 24  LYS B N   1 
ATOM   645  C  CA  . LYS B 1 24 ? -0.337  17.303  1.154   1.00 29.62 ? 24  LYS B CA  1 
ATOM   646  C  C   . LYS B 1 24 ? 0.198   16.161  1.941   1.00 25.99 ? 24  LYS B C   1 
ATOM   647  O  O   . LYS B 1 24 ? 0.868   15.277  1.433   1.00 25.18 ? 24  LYS B O   1 
ATOM   648  C  CB  . LYS B 1 24 ? 0.539   18.548  1.466   1.00 32.22 ? 24  LYS B CB  1 
ATOM   649  C  CG  . LYS B 1 24 ? 1.311   19.084  0.331   1.00 41.24 ? 24  LYS B CG  1 
ATOM   650  C  CD  . LYS B 1 24 ? 2.713   19.540  0.808   1.00 50.18 ? 24  LYS B CD  1 
ATOM   651  C  CE  . LYS B 1 24 ? 3.635   18.319  0.800   1.00 55.84 ? 24  LYS B CE  1 
ATOM   652  N  NZ  . LYS B 1 24 ? 3.002   17.114  1.482   1.00 58.77 ? 24  LYS B NZ  1 
ATOM   653  N  N   . HIS B 1 25 ? 0.044   16.258  3.246   1.00 24.47 ? 25  HIS B N   1 
ATOM   654  C  CA  . HIS B 1 25 ? 0.607   15.296  4.200   1.00 23.49 ? 25  HIS B CA  1 
ATOM   655  C  C   . HIS B 1 25 ? -0.094  13.962  4.017   1.00 23.30 ? 25  HIS B C   1 
ATOM   656  O  O   . HIS B 1 25 ? 0.524   12.883  4.036   1.00 21.59 ? 25  HIS B O   1 
ATOM   657  C  CB  . HIS B 1 25 ? 0.363   15.848  5.605   1.00 22.08 ? 25  HIS B CB  1 
ATOM   658  C  CG  . HIS B 1 25 ? 0.578   14.904  6.743   1.00 21.55 ? 25  HIS B CG  1 
ATOM   659  N  ND1 . HIS B 1 25 ? 1.791   14.376  7.134   1.00 25.66 ? 25  HIS B ND1 1 
ATOM   660  C  CD2 . HIS B 1 25 ? -0.319  14.521  7.680   1.00 25.52 ? 25  HIS B CD2 1 
ATOM   661  C  CE1 . HIS B 1 25 ? 1.611   13.632  8.207   1.00 26.85 ? 25  HIS B CE1 1 
ATOM   662  N  NE2 . HIS B 1 25 ? 0.352   13.746  8.584   1.00 29.33 ? 25  HIS B NE2 1 
ATOM   663  N  N   . LEU B 1 26 ? -1.413  14.042  3.909   1.00 24.52 ? 26  LEU B N   1 
ATOM   664  C  CA  . LEU B 1 26 ? -2.149  12.809  3.525   1.00 26.35 ? 26  LEU B CA  1 
ATOM   665  C  C   . LEU B 1 26 ? -1.650  12.171  2.238   1.00 24.26 ? 26  LEU B C   1 
ATOM   666  O  O   . LEU B 1 26 ? -1.499  10.943  2.203   1.00 27.27 ? 26  LEU B O   1 
ATOM   667  C  CB  . LEU B 1 26 ? -3.611  13.133  3.268   1.00 28.55 ? 26  LEU B CB  1 
ATOM   668  C  CG  . LEU B 1 26 ? -4.768  12.573  4.035   1.00 36.39 ? 26  LEU B CG  1 
ATOM   669  C  CD1 . LEU B 1 26 ? -6.055  13.010  3.354   1.00 33.30 ? 26  LEU B CD1 1 
ATOM   670  C  CD2 . LEU B 1 26 ? -4.653  11.100  4.152   1.00 34.77 ? 26  LEU B CD2 1 
ATOM   671  N  N   . ASP B 1 27 ? -1.500  12.966  1.173   1.00 25.53 ? 27  ASP B N   1 
ATOM   672  C  CA  . ASP B 1 27 ? -0.890  12.499  -0.057  1.00 27.19 ? 27  ASP B CA  1 
ATOM   673  C  C   . ASP B 1 27 ? 0.433   11.763  0.189   1.00 27.14 ? 27  ASP B C   1 
ATOM   674  O  O   . ASP B 1 27 ? 0.677   10.625  -0.261  1.00 27.30 ? 27  ASP B O   1 
ATOM   675  C  CB  . ASP B 1 27 ? -0.626  13.665  -0.998  1.00 30.55 ? 27  ASP B CB  1 
ATOM   676  C  CG  . ASP B 1 27 ? -0.178  13.144  -2.335  1.00 39.82 ? 27  ASP B CG  1 
ATOM   677  O  OD1 . ASP B 1 27 ? -0.937  12.362  -2.967  1.00 36.09 ? 27  ASP B OD1 1 
ATOM   678  O  OD2 . ASP B 1 27 ? 0.945   13.439  -2.715  1.00 40.26 ? 27  ASP B OD2 1 
ATOM   679  N  N   . HIS B 1 28 ? 1.266   12.387  1.008   1.00 26.36 ? 28  HIS B N   1 
ATOM   680  C  CA  . HIS B 1 28 ? 2.601   11.894  1.312   1.00 27.92 ? 28  HIS B CA  1 
ATOM   681  C  C   . HIS B 1 28 ? 2.516   10.600  2.097   1.00 26.16 ? 28  HIS B C   1 
ATOM   682  O  O   . HIS B 1 28 ? 3.254   9.642   1.813   1.00 23.63 ? 28  HIS B O   1 
ATOM   683  C  CB  . HIS B 1 28 ? 3.394   12.962  2.062   1.00 30.12 ? 28  HIS B CB  1 
ATOM   684  C  CG  . HIS B 1 28 ? 4.664   12.433  2.660   1.00 35.42 ? 28  HIS B CG  1 
ATOM   685  N  ND1 . HIS B 1 28 ? 5.821   12.247  1.930   1.00 44.98 ? 28  HIS B ND1 1 
ATOM   686  C  CD2 . HIS B 1 28 ? 4.946   12.020  3.926   1.00 46.49 ? 28  HIS B CD2 1 
ATOM   687  C  CE1 . HIS B 1 28 ? 6.757   11.738  2.720   1.00 46.41 ? 28  HIS B CE1 1 
ATOM   688  N  NE2 . HIS B 1 28 ? 6.253   11.592  3.941   1.00 47.60 ? 28  HIS B NE2 1 
ATOM   689  N  N   . LEU B 1 29 ? 1.552   10.496  3.014   1.00 22.33 ? 29  LEU B N   1 
ATOM   690  C  CA  . LEU B 1 29 ? 1.449   9.304   3.837   1.00 23.69 ? 29  LEU B CA  1 
ATOM   691  C  C   . LEU B 1 29 ? 1.082   8.106   2.941   1.00 23.56 ? 29  LEU B C   1 
ATOM   692  O  O   . LEU B 1 29 ? 1.586   6.998   3.126   1.00 24.32 ? 29  LEU B O   1 
ATOM   693  C  CB  . LEU B 1 29 ? 0.333   9.455   4.931   1.00 24.89 ? 29  LEU B CB  1 
ATOM   694  C  CG  . LEU B 1 29 ? 0.770   10.421  6.052   1.00 25.90 ? 29  LEU B CG  1 
ATOM   695  C  CD1 . LEU B 1 29 ? -0.471  10.714  6.892   1.00 28.59 ? 29  LEU B CD1 1 
ATOM   696  C  CD2 . LEU B 1 29 ? 1.830   9.772   6.874   1.00 25.92 ? 29  LEU B CD2 1 
ATOM   697  N  N   . LEU B 1 30 ? 0.206   8.371   1.976   1.00 22.54 ? 30  LEU B N   1 
ATOM   698  C  CA  . LEU B 1 30 ? -0.355  7.307   1.139   1.00 25.79 ? 30  LEU B CA  1 
ATOM   699  C  C   . LEU B 1 30 ? 0.730   6.848   0.162   1.00 23.38 ? 30  LEU B C   1 
ATOM   700  O  O   . LEU B 1 30 ? 0.952   5.683   -0.064  1.00 20.60 ? 30  LEU B O   1 
ATOM   701  C  CB  . LEU B 1 30 ? -1.657  7.729   0.473   1.00 24.81 ? 30  LEU B CB  1 
ATOM   702  C  CG  . LEU B 1 30 ? -2.765  7.921   1.482   1.00 25.65 ? 30  LEU B CG  1 
ATOM   703  C  CD1 . LEU B 1 30 ? -3.852  8.618   0.773   1.00 31.30 ? 30  LEU B CD1 1 
ATOM   704  C  CD2 . LEU B 1 30 ? -3.256  6.617   1.973   1.00 27.95 ? 30  LEU B CD2 1 
ATOM   705  N  N   . ASN B 1 31 ? 1.507   7.788   -0.314  1.00 25.92 ? 31  ASN B N   1 
ATOM   706  C  CA  . ASN B 1 31 ? 2.668   7.471   -1.130  1.00 25.33 ? 31  ASN B CA  1 
ATOM   707  C  C   . ASN B 1 31 ? 3.710   6.629   -0.389  1.00 27.10 ? 31  ASN B C   1 
ATOM   708  O  O   . ASN B 1 31 ? 4.255   5.665   -0.951  1.00 26.77 ? 31  ASN B O   1 
ATOM   709  C  CB  . ASN B 1 31 ? 3.289   8.761   -1.690  1.00 26.81 ? 31  ASN B CB  1 
ATOM   710  C  CG  . ASN B 1 31 ? 2.416   9.488   -2.691  1.00 28.52 ? 31  ASN B CG  1 
ATOM   711  O  OD1 . ASN B 1 31 ? 2.626   10.675  -2.922  1.00 38.97 ? 31  ASN B OD1 1 
ATOM   712  N  ND2 . ASN B 1 31 ? 1.484   8.810   -3.320  1.00 27.92 ? 31  ASN B ND2 1 
ATOM   713  N  N   . CYS B 1 32 ? 4.025   6.971   0.866   1.00 27.43 ? 32  CYS B N   1 
ATOM   714  C  CA  . CYS B 1 32 ? 4.901   6.188   1.715   1.00 26.41 ? 32  CYS B CA  1 
ATOM   715  C  C   . CYS B 1 32 ? 4.333   4.780   1.926   1.00 24.62 ? 32  CYS B C   1 
ATOM   716  O  O   . CYS B 1 32 ? 5.084   3.852   1.983   1.00 23.63 ? 32  CYS B O   1 
ATOM   717  C  CB  . CYS B 1 32 ? 5.093   6.840   3.084   1.00 28.38 ? 32  CYS B CB  1 
ATOM   718  S  SG  . CYS B 1 32 ? 6.409   8.103   3.133   1.00 46.40 ? 32  CYS B SG  1 
ATOM   719  N  N   . ILE B 1 33 ? 3.040   4.591   2.120   1.00 22.64 ? 33  ILE B N   1 
ATOM   720  C  CA  . ILE B 1 33 ? 2.462   3.280   2.324   1.00 23.37 ? 33  ILE B CA  1 
ATOM   721  C  C   . ILE B 1 33 ? 2.739   2.461   1.070   1.00 20.62 ? 33  ILE B C   1 
ATOM   722  O  O   . ILE B 1 33 ? 3.200   1.319   1.156   1.00 22.11 ? 33  ILE B O   1 
ATOM   723  C  CB  . ILE B 1 33 ? 0.983   3.319   2.660   1.00 22.77 ? 33  ILE B CB  1 
ATOM   724  C  CG1 . ILE B 1 33 ? 0.895   3.904   4.040   1.00 24.12 ? 33  ILE B CG1 1 
ATOM   725  C  CG2 . ILE B 1 33 ? 0.341   1.920   2.573   1.00 23.34 ? 33  ILE B CG2 1 
ATOM   726  C  CD1 . ILE B 1 33 ? -0.475  4.243   4.477   1.00 26.60 ? 33  ILE B CD1 1 
HETATM 727  N  N   . MSE B 1 34 ? 2.479   3.044   -0.086  1.00 23.14 ? 34  MSE B N   1 
HETATM 728  C  CA  . MSE B 1 34 ? 2.727   2.323   -1.306  1.00 22.85 ? 34  MSE B CA  1 
HETATM 729  C  C   . MSE B 1 34 ? 4.196   1.966   -1.508  1.00 22.58 ? 34  MSE B C   1 
HETATM 730  O  O   . MSE B 1 34 ? 4.476   0.873   -1.940  1.00 22.95 ? 34  MSE B O   1 
HETATM 731  C  CB  . MSE B 1 34 ? 2.158   3.083   -2.453  1.00 24.04 ? 34  MSE B CB  1 
HETATM 732  C  CG  . MSE B 1 34 ? 0.607   2.836   -2.623  1.00 27.22 ? 34  MSE B CG  1 
HETATM 733  SE SE  . MSE B 1 34 ? -0.017  3.995   -4.104  1.00 52.86 ? 34  MSE B SE  1 
HETATM 734  C  CE  . MSE B 1 34 ? 0.970   5.592   -4.149  1.00 48.81 ? 34  MSE B CE  1 
ATOM   735  N  N   . ASP B 1 35 ? 5.125   2.902   -1.309  1.00 23.38 ? 35  ASP B N   1 
ATOM   736  C  CA  . ASP B 1 35 ? 6.520   2.641   -1.151  1.00 19.99 ? 35  ASP B CA  1 
ATOM   737  C  C   . ASP B 1 35 ? 6.914   1.463   -0.280  1.00 22.79 ? 35  ASP B C   1 
ATOM   738  O  O   . ASP B 1 35 ? 7.767   0.609   -0.633  1.00 21.23 ? 35  ASP B O   1 
ATOM   739  C  CB  . ASP B 1 35 ? 7.244   3.967   -0.750  1.00 23.19 ? 35  ASP B CB  1 
ATOM   740  C  CG  . ASP B 1 35 ? 8.775   3.891   -0.834  1.00 27.11 ? 35  ASP B CG  1 
ATOM   741  O  OD1 . ASP B 1 35 ? 9.369   3.228   -1.707  1.00 29.85 ? 35  ASP B OD1 1 
ATOM   742  O  OD2 . ASP B 1 35 ? 9.562   4.438   -0.066  1.00 35.82 ? 35  ASP B OD2 1 
HETATM 743  N  N   . MSE B 1 36 ? 6.395   1.419   0.939   1.00 19.89 ? 36  MSE B N   1 
HETATM 744  C  CA  . MSE B 1 36 ? 6.675   0.357   1.855   1.00 22.04 ? 36  MSE B CA  1 
HETATM 745  C  C   . MSE B 1 36 ? 6.070   -0.965  1.471   1.00 18.83 ? 36  MSE B C   1 
HETATM 746  O  O   . MSE B 1 36 ? 6.716   -1.968  1.729   1.00 19.88 ? 36  MSE B O   1 
HETATM 747  C  CB  . MSE B 1 36 ? 6.181   0.682   3.295   1.00 24.28 ? 36  MSE B CB  1 
HETATM 748  C  CG  . MSE B 1 36 ? 6.484   2.120   3.685   1.00 40.80 ? 36  MSE B CG  1 
HETATM 749  SE SE  . MSE B 1 36 ? 8.326   1.905   4.277   1.00 66.41 ? 36  MSE B SE  1 
HETATM 750  C  CE  . MSE B 1 36 ? 8.679   3.882   4.985   1.00 67.08 ? 36  MSE B CE  1 
ATOM   751  N  N   . VAL B 1 37 ? 4.916   -0.933  0.796   1.00 19.27 ? 37  VAL B N   1 
ATOM   752  C  CA  . VAL B 1 37 ? 4.372   -2.173  0.262   1.00 21.97 ? 37  VAL B CA  1 
ATOM   753  C  C   . VAL B 1 37 ? 5.316   -2.725  -0.825  1.00 21.85 ? 37  VAL B C   1 
ATOM   754  O  O   . VAL B 1 37 ? 5.568   -3.934  -0.805  1.00 22.23 ? 37  VAL B O   1 
ATOM   755  C  CB  . VAL B 1 37 ? 2.968   -2.002  -0.321  1.00 21.98 ? 37  VAL B CB  1 
ATOM   756  C  CG1 . VAL B 1 37 ? 2.567   -3.252  -1.083  1.00 25.51 ? 37  VAL B CG1 1 
ATOM   757  C  CG2 . VAL B 1 37 ? 1.965   -1.748  0.807   1.00 24.11 ? 37  VAL B CG2 1 
ATOM   758  N  N   . GLU B 1 38 ? 5.906   -1.859  -1.661  1.00 23.48 ? 38  GLU B N   1 
ATOM   759  C  CA  . GLU B 1 38 ? 6.827   -2.378  -2.673  1.00 23.88 ? 38  GLU B CA  1 
ATOM   760  C  C   . GLU B 1 38 ? 8.153   -2.833  -2.085  1.00 22.00 ? 38  GLU B C   1 
ATOM   761  O  O   . GLU B 1 38 ? 8.729   -3.800  -2.604  1.00 24.30 ? 38  GLU B O   1 
ATOM   762  C  CB  . GLU B 1 38 ? 6.960   -1.439  -3.865  1.00 23.18 ? 38  GLU B CB  1 
ATOM   763  C  CG  . GLU B 1 38 ? 5.601   -1.255  -4.538  1.00 28.37 ? 38  GLU B CG  1 
ATOM   764  C  CD  . GLU B 1 38 ? 4.931   -2.530  -5.099  1.00 33.61 ? 38  GLU B CD  1 
ATOM   765  O  OE1 . GLU B 1 38 ? 5.667   -3.460  -5.491  1.00 34.41 ? 38  GLU B OE1 1 
ATOM   766  O  OE2 . GLU B 1 38 ? 3.680   -2.637  -5.032  1.00 36.55 ? 38  GLU B OE2 1 
ATOM   767  N  N   . LYS B 1 39 ? 8.641   -2.185  -1.023  1.00 22.78 ? 39  LYS B N   1 
ATOM   768  C  CA  . LYS B 1 39 ? 9.837   -2.632  -0.312  1.00 22.70 ? 39  LYS B CA  1 
ATOM   769  C  C   . LYS B 1 39 ? 9.544   -4.035  0.290   1.00 19.61 ? 39  LYS B C   1 
ATOM   770  O  O   . LYS B 1 39 ? 10.349  -4.956  0.363   1.00 18.58 ? 39  LYS B O   1 
ATOM   771  C  CB  . LYS B 1 39 ? 10.224  -1.616  0.790   1.00 22.22 ? 39  LYS B CB  1 
ATOM   772  C  CG  . LYS B 1 39 ? 10.852  -0.379  0.312   1.00 24.09 ? 39  LYS B CG  1 
ATOM   773  C  CD  . LYS B 1 39 ? 11.444  0.434   1.398   1.00 33.97 ? 39  LYS B CD  1 
ATOM   774  C  CE  . LYS B 1 39 ? 12.004  1.759   0.867   1.00 34.02 ? 39  LYS B CE  1 
ATOM   775  N  NZ  . LYS B 1 39 ? 12.272  2.586   2.058   1.00 40.59 ? 39  LYS B NZ  1 
ATOM   776  N  N   . THR B 1 40 ? 8.306   -4.249  0.700   1.00 22.21 ? 40  THR B N   1 
ATOM   777  C  CA  . THR B 1 40 ? 7.929   -5.535  1.262   1.00 21.57 ? 40  THR B CA  1 
ATOM   778  C  C   . THR B 1 40 ? 7.951   -6.552  0.111   1.00 23.44 ? 40  THR B C   1 
ATOM   779  O  O   . THR B 1 40 ? 8.425   -7.680  0.338   1.00 21.94 ? 40  THR B O   1 
ATOM   780  C  CB  . THR B 1 40 ? 6.550   -5.468  1.861   1.00 23.73 ? 40  THR B CB  1 
ATOM   781  O  OG1 . THR B 1 40 ? 6.533   -4.536  2.943   1.00 21.78 ? 40  THR B OG1 1 
ATOM   782  C  CG2 . THR B 1 40 ? 6.115   -6.803  2.473   1.00 22.17 ? 40  THR B CG2 1 
ATOM   783  N  N   . ARG B 1 41 ? 7.450   -6.186  -1.084  1.00 22.99 ? 41  ARG B N   1 
ATOM   784  C  CA  . ARG B 1 41 ? 7.456   -7.116  -2.225  1.00 23.80 ? 41  ARG B CA  1 
ATOM   785  C  C   . ARG B 1 41 ? 8.909   -7.486  -2.584  1.00 23.12 ? 41  ARG B C   1 
ATOM   786  O  O   . ARG B 1 41 ? 9.283   -8.654  -2.743  1.00 20.91 ? 41  ARG B O   1 
ATOM   787  C  CB  . ARG B 1 41 ? 6.745   -6.481  -3.422  1.00 25.17 ? 41  ARG B CB  1 
ATOM   788  C  CG  . ARG B 1 41 ? 6.577   -7.473  -4.559  1.00 28.59 ? 41  ARG B CG  1 
ATOM   789  C  CD  . ARG B 1 41 ? 5.725   -6.975  -5.732  1.00 33.52 ? 41  ARG B CD  1 
ATOM   790  N  NE  . ARG B 1 41 ? 4.562   -6.104  -5.473  1.00 28.37 ? 41  ARG B NE  1 
ATOM   791  C  CZ  . ARG B 1 41 ? 3.292   -6.433  -5.402  1.00 33.68 ? 41  ARG B CZ  1 
ATOM   792  N  NH1 . ARG B 1 41 ? 2.955   -7.678  -5.624  1.00 36.69 ? 41  ARG B NH1 1 
ATOM   793  N  NH2 . ARG B 1 41 ? 2.363   -5.501  -5.148  1.00 31.79 ? 41  ARG B NH2 1 
ATOM   794  N  N   . ARG B 1 42 ? 9.789   -6.488  -2.535  1.00 19.15 ? 42  ARG B N   1 
ATOM   795  C  CA  . ARG B 1 42 ? 11.164  -6.745  -2.740  1.00 19.39 ? 42  ARG B CA  1 
ATOM   796  C  C   . ARG B 1 42 ? 11.821  -7.658  -1.745  1.00 21.18 ? 42  ARG B C   1 
ATOM   797  O  O   . ARG B 1 42 ? 12.614  -8.551  -2.065  1.00 22.60 ? 42  ARG B O   1 
ATOM   798  C  CB  . ARG B 1 42 ? 11.823  -5.387  -2.597  1.00 23.58 ? 42  ARG B CB  1 
ATOM   799  C  CG  . ARG B 1 42 ? 13.359  -5.356  -2.619  1.00 27.26 ? 42  ARG B CG  1 
ATOM   800  C  CD  . ARG B 1 42 ? 13.971  -6.235  -3.631  1.00 35.77 ? 42  ARG B CD  1 
ATOM   801  N  NE  . ARG B 1 42 ? 15.441  -6.285  -3.516  1.00 44.07 ? 42  ARG B NE  1 
ATOM   802  C  CZ  . ARG B 1 42 ? 16.198  -6.909  -4.417  1.00 51.02 ? 42  ARG B CZ  1 
ATOM   803  N  NH1 . ARG B 1 42 ? 15.659  -7.530  -5.460  1.00 55.39 ? 42  ARG B NH1 1 
ATOM   804  N  NH2 . ARG B 1 42 ? 17.501  -6.968  -4.262  1.00 53.85 ? 42  ARG B NH2 1 
ATOM   805  N  N   . SER B 1 43 ? 11.504  -7.478  -0.464  1.00 22.15 ? 43  SER B N   1 
ATOM   806  C  CA  . SER B 1 43 ? 11.907  -8.412  0.559   1.00 20.57 ? 43  SER B CA  1 
ATOM   807  C  C   . SER B 1 43 ? 11.396  -9.833  0.278   1.00 21.89 ? 43  SER B C   1 
ATOM   808  O  O   . SER B 1 43 ? 12.133  -10.804 0.448   1.00 20.83 ? 43  SER B O   1 
ATOM   809  C  CB  . SER B 1 43 ? 11.571  -7.855  1.972   1.00 23.03 ? 43  SER B CB  1 
ATOM   810  O  OG  . SER B 1 43 ? 11.870  -8.887  2.905   1.00 29.35 ? 43  SER B OG  1 
ATOM   811  N  N   . LEU B 1 44 ? 10.120  -9.995  -0.076  1.00 19.95 ? 44  LEU B N   1 
ATOM   812  C  CA  . LEU B 1 44 ? 9.713   -11.344 -0.353  1.00 19.77 ? 44  LEU B CA  1 
ATOM   813  C  C   . LEU B 1 44 ? 10.365  -11.940 -1.605  1.00 21.13 ? 44  LEU B C   1 
ATOM   814  O  O   . LEU B 1 44 ? 10.477  -13.151 -1.709  1.00 22.88 ? 44  LEU B O   1 
ATOM   815  C  CB  . LEU B 1 44 ? 8.191   -11.281 -0.549  1.00 21.27 ? 44  LEU B CB  1 
ATOM   816  C  CG  . LEU B 1 44 ? 7.479   -10.869 0.779   1.00 19.90 ? 44  LEU B CG  1 
ATOM   817  C  CD1 . LEU B 1 44 ? 6.018   -10.776 0.369   1.00 23.50 ? 44  LEU B CD1 1 
ATOM   818  C  CD2 . LEU B 1 44 ? 7.680   -11.736 1.986   1.00 27.49 ? 44  LEU B CD2 1 
ATOM   819  N  N   . THR B 1 45 ? 10.717  -11.136 -2.612  1.00 22.31 ? 45  THR B N   1 
ATOM   820  C  CA  . THR B 1 45 ? 11.441  -11.665 -3.765  1.00 24.04 ? 45  THR B CA  1 
ATOM   821  C  C   . THR B 1 45 ? 12.762  -12.281 -3.335  1.00 24.02 ? 45  THR B C   1 
ATOM   822  O  O   . THR B 1 45 ? 13.129  -13.386 -3.750  1.00 23.68 ? 45  THR B O   1 
ATOM   823  C  CB  . THR B 1 45 ? 11.729  -10.497 -4.713  1.00 24.33 ? 45  THR B CB  1 
ATOM   824  O  OG1 . THR B 1 45 ? 10.456  -10.170 -5.237  1.00 21.88 ? 45  THR B OG1 1 
ATOM   825  C  CG2 . THR B 1 45 ? 12.579  -10.848 -5.907  1.00 30.21 ? 45  THR B CG2 1 
ATOM   826  N  N   . VAL B 1 46 ? 13.471  -11.527 -2.497  1.00 22.06 ? 46  VAL B N   1 
ATOM   827  C  CA  . VAL B 1 46 ? 14.697  -12.016 -1.900  1.00 23.25 ? 46  VAL B CA  1 
ATOM   828  C  C   . VAL B 1 46 ? 14.509  -13.334 -1.158  1.00 21.47 ? 46  VAL B C   1 
ATOM   829  O  O   . VAL B 1 46 ? 15.269  -14.298 -1.316  1.00 20.53 ? 46  VAL B O   1 
ATOM   830  C  CB  . VAL B 1 46 ? 15.339  -10.881 -0.974  1.00 25.40 ? 46  VAL B CB  1 
ATOM   831  C  CG1 . VAL B 1 46 ? 16.517  -11.239 -0.089  1.00 28.45 ? 46  VAL B CG1 1 
ATOM   832  C  CG2 . VAL B 1 46 ? 15.762  -9.726  -1.837  1.00 27.07 ? 46  VAL B CG2 1 
ATOM   833  N  N   . LEU B 1 47 ? 13.534  -13.353 -0.277  1.00 22.53 ? 47  LEU B N   1 
ATOM   834  C  CA  . LEU B 1 47 ? 13.217  -14.521 0.513   1.00 22.55 ? 47  LEU B CA  1 
ATOM   835  C  C   . LEU B 1 47 ? 12.848  -15.694 -0.368  1.00 23.35 ? 47  LEU B C   1 
ATOM   836  O  O   . LEU B 1 47 ? 13.281  -16.832 -0.126  1.00 22.31 ? 47  LEU B O   1 
ATOM   837  C  CB  . LEU B 1 47 ? 12.204  -14.190 1.599   1.00 23.49 ? 47  LEU B CB  1 
ATOM   838  C  CG  . LEU B 1 47 ? 12.855  -13.451 2.742   1.00 23.88 ? 47  LEU B CG  1 
ATOM   839  C  CD1 . LEU B 1 47 ? 11.760  -12.934 3.631   1.00 32.39 ? 47  LEU B CD1 1 
ATOM   840  C  CD2 . LEU B 1 47 ? 13.586  -14.428 3.548   1.00 23.81 ? 47  LEU B CD2 1 
ATOM   841  N  N   . ARG B 1 48 ? 12.152  -15.410 -1.467  1.00 22.45 ? 48  ARG B N   1 
ATOM   842  C  CA  . ARG B 1 48 ? 11.735  -16.558 -2.296  1.00 24.23 ? 48  ARG B CA  1 
ATOM   843  C  C   . ARG B 1 48 ? 12.911  -17.139 -3.094  1.00 24.91 ? 48  ARG B C   1 
ATOM   844  O  O   . ARG B 1 48 ? 13.061  -18.339 -3.283  1.00 23.44 ? 48  ARG B O   1 
ATOM   845  C  CB  . ARG B 1 48 ? 10.721  -16.051 -3.310  1.00 23.13 ? 48  ARG B CB  1 
ATOM   846  C  CG  . ARG B 1 48 ? 10.307  -17.074 -4.358  1.00 29.09 ? 48  ARG B CG  1 
ATOM   847  C  CD  . ARG B 1 48 ? 9.036   -16.620 -5.055  1.00 31.62 ? 48  ARG B CD  1 
ATOM   848  N  NE  . ARG B 1 48 ? 9.368   -15.469 -5.822  1.00 39.46 ? 48  ARG B NE  1 
ATOM   849  C  CZ  . ARG B 1 48 ? 10.118  -15.500 -6.916  1.00 50.00 ? 48  ARG B CZ  1 
ATOM   850  N  NH1 . ARG B 1 48 ? 10.594  -16.646 -7.400  1.00 54.41 ? 48  ARG B NH1 1 
ATOM   851  N  NH2 . ARG B 1 48 ? 10.431  -14.363 -7.522  1.00 50.84 ? 48  ARG B NH2 1 
ATOM   852  N  N   . ARG B 1 49 ? 13.727  -16.244 -3.649  1.00 26.54 ? 49  ARG B N   1 
ATOM   853  C  CA  . ARG B 1 49 ? 14.977  -16.678 -4.231  1.00 26.08 ? 49  ARG B CA  1 
ATOM   854  C  C   . ARG B 1 49 ? 15.844  -17.486 -3.291  1.00 25.83 ? 49  ARG B C   1 
ATOM   855  O  O   . ARG B 1 49 ? 16.444  -18.455 -3.728  1.00 21.98 ? 49  ARG B O   1 
ATOM   856  C  CB  . ARG B 1 49 ? 15.755  -15.483 -4.739  1.00 26.06 ? 49  ARG B CB  1 
ATOM   857  C  CG  . ARG B 1 49 ? 15.062  -14.715 -5.876  1.00 37.68 ? 49  ARG B CG  1 
ATOM   858  C  CD  . ARG B 1 49 ? 14.460  -15.556 -7.032  1.00 44.39 ? 49  ARG B CD  1 
ATOM   859  N  NE  . ARG B 1 49 ? 13.690  -14.797 -8.058  1.00 53.17 ? 49  ARG B NE  1 
ATOM   860  C  CZ  . ARG B 1 49 ? 13.945  -13.550 -8.517  1.00 54.94 ? 49  ARG B CZ  1 
ATOM   861  N  NH1 . ARG B 1 49 ? 14.995  -12.803 -8.111  1.00 54.42 ? 49  ARG B NH1 1 
ATOM   862  N  NH2 . ARG B 1 49 ? 13.118  -13.021 -9.439  1.00 53.65 ? 49  ARG B NH2 1 
ATOM   863  N  N   . CYS B 1 50 ? 15.920  -17.096 -2.021  1.00 23.34 ? 50  CYS B N   1 
ATOM   864  C  CA  . CYS B 1 50 ? 16.645  -17.902 -1.054  1.00 24.51 ? 50  CYS B CA  1 
ATOM   865  C  C   . CYS B 1 50 ? 16.003  -19.288 -0.849  1.00 25.93 ? 50  CYS B C   1 
ATOM   866  O  O   . CYS B 1 50 ? 16.688  -20.311 -0.784  1.00 23.77 ? 50  CYS B O   1 
ATOM   867  C  CB  . CYS B 1 50 ? 16.670  -17.104 0.239   1.00 23.14 ? 50  CYS B CB  1 
ATOM   868  S  SG  . CYS B 1 50 ? 17.261  -18.007 1.700   1.00 32.80 ? 50  CYS B SG  1 
ATOM   869  N  N   . GLN B 1 51 ? 14.672  -19.266 -0.785  1.00 23.79 ? 51  GLN B N   1 
ATOM   870  C  CA  . GLN B 1 51 ? 13.855  -20.451 -0.622  1.00 25.64 ? 51  GLN B CA  1 
ATOM   871  C  C   . GLN B 1 51 ? 14.151  -21.396 -1.777  1.00 22.21 ? 51  GLN B C   1 
ATOM   872  O  O   . GLN B 1 51 ? 14.432  -22.514 -1.510  1.00 20.67 ? 51  GLN B O   1 
ATOM   873  C  CB  . GLN B 1 51 ? 12.364  -20.139 -0.545  1.00 24.51 ? 51  GLN B CB  1 
ATOM   874  C  CG  . GLN B 1 51 ? 11.412  -21.320 -0.298  1.00 27.85 ? 51  GLN B CG  1 
ATOM   875  C  CD  . GLN B 1 51 ? 10.944  -21.874 -1.588  1.00 23.21 ? 51  GLN B CD  1 
ATOM   876  O  OE1 . GLN B 1 51 ? 10.297  -21.183 -2.406  1.00 25.38 ? 51  GLN B OE1 1 
ATOM   877  N  NE2 . GLN B 1 51 ? 11.282  -23.173 -1.827  1.00 25.30 ? 51  GLN B NE2 1 
ATOM   878  N  N   . GLU B 1 52 ? 14.164  -20.928 -3.010  1.00 21.72 ? 52  GLU B N   1 
ATOM   879  C  CA  . GLU B 1 52 ? 14.310  -21.771 -4.138  1.00 22.06 ? 52  GLU B CA  1 
ATOM   880  C  C   . GLU B 1 52 ? 15.683  -22.358 -4.215  1.00 24.40 ? 52  GLU B C   1 
ATOM   881  O  O   . GLU B 1 52 ? 15.853  -23.531 -4.561  1.00 22.38 ? 52  GLU B O   1 
ATOM   882  C  CB  . GLU B 1 52 ? 13.944  -20.990 -5.406  1.00 26.32 ? 52  GLU B CB  1 
ATOM   883  C  CG  . GLU B 1 52 ? 12.430  -20.842 -5.521  1.00 25.15 ? 52  GLU B CG  1 
ATOM   884  C  CD  . GLU B 1 52 ? 11.916  -19.861 -6.584  1.00 35.63 ? 52  GLU B CD  1 
ATOM   885  O  OE1 . GLU B 1 52 ? 12.740  -19.254 -7.295  1.00 32.63 ? 52  GLU B OE1 1 
ATOM   886  O  OE2 . GLU B 1 52 ? 10.658  -19.738 -6.668  1.00 34.88 ? 52  GLU B OE2 1 
ATOM   887  N  N   . ALA B 1 53 ? 16.674  -21.511 -3.949  1.00 22.48 ? 53  ALA B N   1 
ATOM   888  C  CA  . ALA B 1 53 ? 17.999  -22.001 -3.933  1.00 23.96 ? 53  ALA B CA  1 
ATOM   889  C  C   . ALA B 1 53 ? 18.293  -22.962 -2.792  1.00 22.47 ? 53  ALA B C   1 
ATOM   890  O  O   . ALA B 1 53 ? 18.975  -23.992 -3.035  1.00 23.14 ? 53  ALA B O   1 
ATOM   891  C  CB  . ALA B 1 53 ? 18.955  -20.800 -3.820  1.00 24.07 ? 53  ALA B CB  1 
ATOM   892  N  N   . ASP B 1 54 ? 17.753  -22.727 -1.596  1.00 20.58 ? 54  ASP B N   1 
ATOM   893  C  CA  . ASP B 1 54 ? 17.888  -23.735 -0.539  1.00 23.58 ? 54  ASP B CA  1 
ATOM   894  C  C   . ASP B 1 54 ? 17.282  -25.086 -0.951  1.00 23.69 ? 54  ASP B C   1 
ATOM   895  O  O   . ASP B 1 54 ? 17.756  -26.192 -0.625  1.00 24.64 ? 54  ASP B O   1 
ATOM   896  C  CB  . ASP B 1 54 ? 17.147  -23.234 0.724   1.00 25.22 ? 54  ASP B CB  1 
ATOM   897  C  CG  . ASP B 1 54 ? 17.933  -22.235 1.529   1.00 34.89 ? 54  ASP B CG  1 
ATOM   898  O  OD1 . ASP B 1 54 ? 19.183  -22.139 1.328   1.00 43.34 ? 54  ASP B OD1 1 
ATOM   899  O  OD2 . ASP B 1 54 ? 17.339  -21.433 2.302   1.00 40.93 ? 54  ASP B OD2 1 
ATOM   900  N  N   . ARG B 1 55 ? 16.127  -25.020 -1.604  1.00 24.64 ? 55  ARG B N   1 
ATOM   901  C  CA  . ARG B 1 55 ? 15.378  -26.242 -1.974  1.00 24.99 ? 55  ARG B CA  1 
ATOM   902  C  C   . ARG B 1 55 ? 16.190  -27.015 -3.033  1.00 26.12 ? 55  ARG B C   1 
ATOM   903  O  O   . ARG B 1 55 ? 16.241  -28.219 -2.925  1.00 25.77 ? 55  ARG B O   1 
ATOM   904  C  CB  . ARG B 1 55 ? 14.005  -25.865 -2.582  1.00 24.45 ? 55  ARG B CB  1 
ATOM   905  C  CG  . ARG B 1 55 ? 13.160  -27.065 -3.061  1.00 25.79 ? 55  ARG B CG  1 
ATOM   906  C  CD  . ARG B 1 55 ? 12.981  -28.098 -1.921  1.00 31.33 ? 55  ARG B CD  1 
ATOM   907  N  NE  . ARG B 1 55 ? 11.637  -27.834 -1.433  1.00 43.63 ? 55  ARG B NE  1 
ATOM   908  C  CZ  . ARG B 1 55 ? 11.316  -28.170 -0.257  1.00 39.36 ? 55  ARG B CZ  1 
ATOM   909  N  NH1 . ARG B 1 55 ? 12.255  -28.751 0.458   1.00 57.51 ? 55  ARG B NH1 1 
ATOM   910  N  NH2 . ARG B 1 55 ? 10.170  -27.897 0.241   1.00 34.25 ? 55  ARG B NH2 1 
ATOM   911  N  N   . GLU B 1 56 ? 16.857  -26.309 -3.970  1.00 28.45 ? 56  GLU B N   1 
ATOM   912  C  CA  . GLU B 1 56 ? 17.677  -26.957 -4.985  1.00 28.67 ? 56  GLU B CA  1 
ATOM   913  C  C   . GLU B 1 56 ? 18.863  -27.632 -4.267  1.00 28.21 ? 56  GLU B C   1 
ATOM   914  O  O   . GLU B 1 56 ? 19.176  -28.783 -4.585  1.00 29.58 ? 56  GLU B O   1 
ATOM   915  C  CB  . GLU B 1 56 ? 18.259  -25.993 -6.037  1.00 31.43 ? 56  GLU B CB  1 
ATOM   916  C  CG  . GLU B 1 56 ? 17.334  -25.439 -7.139  1.00 41.25 ? 56  GLU B CG  1 
ATOM   917  C  CD  . GLU B 1 56 ? 18.025  -25.104 -8.473  1.00 50.91 ? 56  GLU B CD  1 
ATOM   918  O  OE1 . GLU B 1 56 ? 19.299  -25.192 -8.643  1.00 50.59 ? 56  GLU B OE1 1 
ATOM   919  O  OE2 . GLU B 1 56 ? 17.224  -24.720 -9.375  1.00 50.21 ? 56  GLU B OE2 1 
ATOM   920  N  N   . GLU B 1 57 ? 19.570  -26.905 -3.401  1.00 28.12 ? 57  GLU B N   1 
ATOM   921  C  CA  . GLU B 1 57 ? 20.605  -27.506 -2.552  1.00 30.87 ? 57  GLU B CA  1 
ATOM   922  C  C   . GLU B 1 57 ? 20.154  -28.701 -1.696  1.00 31.16 ? 57  GLU B C   1 
ATOM   923  O  O   . GLU B 1 57 ? 20.868  -29.711 -1.591  1.00 29.58 ? 57  GLU B O   1 
ATOM   924  C  CB  . GLU B 1 57 ? 21.374  -26.412 -1.784  1.00 31.24 ? 57  GLU B CB  1 
ATOM   925  C  CG  . GLU B 1 57 ? 22.774  -26.908 -1.380  1.00 40.87 ? 57  GLU B CG  1 
ATOM   926  C  CD  . GLU B 1 57 ? 23.658  -25.937 -0.572  1.00 48.58 ? 57  GLU B CD  1 
ATOM   927  O  OE1 . GLU B 1 57 ? 23.349  -24.730 -0.673  1.00 47.32 ? 57  GLU B OE1 1 
ATOM   928  O  OE2 . GLU B 1 57 ? 24.647  -26.364 0.119   1.00 53.54 ? 57  GLU B OE2 1 
ATOM   929  N  N   . LEU B 1 58 ? 18.988  -28.600 -1.059  1.00 29.69 ? 58  LEU B N   1 
ATOM   930  C  CA  . LEU B 1 58 ? 18.390  -29.721 -0.333  1.00 27.46 ? 58  LEU B CA  1 
ATOM   931  C  C   . LEU B 1 58 ? 18.149  -30.964 -1.220  1.00 29.93 ? 58  LEU B C   1 
ATOM   932  O  O   . LEU B 1 58 ? 18.561  -32.081 -0.843  1.00 24.20 ? 58  LEU B O   1 
ATOM   933  C  CB  . LEU B 1 58 ? 17.143  -29.238 0.416   1.00 27.60 ? 58  LEU B CB  1 
ATOM   934  C  CG  . LEU B 1 58 ? 16.214  -30.263 1.074   1.00 30.05 ? 58  LEU B CG  1 
ATOM   935  C  CD1 . LEU B 1 58 ? 16.824  -31.084 2.175   1.00 27.01 ? 58  LEU B CD1 1 
ATOM   936  C  CD2 . LEU B 1 58 ? 14.951  -29.531 1.596   1.00 29.78 ? 58  LEU B CD2 1 
ATOM   937  N  N   . ASN B 1 59 ? 17.485  -30.797 -2.376  1.00 27.82 ? 59  ASN B N   1 
ATOM   938  C  CA  . ASN B 1 59 ? 17.223  -31.920 -3.207  1.00 29.51 ? 59  ASN B CA  1 
ATOM   939  C  C   . ASN B 1 59 ? 18.526  -32.546 -3.733  1.00 28.15 ? 59  ASN B C   1 
ATOM   940  O  O   . ASN B 1 59 ? 18.580  -33.741 -3.852  1.00 29.10 ? 59  ASN B O   1 
ATOM   941  C  CB  . ASN B 1 59 ? 16.322  -31.568 -4.414  1.00 30.81 ? 59  ASN B CB  1 
ATOM   942  C  CG  . ASN B 1 59 ? 14.914  -31.185 -4.001  1.00 28.28 ? 59  ASN B CG  1 
ATOM   943  O  OD1 . ASN B 1 59 ? 14.436  -31.638 -2.949  1.00 29.59 ? 59  ASN B OD1 1 
ATOM   944  N  ND2 . ASN B 1 59 ? 14.230  -30.427 -4.879  1.00 31.28 ? 59  ASN B ND2 1 
ATOM   945  N  N   . TYR B 1 60 ? 19.548  -31.735 -3.947  1.00 28.98 ? 60  TYR B N   1 
ATOM   946  C  CA  . TYR B 1 60 ? 20.840  -32.184 -4.408  1.00 29.94 ? 60  TYR B CA  1 
ATOM   947  C  C   . TYR B 1 60 ? 21.487  -33.068 -3.350  1.00 30.37 ? 60  TYR B C   1 
ATOM   948  O  O   . TYR B 1 60 ? 21.894  -34.224 -3.605  1.00 26.33 ? 60  TYR B O   1 
ATOM   949  C  CB  . TYR B 1 60 ? 21.763  -31.012 -4.550  1.00 31.25 ? 60  TYR B CB  1 
ATOM   950  C  CG  . TYR B 1 60 ? 23.085  -31.536 -4.972  1.00 33.85 ? 60  TYR B CG  1 
ATOM   951  C  CD1 . TYR B 1 60 ? 23.194  -32.186 -6.243  1.00 32.59 ? 60  TYR B CD1 1 
ATOM   952  C  CD2 . TYR B 1 60 ? 24.203  -31.403 -4.146  1.00 32.84 ? 60  TYR B CD2 1 
ATOM   953  C  CE1 . TYR B 1 60 ? 24.387  -32.664 -6.662  1.00 34.73 ? 60  TYR B CE1 1 
ATOM   954  C  CE2 . TYR B 1 60 ? 25.450  -31.879 -4.572  1.00 36.86 ? 60  TYR B CE2 1 
ATOM   955  C  CZ  . TYR B 1 60 ? 25.508  -32.503 -5.850  1.00 38.29 ? 60  TYR B CZ  1 
ATOM   956  O  OH  . TYR B 1 60 ? 26.639  -33.053 -6.385  1.00 35.09 ? 60  TYR B OH  1 
ATOM   957  N  N   . TRP B 1 61 ? 21.532  -32.562 -2.113  1.00 28.92 ? 61  TRP B N   1 
ATOM   958  C  CA  . TRP B 1 61 ? 22.015  -33.399 -0.996  1.00 27.16 ? 61  TRP B CA  1 
ATOM   959  C  C   . TRP B 1 61 ? 21.238  -34.655 -0.634  1.00 27.95 ? 61  TRP B C   1 
ATOM   960  O  O   . TRP B 1 61 ? 21.789  -35.720 -0.294  1.00 27.41 ? 61  TRP B O   1 
ATOM   961  C  CB  . TRP B 1 61 ? 22.429  -32.557 0.222   1.00 27.08 ? 61  TRP B CB  1 
ATOM   962  C  CG  . TRP B 1 61 ? 23.605  -31.745 -0.060  1.00 29.28 ? 61  TRP B CG  1 
ATOM   963  C  CD1 . TRP B 1 61 ? 23.660  -30.410 -0.342  1.00 29.56 ? 61  TRP B CD1 1 
ATOM   964  C  CD2 . TRP B 1 61 ? 24.951  -32.254 -0.222  1.00 27.76 ? 61  TRP B CD2 1 
ATOM   965  N  NE1 . TRP B 1 61 ? 24.968  -30.055 -0.556  1.00 33.15 ? 61  TRP B NE1 1 
ATOM   966  C  CE2 . TRP B 1 61 ? 25.772  -31.162 -0.524  1.00 32.02 ? 61  TRP B CE2 1 
ATOM   967  C  CE3 . TRP B 1 61 ? 25.510  -33.526 -0.136  1.00 31.19 ? 61  TRP B CE3 1 
ATOM   968  C  CZ2 . TRP B 1 61 ? 27.153  -31.285 -0.729  1.00 37.36 ? 61  TRP B CZ2 1 
ATOM   969  C  CZ3 . TRP B 1 61 ? 26.880  -33.661 -0.371  1.00 35.28 ? 61  TRP B CZ3 1 
ATOM   970  C  CH2 . TRP B 1 61 ? 27.687  -32.545 -0.635  1.00 35.77 ? 61  TRP B CH2 1 
ATOM   971  N  N   . ILE B 1 62 ? 19.927  -34.631 -0.777  1.00 25.86 ? 62  ILE B N   1 
ATOM   972  C  CA  . ILE B 1 62 ? 19.179  -35.859 -0.584  1.00 26.93 ? 62  ILE B CA  1 
ATOM   973  C  C   . ILE B 1 62 ? 19.630  -36.901 -1.612  1.00 27.34 ? 62  ILE B C   1 
ATOM   974  O  O   . ILE B 1 62 ? 19.835  -38.075 -1.271  1.00 27.59 ? 62  ILE B O   1 
ATOM   975  C  CB  . ILE B 1 62 ? 17.668  -35.556 -0.705  1.00 27.22 ? 62  ILE B CB  1 
ATOM   976  C  CG1 . ILE B 1 62 ? 17.219  -34.709 0.505   1.00 31.48 ? 62  ILE B CG1 1 
ATOM   977  C  CG2 . ILE B 1 62 ? 16.742  -36.778 -0.668  1.00 26.98 ? 62  ILE B CG2 1 
ATOM   978  C  CD1 . ILE B 1 62 ? 15.799  -34.139 0.366   1.00 35.41 ? 62  ILE B CD1 1 
ATOM   979  N  N   . ARG B 1 63 ? 19.604  -36.495 -2.877  1.00 25.36 ? 63  ARG B N   1 
ATOM   980  C  CA  . ARG B 1 63 ? 20.138  -37.291 -3.961  1.00 25.37 ? 63  ARG B CA  1 
ATOM   981  C  C   . ARG B 1 63 ? 21.549  -37.811 -3.713  1.00 26.63 ? 63  ARG B C   1 
ATOM   982  O  O   . ARG B 1 63 ? 21.690  -39.004 -3.833  1.00 27.87 ? 63  ARG B O   1 
ATOM   983  C  CB  . ARG B 1 63 ? 20.015  -36.492 -5.261  1.00 29.90 ? 63  ARG B CB  1 
ATOM   984  C  CG  . ARG B 1 63 ? 20.620  -37.194 -6.506  1.00 29.04 ? 63  ARG B CG  1 
ATOM   985  C  CD  . ARG B 1 63 ? 19.820  -38.409 -6.928  1.00 27.00 ? 63  ARG B CD  1 
ATOM   986  N  NE  . ARG B 1 63 ? 20.418  -39.009 -8.111  1.00 32.70 ? 63  ARG B NE  1 
ATOM   987  C  CZ  . ARG B 1 63 ? 20.220  -38.603 -9.398  1.00 32.03 ? 63  ARG B CZ  1 
ATOM   988  N  NH1 . ARG B 1 63 ? 19.383  -37.611 -9.717  1.00 28.13 ? 63  ARG B NH1 1 
ATOM   989  N  NH2 . ARG B 1 63 ? 20.888  -39.211 -10.388 1.00 29.61 ? 63  ARG B NH2 1 
ATOM   990  N  N   . ARG B 1 64 ? 22.553  -36.977 -3.373  1.00 28.02 ? 64  ARG B N   1 
ATOM   991  C  CA  . ARG B 1 64 ? 23.839  -37.411 -2.865  1.00 29.03 ? 64  ARG B CA  1 
ATOM   992  C  C   . ARG B 1 64 ? 23.767  -38.505 -1.813  1.00 32.93 ? 64  ARG B C   1 
ATOM   993  O  O   . ARG B 1 64 ? 24.269  -39.643 -1.998  1.00 34.43 ? 64  ARG B O   1 
ATOM   994  C  CB  . ARG B 1 64 ? 24.655  -36.205 -2.469  1.00 33.54 ? 64  ARG B CB  1 
ATOM   995  C  CG  . ARG B 1 64 ? 25.296  -35.575 -3.710  1.00 34.75 ? 64  ARG B CG  1 
ATOM   996  C  CD  . ARG B 1 64 ? 26.637  -36.276 -4.058  1.00 36.32 ? 64  ARG B CD  1 
ATOM   997  N  NE  . ARG B 1 64 ? 27.602  -35.198 -4.125  1.00 47.09 ? 64  ARG B NE  1 
ATOM   998  C  CZ  . ARG B 1 64 ? 28.849  -35.257 -3.797  1.00 49.91 ? 64  ARG B CZ  1 
ATOM   999  N  NH1 . ARG B 1 64 ? 29.349  -36.403 -3.377  1.00 51.78 ? 64  ARG B NH1 1 
ATOM   1000 N  NH2 . ARG B 1 64 ? 29.560  -34.135 -3.880  1.00 60.21 ? 64  ARG B NH2 1 
ATOM   1001 N  N   . TYR B 1 65 ? 23.078  -38.269 -0.703  1.00 31.23 ? 65  TYR B N   1 
ATOM   1002 C  CA  . TYR B 1 65 ? 22.996  -39.294 0.282   1.00 30.65 ? 65  TYR B CA  1 
ATOM   1003 C  C   . TYR B 1 65 ? 22.427  -40.636 -0.218  1.00 32.97 ? 65  TYR B C   1 
ATOM   1004 O  O   . TYR B 1 65 ? 22.941  -41.742 0.042   1.00 34.03 ? 65  TYR B O   1 
ATOM   1005 C  CB  . TYR B 1 65 ? 22.238  -38.770 1.553   1.00 29.77 ? 65  TYR B CB  1 
ATOM   1006 C  CG  . TYR B 1 65 ? 22.387  -39.778 2.676   1.00 25.26 ? 65  TYR B CG  1 
ATOM   1007 C  CD1 . TYR B 1 65 ? 23.480  -39.758 3.479   1.00 29.69 ? 65  TYR B CD1 1 
ATOM   1008 C  CD2 . TYR B 1 65 ? 21.506  -40.809 2.834   1.00 34.02 ? 65  TYR B CD2 1 
ATOM   1009 C  CE1 . TYR B 1 65 ? 23.693  -40.665 4.476   1.00 28.48 ? 65  TYR B CE1 1 
ATOM   1010 C  CE2 . TYR B 1 65 ? 21.723  -41.759 3.851   1.00 36.50 ? 65  TYR B CE2 1 
ATOM   1011 C  CZ  . TYR B 1 65 ? 22.859  -41.643 4.649   1.00 35.19 ? 65  TYR B CZ  1 
ATOM   1012 O  OH  . TYR B 1 65 ? 23.204  -42.478 5.643   1.00 46.16 ? 65  TYR B OH  1 
ATOM   1013 N  N   . SER B 1 66 ? 21.322  -40.580 -0.919  1.00 31.99 ? 66  SER B N   1 
ATOM   1014 C  CA  . SER B 1 66 ? 20.736  -41.757 -1.480  1.00 37.19 ? 66  SER B CA  1 
ATOM   1015 C  C   . SER B 1 66 ? 21.622  -42.483 -2.505  1.00 39.73 ? 66  SER B C   1 
ATOM   1016 O  O   . SER B 1 66 ? 21.593  -43.726 -2.478  1.00 40.71 ? 66  SER B O   1 
ATOM   1017 C  CB  . SER B 1 66 ? 19.368  -41.464 -2.077  1.00 37.72 ? 66  SER B CB  1 
ATOM   1018 O  OG  . SER B 1 66 ? 19.208  -42.373 -3.151  1.00 45.34 ? 66  SER B OG  1 
ATOM   1019 N  N   . ASP B 1 67 ? 22.446  -41.756 -3.272  1.00 38.69 ? 67  ASP B N   1 
ATOM   1020 C  CA  . ASP B 1 67 ? 23.368  -42.356 -4.239  1.00 39.63 ? 67  ASP B CA  1 
ATOM   1021 C  C   . ASP B 1 67 ? 24.459  -43.076 -3.419  1.00 44.06 ? 67  ASP B C   1 
ATOM   1022 O  O   . ASP B 1 67 ? 24.847  -44.160 -3.814  1.00 44.00 ? 67  ASP B O   1 
ATOM   1023 C  CB  . ASP B 1 67 ? 23.888  -41.348 -5.255  1.00 34.40 ? 67  ASP B CB  1 
ATOM   1024 C  CG  . ASP B 1 67 ? 22.869  -41.075 -6.373  1.00 35.59 ? 67  ASP B CG  1 
ATOM   1025 O  OD1 . ASP B 1 67 ? 21.921  -41.866 -6.617  1.00 27.98 ? 67  ASP B OD1 1 
ATOM   1026 O  OD2 . ASP B 1 67 ? 22.948  -40.098 -7.116  1.00 22.02 ? 67  ASP B OD2 1 
ATOM   1027 N  N   . ALA B 1 68 ? 24.928  -42.508 -2.307  1.00 47.51 ? 68  ALA B N   1 
ATOM   1028 C  CA  . ALA B 1 68 ? 25.737  -43.218 -1.299  1.00 51.13 ? 68  ALA B CA  1 
ATOM   1029 C  C   . ALA B 1 68 ? 24.934  -43.947 -0.172  1.00 53.18 ? 68  ALA B C   1 
ATOM   1030 O  O   . ALA B 1 68 ? 25.118  -43.738 1.038   1.00 58.40 ? 68  ALA B O   1 
ATOM   1031 C  CB  . ALA B 1 68 ? 26.792  -42.235 -0.749  1.00 50.90 ? 68  ALA B CB  1 
ATOM   1032 N  N   . GLU B 1 69 ? 24.035  -44.822 -0.592  1.00 56.28 ? 69  GLU B N   1 
ATOM   1033 C  CA  . GLU B 1 69 ? 23.012  -45.515 0.203   1.00 57.87 ? 69  GLU B CA  1 
ATOM   1034 C  C   . GLU B 1 69 ? 23.534  -46.804 0.794   1.00 59.45 ? 69  GLU B C   1 
ATOM   1035 O  O   . GLU B 1 69 ? 24.406  -47.300 0.059   1.00 61.08 ? 69  GLU B O   1 
ATOM   1036 C  CB  . GLU B 1 69 ? 21.911  -46.019 -0.728  1.00 57.95 ? 69  GLU B CB  1 
ATOM   1037 C  CG  . GLU B 1 69 ? 20.586  -46.349 -0.076  1.00 59.01 ? 69  GLU B CG  1 
ATOM   1038 C  CD  . GLU B 1 69 ? 19.489  -45.426 -0.557  1.00 63.78 ? 69  GLU B CD  1 
ATOM   1039 O  OE1 . GLU B 1 69 ? 18.773  -45.797 -1.507  1.00 67.68 ? 69  GLU B OE1 1 
ATOM   1040 O  OE2 . GLU B 1 69 ? 19.319  -44.321 0.010   1.00 71.26 ? 69  GLU B OE2 1 
HETATM 1041 O  O   . HOH C 2 .  ? -25.391 33.165  -6.291  1.00 28.85 ? 73  HOH A O   1 
HETATM 1042 O  O   . HOH C 2 .  ? 2.253   -30.082 -5.373  1.00 29.14 ? 74  HOH A O   1 
HETATM 1043 O  O   . HOH C 2 .  ? 8.495   -23.527 -5.850  1.00 26.97 ? 75  HOH A O   1 
HETATM 1044 O  O   . HOH C 2 .  ? -16.018 31.935  -2.099  1.00 43.11 ? 76  HOH A O   1 
HETATM 1045 O  O   . HOH C 2 .  ? 5.442   -13.369 -2.725  1.00 32.39 ? 77  HOH A O   1 
HETATM 1046 O  O   . HOH C 2 .  ? -3.643  -10.417 -7.379  1.00 50.02 ? 78  HOH A O   1 
HETATM 1047 O  O   . HOH C 2 .  ? 5.311   -10.678 -3.240  1.00 32.09 ? 79  HOH A O   1 
HETATM 1048 O  O   . HOH C 2 .  ? -9.375  27.412  -2.631  1.00 40.57 ? 80  HOH A O   1 
HETATM 1049 O  O   . HOH C 2 .  ? -13.766 28.848  4.708   1.00 48.84 ? 81  HOH A O   1 
HETATM 1050 O  O   . HOH C 2 .  ? -0.582  11.536  -5.264  1.00 41.98 ? 82  HOH A O   1 
HETATM 1051 O  O   . HOH C 2 .  ? 6.303   -10.372 -6.801  1.00 48.99 ? 83  HOH A O   1 
HETATM 1052 O  O   . HOH C 2 .  ? -11.419 30.246  3.836   1.00 42.85 ? 84  HOH A O   1 
HETATM 1053 O  O   . HOH C 2 .  ? -1.865  -19.345 -3.855  1.00 37.07 ? 85  HOH A O   1 
HETATM 1054 O  O   . HOH C 2 .  ? -8.536  -0.105  -6.801  1.00 57.55 ? 86  HOH A O   1 
HETATM 1055 O  O   . HOH C 2 .  ? -14.934 10.261  -1.416  1.00 55.77 ? 87  HOH A O   1 
HETATM 1056 O  O   . HOH C 2 .  ? 1.194   -17.237 1.754   1.00 50.97 ? 88  HOH A O   1 
HETATM 1057 O  O   . HOH C 2 .  ? -28.701 42.439  5.573   1.00 55.64 ? 89  HOH A O   1 
HETATM 1058 O  O   . HOH C 2 .  ? 11.479  -29.743 -4.670  1.00 49.13 ? 90  HOH A O   1 
HETATM 1059 O  O   . HOH C 2 .  ? -26.333 40.960  -0.364  1.00 48.70 ? 91  HOH A O   1 
HETATM 1060 O  O   . HOH C 2 .  ? 13.286  -27.176 -7.055  1.00 45.27 ? 92  HOH A O   1 
HETATM 1061 O  O   . HOH C 2 .  ? -19.566 17.738  -2.993  1.00 55.79 ? 93  HOH A O   1 
HETATM 1062 O  O   . HOH C 2 .  ? 5.444   -29.480 -7.381  1.00 42.40 ? 94  HOH A O   1 
HETATM 1063 O  O   . HOH C 2 .  ? -1.430  -20.402 0.234   1.00 52.75 ? 95  HOH A O   1 
HETATM 1064 O  O   . HOH C 2 .  ? 4.386   -18.159 -7.172  1.00 34.58 ? 96  HOH A O   1 
HETATM 1065 O  O   . HOH C 2 .  ? -26.318 39.295  -2.161  1.00 45.99 ? 97  HOH A O   1 
HETATM 1066 O  O   . HOH C 2 .  ? -15.681 34.533  -1.115  0.50 26.13 ? 98  HOH A O   1 
HETATM 1067 O  O   . HOH C 2 .  ? -15.149 11.105  0.964   1.00 52.57 ? 99  HOH A O   1 
HETATM 1068 O  O   . HOH D 2 .  ? 14.774  -21.787 2.716   1.00 42.76 ? 73  HOH B O   1 
HETATM 1069 O  O   . HOH D 2 .  ? 13.785  -24.760 -6.005  1.00 34.97 ? 74  HOH B O   1 
HETATM 1070 O  O   . HOH D 2 .  ? 21.471  -41.700 -9.443  1.00 30.97 ? 75  HOH B O   1 
HETATM 1071 O  O   . HOH D 2 .  ? -4.216  30.554  5.050   1.00 41.88 ? 76  HOH B O   1 
HETATM 1072 O  O   . HOH D 2 .  ? 9.015   -21.144 -4.649  1.00 34.24 ? 77  HOH B O   1 
HETATM 1073 O  O   . HOH D 2 .  ? 8.321   -13.475 -3.703  1.00 32.22 ? 78  HOH B O   1 
HETATM 1074 O  O   . HOH D 2 .  ? 10.998  -24.439 -4.417  1.00 30.16 ? 79  HOH B O   1 
HETATM 1075 O  O   . HOH D 2 .  ? 26.337  -39.264 -4.122  1.00 43.22 ? 80  HOH B O   1 
HETATM 1076 O  O   . HOH D 2 .  ? 13.633  -23.721 0.510   1.00 38.71 ? 81  HOH B O   1 
HETATM 1077 O  O   . HOH D 2 .  ? 12.925  -4.320  1.002   1.00 25.41 ? 82  HOH B O   1 
HETATM 1078 O  O   . HOH D 2 .  ? -2.342  14.926  10.975  1.00 39.81 ? 83  HOH B O   1 
HETATM 1079 O  O   . HOH D 2 .  ? 13.780  -2.434  -0.752  1.00 40.57 ? 84  HOH B O   1 
HETATM 1080 O  O   . HOH D 2 .  ? 4.283   15.054  5.299   1.00 48.05 ? 85  HOH B O   1 
HETATM 1081 O  O   . HOH D 2 .  ? 2.326   19.208  4.503   1.00 48.88 ? 86  HOH B O   1 
HETATM 1082 O  O   . HOH D 2 .  ? 31.929  -34.654 -3.346  1.00 41.28 ? 87  HOH B O   1 
HETATM 1083 O  O   . HOH D 2 .  ? -1.727  21.621  8.741   1.00 55.52 ? 88  HOH B O   1 
HETATM 1084 O  O   . HOH D 2 .  ? 3.894   16.477  3.629   1.00 50.45 ? 89  HOH B O   1 
HETATM 1085 O  O   . HOH D 2 .  ? 24.895  -39.089 -6.542  1.00 38.16 ? 90  HOH B O   1 
HETATM 1086 O  O   . HOH D 2 .  ? -9.400  20.135  12.630  1.00 29.79 ? 91  HOH B O   1 
HETATM 1087 O  O   . HOH D 2 .  ? 17.045  -18.693 -6.269  1.00 27.04 ? 92  HOH B O   1 
HETATM 1088 O  O   . HOH D 2 .  ? 16.634  -35.030 -4.366  1.00 40.54 ? 93  HOH B O   1 
HETATM 1089 O  O   . HOH D 2 .  ? 13.988  -34.666 -2.636  1.00 51.12 ? 94  HOH B O   1 
HETATM 1090 O  O   . HOH D 2 .  ? 14.170  0.288   3.940   1.00 55.84 ? 95  HOH B O   1 
HETATM 1091 O  O   . HOH D 2 .  ? 0.415   25.428  2.610   1.00 49.08 ? 96  HOH B O   1 
HETATM 1092 O  O   . HOH D 2 .  ? -8.771  28.205  12.023  1.00 51.33 ? 97  HOH B O   1 
HETATM 1093 O  O   . HOH D 2 .  ? 19.128  -27.807 -9.485  1.00 45.07 ? 98  HOH B O   1 
HETATM 1094 O  O   . HOH D 2 .  ? 18.800  -41.659 -9.668  1.00 37.17 ? 99  HOH B O   1 
HETATM 1095 O  O   . HOH D 2 .  ? 11.859  3.387   -2.889  1.00 42.93 ? 100 HOH B O   1 
HETATM 1096 O  O   . HOH D 2 .  ? -13.670 24.516  16.728  1.00 48.69 ? 101 HOH B O   1 
HETATM 1097 O  O   . HOH D 2 .  ? 16.397  -11.161 -7.278  1.00 46.35 ? 102 HOH B O   1 
HETATM 1098 O  O   . HOH D 2 .  ? 18.721  -29.921 -7.210  1.00 49.73 ? 103 HOH B O   1 
HETATM 1099 O  O   . HOH D 2 .  ? 14.907  -18.751 -8.017  1.00 45.57 ? 104 HOH B O   1 
# 
